data_8TTI
#
_entry.id   8TTI
#
_cell.length_a   73.680
_cell.length_b   157.410
_cell.length_c   112.830
_cell.angle_alpha   90.000
_cell.angle_beta   104.060
_cell.angle_gamma   90.000
#
_symmetry.space_group_name_H-M   'P 1 21 1'
#
loop_
_entity.id
_entity.type
_entity.pdbx_description
1 polymer 'Tryptophan 6-halogenase'
2 non-polymer TRYPTOPHAN
3 non-polymer 'SULFATE ION'
4 non-polymer 'FLAVIN-ADENINE DINUCLEOTIDE'
5 water water
#
_entity_poly.entity_id   1
_entity_poly.type   'polypeptide(L)'
_entity_poly.pdbx_seq_one_letter_code
;MDNRINRIVILGGGTAGWMTASYLAKALGDTVTITLLEAPAIGRIGVGEATVPNLQRVFFDFLGLREEEWMPECNAAFKT
AVKFINWRTPGPGEAKARTIDGRPDHFYHPFGLLPEHGQVPLSHYWAYNRAAGTTDEPFDYACFAETAAMDAVRAPKWLD
GRPATRYAWHFDAHLVAEFLRRHATERLNVEHVQGEMQQVLRDERGFITALRTVEGRDLEGDLFIDCSGFRGLLINKAME
EPFIDMNDQLLCNRAVATAIKHDDDAHGVEPYTSAIAMRSGWSWKIPMLGRFGTGYVYSSRFAEKDEATLDFCRMWGLDP
ENTPLNQVAFRVGRNRRAWVKNCVSIGLASCFLEPLESTGIYFITAAIYQLTQHFPDRTFALALSDAFNHEIEAMFDDTR
DFIQAHFYVSPRTDTPFWKANKDLHLPEQMREKIAMYKAGLPINAPVTDESTYYGRFEAEFRNFWTNGSYYCIFAGLGLR
PDNPLPMLRHRPEQVREAQALFAGVKDKQRELVETLPSNLEFLRSLHGK
;
_entity_poly.pdbx_strand_id   A,B,C,D
#
loop_
_chem_comp.id
_chem_comp.type
_chem_comp.name
_chem_comp.formula
FAD non-polymer 'FLAVIN-ADENINE DINUCLEOTIDE' 'C27 H33 N9 O15 P2'
SO4 non-polymer 'SULFATE ION' 'O4 S -2'
#
# COMPACT_ATOMS: atom_id res chain seq x y z
N ASP A 2 39.52 56.50 -16.89
CA ASP A 2 40.38 56.34 -15.72
C ASP A 2 41.45 55.29 -15.98
N ASN A 3 41.02 54.03 -16.11
CA ASN A 3 41.92 52.95 -16.45
C ASN A 3 41.53 52.23 -17.74
N ARG A 4 40.47 52.65 -18.41
CA ARG A 4 40.06 52.00 -19.66
C ARG A 4 41.16 52.11 -20.71
N ILE A 5 41.22 51.10 -21.57
CA ILE A 5 42.05 51.20 -22.77
C ILE A 5 41.52 52.36 -23.61
N ASN A 6 42.44 53.22 -24.05
CA ASN A 6 42.08 54.37 -24.88
C ASN A 6 42.44 54.18 -26.36
N ARG A 7 43.55 53.52 -26.65
CA ARG A 7 44.06 53.42 -28.01
C ARG A 7 44.51 52.00 -28.31
N ILE A 8 44.14 51.52 -29.50
CA ILE A 8 44.51 50.19 -29.96
C ILE A 8 45.22 50.34 -31.30
N VAL A 9 46.34 49.64 -31.45
CA VAL A 9 47.13 49.67 -32.68
C VAL A 9 47.24 48.26 -33.22
N ILE A 10 46.87 48.08 -34.48
CA ILE A 10 46.86 46.78 -35.13
C ILE A 10 47.96 46.76 -36.18
N LEU A 11 48.86 45.79 -36.07
CA LEU A 11 49.94 45.61 -37.04
C LEU A 11 49.54 44.51 -38.01
N GLY A 12 49.41 44.86 -39.29
CA GLY A 12 49.02 43.88 -40.31
C GLY A 12 47.67 44.20 -40.90
N GLY A 13 47.59 44.11 -42.23
CA GLY A 13 46.40 44.55 -42.94
C GLY A 13 45.78 43.57 -43.91
N GLY A 14 45.92 42.27 -43.65
CA GLY A 14 45.21 41.25 -44.38
C GLY A 14 43.87 40.95 -43.74
N THR A 15 43.41 39.70 -43.91
CA THR A 15 42.10 39.31 -43.38
C THR A 15 42.04 39.43 -41.87
N ALA A 16 43.08 38.95 -41.17
CA ALA A 16 43.07 39.00 -39.71
C ALA A 16 43.05 40.43 -39.19
N GLY A 17 43.84 41.32 -39.80
CA GLY A 17 43.91 42.69 -39.30
C GLY A 17 42.61 43.45 -39.44
N TRP A 18 41.96 43.34 -40.60
CA TRP A 18 40.75 44.11 -40.83
C TRP A 18 39.51 43.48 -40.21
N MET A 19 39.50 42.15 -40.03
CA MET A 19 38.44 41.56 -39.21
C MET A 19 38.55 42.04 -37.77
N THR A 20 39.78 42.17 -37.27
CA THR A 20 39.99 42.67 -35.91
C THR A 20 39.62 44.14 -35.81
N ALA A 21 40.03 44.95 -36.79
CA ALA A 21 39.76 46.38 -36.75
C ALA A 21 38.27 46.67 -36.84
N SER A 22 37.55 45.93 -37.69
CA SER A 22 36.11 46.15 -37.83
C SER A 22 35.36 45.74 -36.57
N TYR A 23 35.66 44.55 -36.04
CA TYR A 23 34.89 44.02 -34.93
C TYR A 23 35.11 44.83 -33.66
N LEU A 24 36.38 45.12 -33.33
CA LEU A 24 36.66 45.91 -32.15
C LEU A 24 36.11 47.33 -32.27
N ALA A 25 36.09 47.88 -33.49
CA ALA A 25 35.57 49.25 -33.65
C ALA A 25 34.06 49.29 -33.47
N LYS A 26 33.36 48.24 -33.91
CA LYS A 26 31.93 48.17 -33.67
C LYS A 26 31.63 47.93 -32.19
N ALA A 27 32.46 47.12 -31.53
CA ALA A 27 32.20 46.78 -30.14
C ALA A 27 32.49 47.96 -29.21
N LEU A 28 33.58 48.66 -29.45
CA LEU A 28 34.05 49.70 -28.55
C LEU A 28 33.51 51.09 -28.90
N GLY A 29 32.97 51.27 -30.10
CA GLY A 29 32.46 52.56 -30.50
C GLY A 29 33.53 53.63 -30.49
N ASP A 30 33.10 54.86 -30.22
CA ASP A 30 34.00 56.00 -30.16
C ASP A 30 34.73 56.11 -28.83
N THR A 31 34.69 55.08 -27.99
CA THR A 31 35.40 55.09 -26.72
C THR A 31 36.88 54.73 -26.85
N VAL A 32 37.29 54.21 -28.00
CA VAL A 32 38.68 53.79 -28.21
C VAL A 32 39.11 54.23 -29.60
N THR A 33 40.29 54.85 -29.69
CA THR A 33 40.92 55.10 -30.98
C THR A 33 41.61 53.84 -31.47
N ILE A 34 41.32 53.45 -32.72
CA ILE A 34 41.89 52.25 -33.31
C ILE A 34 42.65 52.65 -34.58
N THR A 35 43.88 52.18 -34.70
CA THR A 35 44.73 52.49 -35.84
C THR A 35 45.39 51.22 -36.32
N LEU A 36 45.34 50.98 -37.63
CA LEU A 36 45.95 49.82 -38.26
C LEU A 36 47.12 50.26 -39.11
N LEU A 37 48.28 49.64 -38.90
CA LEU A 37 49.48 49.90 -39.69
C LEU A 37 49.65 48.76 -40.69
N GLU A 38 49.61 49.10 -41.98
CA GLU A 38 49.60 48.11 -43.05
C GLU A 38 50.79 48.32 -43.96
N ALA A 39 51.67 47.33 -44.02
CA ALA A 39 52.82 47.34 -44.94
C ALA A 39 52.60 46.35 -46.07
N GLY A 46 43.52 35.16 -55.85
CA GLY A 46 43.62 34.50 -54.56
C GLY A 46 43.23 33.04 -54.65
N VAL A 47 43.90 32.20 -53.87
CA VAL A 47 43.75 30.76 -54.05
C VAL A 47 42.57 30.21 -53.26
N GLY A 48 41.63 31.06 -52.87
CA GLY A 48 40.38 30.60 -52.27
C GLY A 48 40.49 30.29 -50.79
N GLU A 49 39.43 30.55 -50.05
CA GLU A 49 39.38 30.20 -48.65
C GLU A 49 37.96 29.77 -48.28
N ALA A 50 37.88 28.79 -47.37
CA ALA A 50 36.61 28.25 -46.92
C ALA A 50 36.41 28.56 -45.44
N THR A 51 35.16 28.47 -44.99
CA THR A 51 34.78 28.93 -43.67
C THR A 51 33.81 27.94 -43.02
N VAL A 52 33.30 28.33 -41.87
CA VAL A 52 32.35 27.53 -41.09
C VAL A 52 31.12 28.40 -40.85
N PRO A 53 29.95 27.79 -40.60
CA PRO A 53 28.70 28.57 -40.59
C PRO A 53 28.65 29.69 -39.58
N ASN A 54 29.43 29.63 -38.49
CA ASN A 54 29.26 30.65 -37.47
C ASN A 54 29.78 32.01 -37.90
N LEU A 55 30.43 32.10 -39.07
CA LEU A 55 31.05 33.35 -39.47
C LEU A 55 30.02 34.47 -39.63
N GLN A 56 28.82 34.13 -40.11
CA GLN A 56 27.80 35.16 -40.31
C GLN A 56 27.28 35.69 -38.98
N ARG A 57 26.89 34.78 -38.08
CA ARG A 57 26.26 35.20 -36.83
C ARG A 57 27.26 35.82 -35.85
N VAL A 58 28.52 35.40 -35.90
CA VAL A 58 29.50 35.93 -34.95
C VAL A 58 30.13 37.22 -35.47
N PHE A 59 30.37 37.32 -36.77
CA PHE A 59 31.14 38.42 -37.33
C PHE A 59 30.26 39.37 -38.14
N PHE A 60 29.83 38.97 -39.34
CA PHE A 60 29.14 39.90 -40.22
C PHE A 60 27.81 40.39 -39.64
N ASP A 61 27.11 39.55 -38.86
CA ASP A 61 25.90 40.02 -38.21
C ASP A 61 26.22 41.05 -37.13
N PHE A 62 27.34 40.89 -36.44
CA PHE A 62 27.76 41.88 -35.45
C PHE A 62 27.99 43.24 -36.09
N LEU A 63 28.49 43.26 -37.33
CA LEU A 63 28.73 44.49 -38.07
C LEU A 63 27.49 44.97 -38.80
N GLY A 64 26.41 44.21 -38.78
CA GLY A 64 25.19 44.58 -39.49
C GLY A 64 25.22 44.33 -40.98
N LEU A 65 26.03 43.37 -41.43
CA LEU A 65 26.23 43.12 -42.86
C LEU A 65 25.51 41.84 -43.26
N ARG A 66 24.50 41.97 -44.10
CA ARG A 66 23.80 40.80 -44.62
C ARG A 66 24.60 40.16 -45.74
N GLU A 67 24.39 38.84 -45.90
CA GLU A 67 25.12 38.10 -46.94
C GLU A 67 24.90 38.69 -48.32
N GLU A 68 23.68 39.16 -48.59
CA GLU A 68 23.36 39.79 -49.87
C GLU A 68 24.21 41.03 -50.13
N GLU A 69 24.93 41.55 -49.13
CA GLU A 69 25.75 42.73 -49.30
C GLU A 69 27.24 42.41 -49.43
N TRP A 70 27.79 41.61 -48.52
CA TRP A 70 29.22 41.35 -48.55
C TRP A 70 29.63 40.23 -49.51
N MET A 71 28.73 39.28 -49.80
CA MET A 71 29.09 38.22 -50.73
C MET A 71 29.37 38.74 -52.14
N PRO A 72 28.49 39.55 -52.76
CA PRO A 72 28.78 40.01 -54.13
C PRO A 72 30.07 40.80 -54.27
N GLU A 73 30.63 41.30 -53.17
CA GLU A 73 31.82 42.13 -53.22
C GLU A 73 33.10 41.36 -52.91
N CYS A 74 33.02 40.03 -52.75
CA CYS A 74 34.19 39.20 -52.53
CA CYS A 74 34.22 39.23 -52.58
C CYS A 74 34.14 37.93 -53.37
N ASN A 75 33.31 37.88 -54.41
CA ASN A 75 33.13 36.69 -55.25
C ASN A 75 32.83 35.46 -54.41
N ALA A 76 32.05 35.64 -53.35
CA ALA A 76 31.81 34.56 -52.41
C ALA A 76 30.88 33.50 -53.00
N ALA A 77 31.09 32.26 -52.56
CA ALA A 77 30.28 31.13 -52.98
C ALA A 77 30.00 30.27 -51.75
N PHE A 78 29.15 29.25 -51.93
CA PHE A 78 28.60 28.50 -50.81
C PHE A 78 29.37 27.20 -50.58
N LYS A 79 29.42 26.80 -49.31
CA LYS A 79 30.10 25.59 -48.88
C LYS A 79 29.16 24.78 -47.99
N THR A 80 28.74 23.62 -48.47
CA THR A 80 27.87 22.74 -47.70
C THR A 80 28.65 21.69 -46.90
N ALA A 81 29.86 21.35 -47.34
CA ALA A 81 30.64 20.32 -46.67
C ALA A 81 32.09 20.40 -47.17
N VAL A 82 32.94 19.60 -46.54
CA VAL A 82 34.23 19.22 -47.11
C VAL A 82 34.09 17.81 -47.66
N LYS A 83 34.48 17.62 -48.92
CA LYS A 83 34.44 16.33 -49.57
C LYS A 83 35.85 15.76 -49.62
N PHE A 84 36.05 14.61 -48.97
CA PHE A 84 37.35 13.95 -48.94
C PHE A 84 37.42 12.91 -50.03
N ILE A 85 38.44 13.01 -50.88
CA ILE A 85 38.55 12.21 -52.09
C ILE A 85 39.82 11.37 -52.02
N ASN A 86 39.67 10.06 -52.23
CA ASN A 86 40.78 9.11 -52.36
C ASN A 86 41.60 8.95 -51.08
N TRP A 87 40.97 9.15 -49.92
CA TRP A 87 41.67 8.92 -48.66
C TRP A 87 41.70 7.46 -48.24
N ARG A 88 41.00 6.58 -48.96
CA ARG A 88 40.99 5.17 -48.64
C ARG A 88 41.65 4.28 -49.70
N THR A 89 41.94 4.81 -50.89
CA THR A 89 42.46 4.00 -51.97
C THR A 89 43.84 4.48 -52.41
N PRO A 90 44.75 3.55 -52.70
CA PRO A 90 46.07 3.96 -53.18
C PRO A 90 46.01 4.42 -54.63
N GLY A 91 47.04 5.14 -55.04
CA GLY A 91 47.12 5.63 -56.40
C GLY A 91 47.71 7.02 -56.51
N PRO A 92 47.71 7.57 -57.72
CA PRO A 92 48.31 8.88 -57.94
C PRO A 92 47.41 10.00 -57.44
N GLY A 93 47.96 11.20 -57.40
CA GLY A 93 47.18 12.37 -57.02
C GLY A 93 46.30 12.83 -58.16
N GLU A 94 45.01 12.46 -58.13
CA GLU A 94 44.10 12.77 -59.21
C GLU A 94 42.85 13.42 -58.66
N ALA A 95 42.21 14.24 -59.50
CA ALA A 95 41.06 15.03 -59.05
C ALA A 95 39.81 14.18 -58.84
N LYS A 96 39.67 13.09 -59.59
CA LYS A 96 38.46 12.28 -59.54
C LYS A 96 38.64 11.11 -58.60
N ALA A 97 37.52 10.67 -58.01
CA ALA A 97 37.55 9.63 -56.99
C ALA A 97 37.73 8.26 -57.62
N ARG A 98 38.55 7.43 -56.98
CA ARG A 98 38.71 6.05 -57.41
C ARG A 98 37.53 5.21 -56.94
N THR A 99 37.47 3.99 -57.44
CA THR A 99 36.38 3.07 -57.15
C THR A 99 36.84 2.04 -56.13
N ILE A 100 36.05 1.86 -55.07
CA ILE A 100 36.29 0.83 -54.07
C ILE A 100 34.93 0.29 -53.62
N ASP A 101 34.78 -1.04 -53.71
CA ASP A 101 33.52 -1.71 -53.37
C ASP A 101 32.36 -1.17 -54.20
N GLY A 102 32.62 -0.98 -55.50
CA GLY A 102 31.60 -0.51 -56.43
C GLY A 102 31.24 0.96 -56.31
N ARG A 103 31.61 1.63 -55.22
CA ARG A 103 31.31 3.05 -55.06
C ARG A 103 32.55 3.89 -55.31
N PRO A 104 32.38 5.17 -55.63
CA PRO A 104 33.53 6.07 -55.68
C PRO A 104 34.10 6.34 -54.30
N ASP A 105 35.42 6.48 -54.23
CA ASP A 105 36.13 6.69 -52.97
C ASP A 105 36.04 8.17 -52.59
N HIS A 106 34.90 8.53 -52.00
CA HIS A 106 34.73 9.87 -51.45
C HIS A 106 33.72 9.81 -50.32
N PHE A 107 33.82 10.78 -49.42
CA PHE A 107 32.83 10.94 -48.37
C PHE A 107 32.78 12.42 -47.99
N TYR A 108 31.68 12.81 -47.37
CA TYR A 108 31.44 14.20 -47.03
C TYR A 108 31.53 14.43 -45.53
N HIS A 109 31.87 15.66 -45.18
CA HIS A 109 31.82 16.17 -43.80
C HIS A 109 30.91 17.40 -43.81
N PRO A 110 29.61 17.23 -43.69
CA PRO A 110 28.69 18.38 -43.75
C PRO A 110 28.59 19.09 -42.40
N PHE A 111 27.89 20.22 -42.43
CA PHE A 111 27.61 20.98 -41.23
C PHE A 111 26.32 20.49 -40.60
N GLY A 112 25.92 21.11 -39.50
CA GLY A 112 24.69 20.74 -38.83
C GLY A 112 24.91 19.74 -37.71
N LEU A 113 23.80 19.30 -37.15
CA LEU A 113 23.80 18.33 -36.06
C LEU A 113 22.91 17.15 -36.42
N LEU A 114 23.36 15.95 -36.06
CA LEU A 114 22.58 14.76 -36.37
C LEU A 114 21.37 14.67 -35.46
N PRO A 115 20.21 14.27 -35.99
CA PRO A 115 19.04 14.07 -35.15
C PRO A 115 19.20 12.86 -34.26
N GLU A 116 18.41 12.83 -33.19
CA GLU A 116 18.47 11.77 -32.21
C GLU A 116 17.09 11.15 -32.02
N HIS A 117 17.09 9.85 -31.72
CA HIS A 117 15.88 9.14 -31.32
C HIS A 117 16.21 8.37 -30.05
N GLY A 118 15.48 8.66 -28.97
CA GLY A 118 15.80 8.06 -27.69
C GLY A 118 17.10 8.55 -27.09
N GLN A 119 17.45 9.82 -27.31
CA GLN A 119 18.74 10.39 -26.90
C GLN A 119 19.92 9.60 -27.46
N VAL A 120 19.75 9.03 -28.64
CA VAL A 120 20.81 8.29 -29.32
C VAL A 120 20.97 8.89 -30.72
N PRO A 121 22.17 9.34 -31.09
CA PRO A 121 22.35 9.95 -32.41
C PRO A 121 22.03 8.97 -33.54
N LEU A 122 21.61 9.53 -34.68
CA LEU A 122 21.27 8.72 -35.84
C LEU A 122 22.46 7.88 -36.31
N SER A 123 23.68 8.39 -36.12
CA SER A 123 24.87 7.63 -36.48
C SER A 123 24.89 6.26 -35.84
N HIS A 124 24.41 6.16 -34.60
CA HIS A 124 24.46 4.88 -33.89
C HIS A 124 23.42 3.89 -34.42
N TYR A 125 22.31 4.39 -34.94
CA TYR A 125 21.37 3.51 -35.62
C TYR A 125 21.91 3.06 -36.97
N TRP A 126 22.63 3.94 -37.67
CA TRP A 126 23.30 3.51 -38.89
C TRP A 126 24.33 2.43 -38.58
N ALA A 127 25.08 2.59 -37.49
CA ALA A 127 26.07 1.58 -37.13
C ALA A 127 25.41 0.28 -36.72
N TYR A 128 24.24 0.35 -36.09
CA TYR A 128 23.50 -0.86 -35.74
C TYR A 128 23.05 -1.60 -37.00
N ASN A 129 22.59 -0.86 -38.01
CA ASN A 129 22.12 -1.50 -39.24
C ASN A 129 23.28 -2.04 -40.06
N ARG A 130 24.44 -1.39 -40.03
CA ARG A 130 25.62 -1.94 -40.69
C ARG A 130 26.06 -3.24 -40.04
N ALA A 131 26.06 -3.27 -38.70
CA ALA A 131 26.43 -4.49 -37.98
C ALA A 131 25.39 -5.58 -38.16
N ALA A 132 24.12 -5.20 -38.23
CA ALA A 132 23.04 -6.17 -38.47
C ALA A 132 23.07 -6.73 -39.88
N GLY A 133 23.87 -6.15 -40.79
CA GLY A 133 23.98 -6.66 -42.14
C GLY A 133 22.80 -6.41 -43.04
N THR A 134 21.87 -5.54 -42.65
CA THR A 134 20.71 -5.23 -43.47
C THR A 134 20.92 -4.03 -44.38
N THR A 135 22.06 -3.35 -44.28
CA THR A 135 22.36 -2.24 -45.16
C THR A 135 23.88 -2.12 -45.32
N ASP A 136 24.30 -1.69 -46.51
CA ASP A 136 25.69 -1.38 -46.79
C ASP A 136 25.88 0.08 -47.22
N GLU A 137 24.87 0.92 -46.99
CA GLU A 137 24.95 2.31 -47.40
C GLU A 137 26.04 3.03 -46.61
N PRO A 138 26.74 3.99 -47.22
CA PRO A 138 27.72 4.78 -46.45
C PRO A 138 27.03 5.64 -45.41
N PHE A 139 27.80 5.98 -44.37
CA PHE A 139 27.26 6.76 -43.26
C PHE A 139 26.74 8.12 -43.71
N ASP A 140 27.51 8.82 -44.55
CA ASP A 140 27.12 10.17 -44.92
C ASP A 140 25.86 10.19 -45.76
N TYR A 141 25.72 9.23 -46.68
CA TYR A 141 24.52 9.18 -47.53
C TYR A 141 23.29 8.69 -46.77
N ALA A 142 23.48 8.01 -45.64
CA ALA A 142 22.33 7.52 -44.88
C ALA A 142 21.82 8.54 -43.87
N CYS A 143 22.71 9.38 -43.34
CA CYS A 143 22.36 10.26 -42.24
C CYS A 143 22.28 11.73 -42.62
N PHE A 144 22.84 12.14 -43.76
CA PHE A 144 22.84 13.53 -44.20
C PHE A 144 22.09 13.64 -45.52
N ALA A 145 21.07 14.50 -45.56
CA ALA A 145 20.40 14.80 -46.81
C ALA A 145 21.22 15.71 -47.69
N GLU A 146 22.18 16.45 -47.11
CA GLU A 146 23.03 17.34 -47.88
C GLU A 146 23.87 16.60 -48.91
N THR A 147 24.13 15.31 -48.70
CA THR A 147 25.01 14.56 -49.60
C THR A 147 24.44 14.52 -51.01
N ALA A 148 23.14 14.21 -51.14
CA ALA A 148 22.53 14.14 -52.45
C ALA A 148 22.49 15.51 -53.13
N ALA A 149 22.29 16.57 -52.35
CA ALA A 149 22.26 17.92 -52.92
C ALA A 149 23.62 18.32 -53.47
N MET A 150 24.69 18.00 -52.74
CA MET A 150 26.03 18.33 -53.21
C MET A 150 26.42 17.52 -54.43
N ASP A 151 26.04 16.23 -54.47
CA ASP A 151 26.23 15.45 -55.69
C ASP A 151 25.50 16.10 -56.86
N ALA A 152 24.28 16.59 -56.61
CA ALA A 152 23.52 17.29 -57.64
C ALA A 152 23.99 18.73 -57.85
N VAL A 153 25.00 19.17 -57.10
CA VAL A 153 25.59 20.50 -57.23
C VAL A 153 24.50 21.56 -57.00
N ARG A 154 23.73 21.39 -55.93
CA ARG A 154 22.64 22.32 -55.61
C ARG A 154 23.15 23.48 -54.77
N ALA A 155 22.44 24.60 -54.85
CA ALA A 155 22.63 25.69 -53.92
C ALA A 155 22.10 25.29 -52.55
N PRO A 156 22.59 25.90 -51.47
CA PRO A 156 22.08 25.59 -50.14
C PRO A 156 20.75 26.27 -49.82
N LYS A 157 20.22 27.08 -50.74
CA LYS A 157 18.98 27.80 -50.52
C LYS A 157 18.25 27.91 -51.85
N TRP A 158 16.94 28.14 -51.77
CA TRP A 158 16.19 28.54 -52.96
C TRP A 158 16.54 29.98 -53.32
N LEU A 159 16.26 30.33 -54.59
CA LEU A 159 16.70 31.62 -55.12
C LEU A 159 16.13 32.79 -54.34
N ASP A 160 14.89 32.66 -53.87
CA ASP A 160 14.26 33.74 -53.10
C ASP A 160 14.75 33.82 -51.66
N GLY A 161 15.69 32.96 -51.27
CA GLY A 161 16.28 33.01 -49.95
C GLY A 161 15.80 31.95 -48.98
N ARG A 162 14.79 31.17 -49.36
CA ARG A 162 14.29 30.12 -48.48
C ARG A 162 15.42 29.18 -48.08
N PRO A 163 15.60 28.89 -46.79
CA PRO A 163 16.72 28.06 -46.37
C PRO A 163 16.45 26.58 -46.55
N ALA A 164 17.52 25.82 -46.73
CA ALA A 164 17.38 24.39 -46.95
C ALA A 164 18.38 23.58 -46.13
N THR A 165 19.67 23.97 -46.17
CA THR A 165 20.71 23.22 -45.49
C THR A 165 21.71 24.17 -44.85
N ARG A 166 22.37 23.68 -43.81
CA ARG A 166 23.39 24.46 -43.11
C ARG A 166 24.61 24.63 -44.00
N TYR A 167 25.07 25.87 -44.16
CA TYR A 167 26.13 26.15 -45.13
C TYR A 167 27.09 27.19 -44.58
N ALA A 168 28.25 27.26 -45.24
CA ALA A 168 29.25 28.29 -44.97
C ALA A 168 29.67 28.86 -46.33
N TRP A 169 30.87 29.46 -46.39
CA TRP A 169 31.23 30.28 -47.54
C TRP A 169 32.63 29.97 -48.07
N HIS A 170 32.75 30.04 -49.39
CA HIS A 170 34.04 30.18 -50.07
C HIS A 170 34.17 31.63 -50.55
N PHE A 171 35.36 32.21 -50.37
CA PHE A 171 35.58 33.54 -50.93
C PHE A 171 37.06 33.79 -51.15
N ASP A 172 37.33 34.92 -51.81
CA ASP A 172 38.68 35.42 -52.02
C ASP A 172 39.09 36.24 -50.79
N ALA A 173 40.10 35.77 -50.07
CA ALA A 173 40.48 36.42 -48.81
C ALA A 173 40.93 37.86 -49.02
N HIS A 174 41.60 38.16 -50.14
CA HIS A 174 42.04 39.52 -50.39
C HIS A 174 40.87 40.47 -50.58
N LEU A 175 39.85 40.04 -51.33
CA LEU A 175 38.68 40.88 -51.54
C LEU A 175 37.89 41.11 -50.26
N VAL A 176 37.85 40.12 -49.37
CA VAL A 176 37.18 40.30 -48.08
C VAL A 176 37.93 41.34 -47.25
N ALA A 177 39.26 41.22 -47.20
CA ALA A 177 40.07 42.20 -46.47
C ALA A 177 39.85 43.61 -47.00
N GLU A 178 39.77 43.76 -48.33
CA GLU A 178 39.55 45.09 -48.90
C GLU A 178 38.15 45.59 -48.59
N PHE A 179 37.14 44.70 -48.64
CA PHE A 179 35.79 45.10 -48.26
C PHE A 179 35.76 45.60 -46.83
N LEU A 180 36.40 44.88 -45.91
CA LEU A 180 36.37 45.26 -44.50
C LEU A 180 37.19 46.53 -44.25
N ARG A 181 38.30 46.71 -44.96
CA ARG A 181 39.03 47.97 -44.85
C ARG A 181 38.15 49.14 -45.25
N ARG A 182 37.46 49.02 -46.39
CA ARG A 182 36.53 50.05 -46.81
C ARG A 182 35.33 50.17 -45.88
N HIS A 183 35.02 49.12 -45.11
CA HIS A 183 33.97 49.27 -44.11
C HIS A 183 34.51 49.91 -42.84
N ALA A 184 35.66 49.43 -42.35
CA ALA A 184 36.21 49.92 -41.09
C ALA A 184 36.60 51.40 -41.17
N THR A 185 37.12 51.83 -42.32
CA THR A 185 37.59 53.21 -42.44
C THR A 185 36.47 54.18 -42.77
N GLU A 186 35.52 53.76 -43.59
CA GLU A 186 34.44 54.65 -44.02
C GLU A 186 33.26 54.68 -43.05
N ARG A 187 33.06 53.64 -42.26
CA ARG A 187 31.90 53.55 -41.38
C ARG A 187 32.23 53.47 -39.89
N LEU A 188 33.42 53.00 -39.53
CA LEU A 188 33.74 52.73 -38.14
C LEU A 188 34.90 53.56 -37.61
N ASN A 189 35.32 54.59 -38.36
CA ASN A 189 36.34 55.54 -37.90
C ASN A 189 37.66 54.86 -37.57
N VAL A 190 37.98 53.77 -38.26
CA VAL A 190 39.29 53.14 -38.12
C VAL A 190 40.28 53.86 -39.03
N GLU A 191 41.44 54.20 -38.49
CA GLU A 191 42.45 54.95 -39.22
C GLU A 191 43.46 53.98 -39.83
N HIS A 192 43.62 54.07 -41.15
CA HIS A 192 44.55 53.23 -41.89
C HIS A 192 45.85 54.00 -42.09
N VAL A 193 46.97 53.36 -41.75
CA VAL A 193 48.30 53.96 -41.89
C VAL A 193 49.13 53.05 -42.78
N GLN A 194 49.61 53.58 -43.89
CA GLN A 194 50.47 52.83 -44.78
C GLN A 194 51.88 52.75 -44.20
N GLY A 195 52.75 52.00 -44.86
CA GLY A 195 54.16 51.96 -44.52
C GLY A 195 54.51 50.77 -43.64
N GLU A 196 55.82 50.62 -43.44
CA GLU A 196 56.37 49.53 -42.65
C GLU A 196 56.58 49.97 -41.20
N MET A 197 56.97 49.02 -40.37
CA MET A 197 57.26 49.28 -38.96
C MET A 197 58.77 49.29 -38.76
N GLN A 198 59.30 50.44 -38.34
CA GLN A 198 60.74 50.57 -38.15
C GLN A 198 61.19 49.91 -36.85
N GLN A 199 60.52 50.21 -35.74
CA GLN A 199 60.90 49.64 -34.45
C GLN A 199 59.70 49.57 -33.53
N VAL A 200 59.82 48.75 -32.50
CA VAL A 200 58.78 48.56 -31.49
C VAL A 200 59.29 49.16 -30.18
N LEU A 201 58.59 50.18 -29.71
CA LEU A 201 58.98 50.88 -28.48
C LEU A 201 58.39 50.17 -27.27
N ARG A 202 59.25 49.83 -26.31
CA ARG A 202 58.87 49.16 -25.08
C ARG A 202 59.33 49.97 -23.88
N ASP A 203 58.55 49.91 -22.81
CA ASP A 203 58.87 50.64 -21.59
C ASP A 203 59.66 49.72 -20.65
N GLU A 204 59.72 50.07 -19.36
CA GLU A 204 60.58 49.37 -18.42
C GLU A 204 60.03 47.99 -18.06
N ARG A 205 58.72 47.82 -18.12
CA ARG A 205 58.11 46.53 -17.80
C ARG A 205 58.02 45.60 -19.01
N GLY A 206 58.44 46.07 -20.19
CA GLY A 206 58.36 45.27 -21.39
C GLY A 206 57.10 45.45 -22.21
N PHE A 207 56.17 46.28 -21.75
CA PHE A 207 54.95 46.54 -22.50
C PHE A 207 55.25 47.42 -23.71
N ILE A 208 54.65 47.07 -24.85
CA ILE A 208 54.76 47.90 -26.05
C ILE A 208 54.05 49.22 -25.80
N THR A 209 54.72 50.32 -26.15
CA THR A 209 54.18 51.66 -25.97
C THR A 209 53.84 52.37 -27.27
N ALA A 210 54.44 51.98 -28.39
CA ALA A 210 54.18 52.58 -29.69
C ALA A 210 54.85 51.75 -30.76
N LEU A 211 54.29 51.80 -31.97
CA LEU A 211 54.92 51.25 -33.16
C LEU A 211 55.44 52.42 -34.00
N ARG A 212 56.72 52.35 -34.37
CA ARG A 212 57.37 53.39 -35.15
C ARG A 212 57.34 53.02 -36.63
N THR A 213 56.84 53.94 -37.46
CA THR A 213 56.87 53.72 -38.90
C THR A 213 58.22 54.17 -39.46
N VAL A 214 58.43 53.91 -40.75
CA VAL A 214 59.68 54.31 -41.41
C VAL A 214 59.74 55.79 -41.70
N GLU A 215 58.69 56.56 -41.37
CA GLU A 215 58.65 57.99 -41.63
C GLU A 215 58.99 58.85 -40.42
N GLY A 216 58.74 58.36 -39.21
CA GLY A 216 58.98 59.13 -38.01
C GLY A 216 57.81 59.08 -37.04
N ARG A 217 56.70 58.51 -37.50
CA ARG A 217 55.47 58.57 -36.73
C ARG A 217 55.42 57.48 -35.67
N ASP A 218 55.09 57.88 -34.45
CA ASP A 218 54.78 56.93 -33.37
C ASP A 218 53.30 56.62 -33.41
N LEU A 219 52.96 55.34 -33.49
CA LEU A 219 51.57 54.88 -33.36
C LEU A 219 51.41 54.38 -31.92
N GLU A 220 51.11 55.32 -31.02
CA GLU A 220 51.02 55.00 -29.60
C GLU A 220 49.69 54.36 -29.27
N GLY A 221 49.70 53.48 -28.28
CA GLY A 221 48.50 52.78 -27.86
C GLY A 221 48.72 52.08 -26.54
N ASP A 222 47.62 51.58 -25.99
CA ASP A 222 47.66 50.80 -24.76
C ASP A 222 47.60 49.30 -25.01
N LEU A 223 46.95 48.88 -26.10
CA LEU A 223 46.84 47.49 -26.49
C LEU A 223 47.26 47.35 -27.94
N PHE A 224 47.99 46.29 -28.23
CA PHE A 224 48.53 46.05 -29.57
C PHE A 224 48.13 44.67 -30.05
N ILE A 225 47.69 44.59 -31.30
CA ILE A 225 47.19 43.37 -31.91
C ILE A 225 48.17 42.97 -33.01
N ASP A 226 48.77 41.80 -32.87
CA ASP A 226 49.75 41.30 -33.84
C ASP A 226 49.01 40.49 -34.90
N CYS A 227 48.80 41.09 -36.07
CA CYS A 227 48.19 40.43 -37.21
C CYS A 227 49.16 40.37 -38.39
N SER A 228 50.45 40.30 -38.10
CA SER A 228 51.50 40.37 -39.12
C SER A 228 51.76 39.03 -39.81
N GLY A 229 50.90 38.03 -39.59
CA GLY A 229 51.07 36.76 -40.27
C GLY A 229 52.17 35.91 -39.65
N PHE A 230 52.73 35.02 -40.47
CA PHE A 230 53.77 34.11 -40.01
C PHE A 230 54.97 34.84 -39.41
N ARG A 231 55.19 36.10 -39.80
CA ARG A 231 56.34 36.84 -39.31
C ARG A 231 56.27 37.07 -37.80
N GLY A 232 55.07 37.24 -37.26
CA GLY A 232 54.89 37.50 -35.83
C GLY A 232 55.77 38.61 -35.31
N LEU A 233 55.72 39.77 -35.96
CA LEU A 233 56.68 40.84 -35.68
C LEU A 233 56.61 41.32 -34.23
N LEU A 234 55.43 41.25 -33.60
CA LEU A 234 55.30 41.70 -32.23
C LEU A 234 55.44 40.53 -31.24
N ILE A 235 54.60 39.51 -31.37
CA ILE A 235 54.51 38.47 -30.35
C ILE A 235 55.79 37.64 -30.32
N ASN A 236 56.36 37.32 -31.49
CA ASN A 236 57.55 36.49 -31.55
C ASN A 236 58.83 37.32 -31.53
N LYS A 237 58.92 38.34 -32.38
CA LYS A 237 60.17 39.09 -32.50
C LYS A 237 60.34 40.07 -31.35
N ALA A 238 59.35 40.95 -31.13
CA ALA A 238 59.48 41.97 -30.10
C ALA A 238 59.31 41.38 -28.71
N MET A 239 58.21 40.65 -28.49
CA MET A 239 57.91 40.12 -27.16
C MET A 239 58.70 38.86 -26.82
N GLU A 240 59.36 38.25 -27.81
CA GLU A 240 60.23 37.08 -27.60
C GLU A 240 59.45 35.86 -27.09
N GLU A 241 58.18 35.76 -27.46
CA GLU A 241 57.39 34.59 -27.07
C GLU A 241 57.72 33.42 -27.99
N PRO A 242 58.14 32.27 -27.46
CA PRO A 242 58.55 31.16 -28.33
C PRO A 242 57.36 30.54 -29.04
N PHE A 243 57.65 29.94 -30.19
CA PHE A 243 56.65 29.24 -31.00
C PHE A 243 56.82 27.74 -30.80
N ILE A 244 55.70 27.05 -30.58
CA ILE A 244 55.70 25.60 -30.39
C ILE A 244 55.54 24.96 -31.76
N ASP A 245 56.65 24.47 -32.32
CA ASP A 245 56.60 23.75 -33.58
C ASP A 245 55.93 22.40 -33.36
N MET A 246 54.86 22.14 -34.12
CA MET A 246 54.10 20.90 -33.98
C MET A 246 54.10 20.09 -35.27
N ASN A 247 55.16 20.22 -36.08
CA ASN A 247 55.25 19.47 -37.32
C ASN A 247 55.71 18.03 -37.09
N ASP A 248 56.04 17.66 -35.86
CA ASP A 248 56.24 16.25 -35.55
C ASP A 248 54.94 15.47 -35.64
N GLN A 249 53.82 16.14 -35.36
CA GLN A 249 52.49 15.53 -35.33
C GLN A 249 51.73 15.71 -36.64
N LEU A 250 51.88 16.85 -37.31
CA LEU A 250 51.28 17.12 -38.61
C LEU A 250 52.42 17.35 -39.59
N LEU A 251 52.71 16.34 -40.42
CA LEU A 251 53.93 16.34 -41.23
C LEU A 251 53.93 17.38 -42.34
N CYS A 252 52.76 17.82 -42.81
CA CYS A 252 52.70 18.77 -43.91
C CYS A 252 53.21 20.13 -43.48
N ASN A 253 54.02 20.76 -44.35
CA ASN A 253 54.61 22.05 -44.04
C ASN A 253 54.85 22.90 -45.28
N ARG A 254 54.31 22.53 -46.44
CA ARG A 254 54.52 23.27 -47.68
C ARG A 254 53.21 23.24 -48.47
N ALA A 255 53.12 24.17 -49.42
CA ALA A 255 51.98 24.20 -50.34
C ALA A 255 52.39 24.85 -51.65
N VAL A 256 51.85 24.34 -52.75
CA VAL A 256 51.89 25.00 -54.05
C VAL A 256 50.46 25.21 -54.50
N ALA A 257 50.13 26.44 -54.93
CA ALA A 257 48.74 26.82 -55.12
C ALA A 257 48.58 27.80 -56.29
N THR A 258 47.37 27.85 -56.87
CA THR A 258 47.07 28.74 -57.98
C THR A 258 45.55 28.88 -58.14
N ALA A 259 45.14 29.72 -59.09
CA ALA A 259 43.75 29.88 -59.53
C ALA A 259 43.61 29.32 -60.94
N ILE A 260 42.49 28.62 -61.17
CA ILE A 260 42.18 28.08 -62.48
C ILE A 260 40.79 28.55 -62.87
N LYS A 261 40.70 29.22 -64.02
CA LYS A 261 39.41 29.56 -64.59
C LYS A 261 38.60 28.29 -64.86
N HIS A 262 37.29 28.37 -64.66
CA HIS A 262 36.43 27.21 -64.74
C HIS A 262 35.19 27.54 -65.54
N ASP A 263 34.90 26.72 -66.55
CA ASP A 263 33.66 26.85 -67.32
C ASP A 263 32.54 26.22 -66.49
N ASP A 264 31.82 27.06 -65.76
CA ASP A 264 30.77 26.58 -64.86
C ASP A 264 29.57 26.01 -65.60
N ASP A 265 29.40 26.34 -66.88
CA ASP A 265 28.26 25.84 -67.64
C ASP A 265 28.37 24.37 -68.00
N ALA A 266 29.55 23.77 -67.82
CA ALA A 266 29.72 22.35 -68.18
C ALA A 266 29.18 21.44 -67.07
N HIS A 267 29.57 21.69 -65.82
CA HIS A 267 29.18 20.82 -64.72
C HIS A 267 28.91 21.60 -63.43
N GLY A 268 28.60 22.90 -63.54
CA GLY A 268 28.20 23.68 -62.39
C GLY A 268 29.35 24.07 -61.47
N VAL A 269 28.98 24.51 -60.27
CA VAL A 269 29.91 24.99 -59.25
C VAL A 269 29.67 24.16 -58.00
N GLU A 270 30.65 23.34 -57.64
CA GLU A 270 30.52 22.44 -56.50
C GLU A 270 30.31 23.21 -55.21
N PRO A 271 29.22 22.96 -54.48
CA PRO A 271 28.95 23.67 -53.23
C PRO A 271 29.69 23.07 -52.03
N TYR A 272 30.97 22.77 -52.21
CA TYR A 272 31.76 22.18 -51.15
C TYR A 272 33.23 22.35 -51.44
N THR A 273 34.03 22.35 -50.38
CA THR A 273 35.49 22.27 -50.49
C THR A 273 35.90 20.82 -50.69
N SER A 274 36.79 20.57 -51.65
CA SER A 274 37.36 19.26 -51.85
C SER A 274 38.70 19.16 -51.12
N ALA A 275 38.97 18.00 -50.54
CA ALA A 275 40.26 17.69 -49.95
C ALA A 275 40.73 16.38 -50.60
N ILE A 276 41.67 16.50 -51.53
CA ILE A 276 42.04 15.41 -52.43
C ILE A 276 43.35 14.79 -51.96
N ALA A 277 43.29 13.52 -51.57
CA ALA A 277 44.49 12.84 -51.13
C ALA A 277 45.51 12.72 -52.26
N MET A 278 46.77 12.98 -51.92
CA MET A 278 47.89 12.90 -52.85
C MET A 278 48.91 11.89 -52.30
N ARG A 279 50.02 11.73 -53.04
CA ARG A 279 51.04 10.78 -52.62
C ARG A 279 51.74 11.23 -51.33
N SER A 280 51.88 12.54 -51.10
CA SER A 280 52.61 13.02 -49.94
C SER A 280 51.88 14.17 -49.26
N GLY A 281 50.55 14.16 -49.31
CA GLY A 281 49.76 15.20 -48.70
C GLY A 281 48.35 15.21 -49.26
N TRP A 282 47.79 16.39 -49.46
CA TRP A 282 46.42 16.52 -49.95
C TRP A 282 46.25 17.88 -50.59
N SER A 283 45.32 17.96 -51.54
CA SER A 283 45.05 19.19 -52.27
C SER A 283 43.66 19.70 -51.93
N TRP A 284 43.53 21.02 -51.80
CA TRP A 284 42.22 21.63 -51.66
C TRP A 284 41.70 22.06 -53.01
N LYS A 285 40.38 22.14 -53.10
CA LYS A 285 39.71 22.75 -54.25
C LYS A 285 38.56 23.59 -53.70
N ILE A 286 38.58 24.88 -53.99
CA ILE A 286 37.66 25.87 -53.43
C ILE A 286 36.91 26.52 -54.58
N PRO A 287 35.75 26.05 -54.96
CA PRO A 287 35.04 26.57 -56.13
C PRO A 287 34.37 27.90 -55.85
N MET A 288 34.47 28.79 -56.84
CA MET A 288 33.75 30.06 -56.85
C MET A 288 33.17 30.24 -58.24
N LEU A 289 32.49 31.37 -58.45
CA LEU A 289 31.90 31.65 -59.75
C LEU A 289 33.00 31.92 -60.77
N GLY A 290 33.12 31.05 -61.76
CA GLY A 290 34.03 31.25 -62.87
C GLY A 290 35.45 30.75 -62.67
N ARG A 291 35.79 30.27 -61.47
CA ARG A 291 37.17 29.92 -61.15
C ARG A 291 37.18 29.18 -59.82
N PHE A 292 38.19 28.34 -59.63
CA PHE A 292 38.39 27.66 -58.35
C PHE A 292 39.84 27.80 -57.89
N GLY A 293 40.02 27.93 -56.58
CA GLY A 293 41.33 27.92 -55.99
C GLY A 293 41.73 26.50 -55.60
N THR A 294 43.01 26.20 -55.77
CA THR A 294 43.49 24.86 -55.47
C THR A 294 44.93 24.95 -55.00
N GLY A 295 45.28 24.06 -54.08
CA GLY A 295 46.62 24.02 -53.54
C GLY A 295 47.00 22.65 -53.02
N TYR A 296 48.20 22.20 -53.35
CA TYR A 296 48.72 20.91 -52.89
C TYR A 296 49.51 21.13 -51.62
N VAL A 297 48.98 20.63 -50.50
CA VAL A 297 49.66 20.70 -49.21
C VAL A 297 50.43 19.40 -49.02
N TYR A 298 51.74 19.51 -48.79
CA TYR A 298 52.60 18.33 -48.76
C TYR A 298 53.67 18.52 -47.69
N SER A 299 54.35 17.42 -47.39
CA SER A 299 55.43 17.41 -46.42
C SER A 299 56.76 17.45 -47.15
N SER A 300 57.58 18.45 -46.83
CA SER A 300 58.90 18.56 -47.44
C SER A 300 59.76 17.34 -47.14
N ARG A 301 59.49 16.65 -46.02
CA ARG A 301 60.27 15.48 -45.62
C ARG A 301 59.96 14.25 -46.46
N PHE A 302 58.92 14.30 -47.29
CA PHE A 302 58.55 13.14 -48.11
C PHE A 302 58.44 13.43 -49.60
N ALA A 303 58.33 14.68 -50.02
CA ALA A 303 58.29 15.04 -51.43
C ALA A 303 59.23 16.21 -51.69
N GLU A 304 59.86 16.20 -52.86
CA GLU A 304 60.67 17.32 -53.27
C GLU A 304 59.78 18.43 -53.84
N LYS A 305 60.31 19.66 -53.82
CA LYS A 305 59.54 20.81 -54.29
C LYS A 305 59.07 20.61 -55.72
N ASP A 306 60.00 20.24 -56.62
CA ASP A 306 59.65 20.03 -58.01
C ASP A 306 58.67 18.88 -58.18
N GLU A 307 58.80 17.84 -57.35
CA GLU A 307 57.87 16.73 -57.37
C GLU A 307 56.45 17.19 -57.08
N ALA A 308 56.27 17.87 -55.95
CA ALA A 308 54.96 18.40 -55.58
C ALA A 308 54.41 19.32 -56.66
N THR A 309 55.25 20.26 -57.12
CA THR A 309 54.85 21.20 -58.17
C THR A 309 54.31 20.46 -59.39
N LEU A 310 55.03 19.42 -59.83
CA LEU A 310 54.61 18.69 -61.03
C LEU A 310 53.40 17.81 -60.75
N ASP A 311 53.37 17.15 -59.59
CA ASP A 311 52.17 16.41 -59.21
C ASP A 311 50.93 17.31 -59.19
N PHE A 312 51.08 18.51 -58.62
CA PHE A 312 49.97 19.46 -58.57
C PHE A 312 49.51 19.83 -59.98
N CYS A 313 50.45 20.20 -60.85
CA CYS A 313 50.08 20.61 -62.20
C CYS A 313 49.52 19.44 -63.01
N ARG A 314 50.05 18.23 -62.80
CA ARG A 314 49.57 17.08 -63.56
C ARG A 314 48.11 16.76 -63.23
N MET A 315 47.71 16.93 -61.96
CA MET A 315 46.34 16.63 -61.57
C MET A 315 45.34 17.54 -62.28
N TRP A 316 45.69 18.80 -62.49
CA TRP A 316 44.80 19.76 -63.12
C TRP A 316 45.09 19.98 -64.60
N GLY A 317 45.97 19.17 -65.19
CA GLY A 317 46.30 19.37 -66.59
C GLY A 317 46.97 20.68 -66.90
N LEU A 318 47.77 21.19 -65.98
CA LEU A 318 48.41 22.49 -66.13
C LEU A 318 49.80 22.35 -66.72
N ASP A 319 50.18 23.31 -67.56
CA ASP A 319 51.55 23.46 -68.04
C ASP A 319 52.38 24.08 -66.93
N PRO A 320 53.29 23.33 -66.31
CA PRO A 320 54.05 23.87 -65.18
C PRO A 320 54.99 25.01 -65.57
N GLU A 321 55.36 25.12 -66.85
CA GLU A 321 56.28 26.17 -67.26
C GLU A 321 55.60 27.51 -67.43
N ASN A 322 54.30 27.50 -67.72
CA ASN A 322 53.53 28.72 -68.00
C ASN A 322 52.31 28.78 -67.09
N THR A 323 52.51 28.60 -65.79
CA THR A 323 51.44 28.64 -64.82
C THR A 323 51.90 29.46 -63.62
N PRO A 324 51.16 30.51 -63.23
CA PRO A 324 51.51 31.25 -62.00
C PRO A 324 51.22 30.39 -60.77
N LEU A 325 52.24 30.20 -59.94
CA LEU A 325 52.14 29.35 -58.77
C LEU A 325 52.61 30.09 -57.54
N ASN A 326 51.84 29.98 -56.46
CA ASN A 326 52.28 30.38 -55.14
C ASN A 326 53.04 29.22 -54.51
N GLN A 327 54.30 29.45 -54.12
CA GLN A 327 55.10 28.49 -53.38
C GLN A 327 55.22 29.00 -51.95
N VAL A 328 54.58 28.29 -51.01
CA VAL A 328 54.48 28.74 -49.63
C VAL A 328 55.05 27.66 -48.72
N ALA A 329 55.86 28.09 -47.75
CA ALA A 329 56.31 27.24 -46.65
C ALA A 329 55.56 27.63 -45.39
N PHE A 330 55.10 26.62 -44.65
CA PHE A 330 54.20 26.80 -43.54
C PHE A 330 54.93 26.71 -42.19
N ARG A 331 54.36 27.40 -41.21
CA ARG A 331 54.74 27.26 -39.80
C ARG A 331 53.57 26.61 -39.09
N VAL A 332 53.72 25.33 -38.75
CA VAL A 332 52.65 24.54 -38.15
C VAL A 332 52.87 24.51 -36.64
N GLY A 333 51.88 24.99 -35.90
CA GLY A 333 51.97 25.03 -34.46
C GLY A 333 51.27 26.27 -33.93
N ARG A 334 51.62 26.64 -32.71
CA ARG A 334 51.06 27.81 -32.06
C ARG A 334 52.09 28.40 -31.13
N ASN A 335 51.92 29.69 -30.83
CA ASN A 335 52.73 30.31 -29.79
C ASN A 335 52.48 29.65 -28.44
N ARG A 336 53.49 29.70 -27.58
CA ARG A 336 53.31 29.18 -26.23
C ARG A 336 52.17 29.90 -25.53
N ARG A 337 52.07 31.21 -25.71
CA ARG A 337 50.95 32.01 -25.26
C ARG A 337 50.53 32.94 -26.39
N ALA A 338 49.23 33.02 -26.65
CA ALA A 338 48.74 33.92 -27.69
C ALA A 338 48.78 35.38 -27.26
N TRP A 339 48.75 35.64 -25.96
CA TRP A 339 48.66 36.99 -25.42
C TRP A 339 49.73 37.15 -24.36
N VAL A 340 50.66 38.07 -24.58
CA VAL A 340 51.75 38.36 -23.65
C VAL A 340 51.73 39.85 -23.36
N LYS A 341 51.63 40.21 -22.08
CA LYS A 341 51.52 41.60 -21.64
C LYS A 341 50.38 42.30 -22.37
N ASN A 342 50.68 43.36 -23.13
CA ASN A 342 49.65 44.08 -23.87
C ASN A 342 49.73 43.79 -25.37
N CYS A 343 50.22 42.61 -25.74
CA CYS A 343 50.32 42.18 -27.13
C CYS A 343 49.49 40.92 -27.31
N VAL A 344 48.52 40.96 -28.22
CA VAL A 344 47.64 39.83 -28.52
C VAL A 344 47.83 39.47 -29.98
N SER A 345 48.19 38.21 -30.25
CA SER A 345 48.38 37.72 -31.61
C SER A 345 47.08 37.13 -32.14
N ILE A 346 46.74 37.49 -33.38
CA ILE A 346 45.54 37.01 -34.04
C ILE A 346 45.93 36.52 -35.44
N GLY A 347 45.37 35.38 -35.85
CA GLY A 347 45.65 34.86 -37.17
C GLY A 347 46.93 34.04 -37.24
N LEU A 348 47.65 34.15 -38.36
CA LEU A 348 48.89 33.39 -38.52
C LEU A 348 49.95 33.79 -37.52
N ALA A 349 49.89 35.01 -36.98
CA ALA A 349 50.84 35.42 -35.95
C ALA A 349 50.68 34.60 -34.67
N SER A 350 49.53 33.96 -34.50
CA SER A 350 49.20 33.21 -33.30
C SER A 350 49.40 31.71 -33.48
N CYS A 351 48.86 31.14 -34.56
CA CYS A 351 48.86 29.70 -34.73
C CYS A 351 48.49 29.37 -36.17
N PHE A 352 48.80 28.14 -36.59
CA PHE A 352 48.43 27.71 -37.93
C PHE A 352 48.34 26.19 -38.00
N LEU A 353 47.31 25.73 -38.71
CA LEU A 353 47.17 24.34 -39.12
C LEU A 353 46.87 24.31 -40.61
N GLU A 354 47.28 23.23 -41.28
CA GLU A 354 46.92 23.06 -42.68
C GLU A 354 45.40 23.16 -42.83
N PRO A 355 44.91 23.75 -43.91
CA PRO A 355 43.47 24.07 -43.98
C PRO A 355 42.59 22.86 -44.23
N LEU A 356 42.88 21.75 -43.56
CA LEU A 356 42.17 20.50 -43.87
C LEU A 356 40.68 20.63 -43.57
N GLU A 357 40.33 21.29 -42.46
CA GLU A 357 38.94 21.46 -42.07
C GLU A 357 38.55 22.95 -41.95
N SER A 358 39.27 23.81 -42.67
CA SER A 358 38.88 25.21 -42.86
C SER A 358 38.64 25.92 -41.52
N THR A 359 39.71 26.03 -40.73
CA THR A 359 39.63 26.62 -39.41
C THR A 359 40.39 27.93 -39.29
N GLY A 360 41.01 28.42 -40.36
CA GLY A 360 41.74 29.66 -40.34
C GLY A 360 40.92 30.89 -39.97
N ILE A 361 39.88 31.16 -40.75
CA ILE A 361 38.98 32.28 -40.44
C ILE A 361 38.33 32.05 -39.08
N TYR A 362 38.01 30.80 -38.76
CA TYR A 362 37.38 30.50 -37.48
C TYR A 362 38.32 30.81 -36.32
N PHE A 363 39.60 30.44 -36.45
CA PHE A 363 40.56 30.78 -35.39
C PHE A 363 40.66 32.28 -35.19
N ILE A 364 40.55 33.06 -36.27
CA ILE A 364 40.58 34.51 -36.16
C ILE A 364 39.30 35.02 -35.50
N THR A 365 38.14 34.59 -36.03
CA THR A 365 36.85 34.97 -35.48
C THR A 365 36.75 34.60 -34.00
N ALA A 366 37.24 33.41 -33.64
CA ALA A 366 37.16 32.98 -32.25
C ALA A 366 38.10 33.78 -31.37
N ALA A 367 39.31 34.07 -31.86
CA ALA A 367 40.24 34.88 -31.08
C ALA A 367 39.71 36.30 -30.90
N ILE A 368 39.02 36.83 -31.91
CA ILE A 368 38.46 38.17 -31.78
C ILE A 368 37.31 38.18 -30.79
N TYR A 369 36.43 37.17 -30.85
CA TYR A 369 35.34 37.09 -29.88
C TYR A 369 35.87 36.91 -28.47
N GLN A 370 36.82 36.00 -28.28
CA GLN A 370 37.37 35.77 -26.95
C GLN A 370 38.12 36.98 -26.43
N LEU A 371 38.69 37.79 -27.33
CA LEU A 371 39.38 39.00 -26.88
C LEU A 371 38.41 39.97 -26.21
N THR A 372 37.25 40.20 -26.84
CA THR A 372 36.28 41.10 -26.24
C THR A 372 35.67 40.50 -24.97
N GLN A 373 35.65 39.17 -24.85
CA GLN A 373 35.15 38.56 -23.62
C GLN A 373 36.13 38.74 -22.47
N HIS A 374 37.43 38.79 -22.77
CA HIS A 374 38.47 39.02 -21.77
C HIS A 374 39.14 40.38 -21.97
N PHE A 375 38.40 41.35 -22.48
CA PHE A 375 39.01 42.64 -22.82
C PHE A 375 39.62 43.28 -21.58
N PRO A 376 40.86 43.77 -21.65
CA PRO A 376 41.54 44.28 -20.47
C PRO A 376 41.37 45.79 -20.33
N ASP A 377 41.86 46.29 -19.20
CA ASP A 377 42.15 47.70 -19.00
C ASP A 377 43.67 47.85 -18.91
N ARG A 378 44.12 49.08 -18.63
CA ARG A 378 45.57 49.33 -18.59
C ARG A 378 46.25 48.61 -17.44
N THR A 379 45.49 48.06 -16.48
CA THR A 379 46.09 47.21 -15.46
C THR A 379 46.56 45.88 -16.04
N PHE A 380 45.85 45.38 -17.05
CA PHE A 380 46.14 44.10 -17.69
C PHE A 380 46.26 42.99 -16.64
N ALA A 381 45.12 42.73 -15.99
CA ALA A 381 45.06 41.68 -14.98
C ALA A 381 45.44 40.34 -15.60
N LEU A 382 46.35 39.63 -14.92
CA LEU A 382 46.91 38.41 -15.48
C LEU A 382 45.84 37.34 -15.73
N ALA A 383 44.76 37.36 -14.94
CA ALA A 383 43.70 36.38 -15.12
C ALA A 383 43.01 36.51 -16.47
N LEU A 384 42.92 37.74 -17.00
CA LEU A 384 42.25 37.95 -18.28
C LEU A 384 43.01 37.31 -19.42
N SER A 385 44.34 37.51 -19.47
CA SER A 385 45.14 36.95 -20.53
C SER A 385 45.42 35.46 -20.32
N ASP A 386 45.51 35.03 -19.07
CA ASP A 386 45.63 33.59 -18.79
C ASP A 386 44.40 32.84 -19.30
N ALA A 387 43.21 33.33 -18.97
CA ALA A 387 41.98 32.67 -19.42
C ALA A 387 41.87 32.72 -20.94
N PHE A 388 42.23 33.85 -21.54
CA PHE A 388 42.22 33.94 -23.00
C PHE A 388 43.16 32.91 -23.61
N ASN A 389 44.40 32.86 -23.12
CA ASN A 389 45.39 31.95 -23.68
C ASN A 389 44.94 30.49 -23.56
N HIS A 390 44.26 30.15 -22.47
CA HIS A 390 43.78 28.78 -22.31
C HIS A 390 42.68 28.46 -23.33
N GLU A 391 41.78 29.40 -23.58
CA GLU A 391 40.73 29.17 -24.57
C GLU A 391 41.34 29.00 -25.97
N ILE A 392 42.33 29.83 -26.31
CA ILE A 392 42.99 29.69 -27.60
C ILE A 392 43.75 28.37 -27.68
N GLU A 393 44.49 28.04 -26.62
CA GLU A 393 45.30 26.82 -26.60
C GLU A 393 44.42 25.58 -26.71
N ALA A 394 43.31 25.54 -25.97
CA ALA A 394 42.43 24.37 -26.02
C ALA A 394 41.70 24.29 -27.35
N MET A 395 41.34 25.43 -27.93
CA MET A 395 40.71 25.44 -29.25
C MET A 395 41.65 24.90 -30.32
N PHE A 396 42.92 25.29 -30.26
CA PHE A 396 43.86 24.88 -31.30
C PHE A 396 44.24 23.41 -31.16
N ASP A 397 44.61 22.99 -29.95
CA ASP A 397 45.06 21.61 -29.74
C ASP A 397 43.97 20.62 -30.07
N ASP A 398 42.71 20.96 -29.75
CA ASP A 398 41.61 20.05 -30.06
C ASP A 398 41.45 19.85 -31.56
N THR A 399 41.52 20.94 -32.33
CA THR A 399 41.44 20.82 -33.79
C THR A 399 42.68 20.17 -34.37
N ARG A 400 43.85 20.45 -33.77
CA ARG A 400 45.09 19.82 -34.22
C ARG A 400 44.99 18.31 -34.12
N ASP A 401 44.56 17.80 -32.96
CA ASP A 401 44.38 16.36 -32.79
C ASP A 401 43.33 15.81 -33.76
N PHE A 402 42.26 16.57 -33.98
CA PHE A 402 41.22 16.15 -34.92
C PHE A 402 41.78 16.03 -36.34
N ILE A 403 42.56 17.01 -36.79
CA ILE A 403 43.13 16.94 -38.12
C ILE A 403 44.08 15.76 -38.26
N GLN A 404 44.90 15.51 -37.23
CA GLN A 404 45.86 14.41 -37.31
C GLN A 404 45.16 13.07 -37.42
N ALA A 405 43.97 12.94 -36.82
CA ALA A 405 43.23 11.69 -36.90
C ALA A 405 42.80 11.38 -38.33
N HIS A 406 42.61 12.41 -39.17
CA HIS A 406 42.34 12.17 -40.59
C HIS A 406 43.44 11.34 -41.23
N PHE A 407 44.70 11.63 -40.90
CA PHE A 407 45.82 10.88 -41.46
C PHE A 407 46.05 9.57 -40.71
N TYR A 408 45.92 9.61 -39.38
CA TYR A 408 46.20 8.43 -38.57
C TYR A 408 45.19 7.32 -38.85
N VAL A 409 43.91 7.67 -39.01
CA VAL A 409 42.87 6.66 -39.21
C VAL A 409 42.75 6.23 -40.66
N SER A 410 43.17 7.06 -41.61
CA SER A 410 43.16 6.65 -43.01
C SER A 410 43.87 5.31 -43.18
N PRO A 411 43.35 4.40 -44.01
CA PRO A 411 43.98 3.09 -44.15
C PRO A 411 45.11 3.05 -45.17
N ARG A 412 45.46 4.18 -45.79
CA ARG A 412 46.48 4.18 -46.83
C ARG A 412 47.87 3.96 -46.23
N THR A 413 48.62 3.03 -46.84
CA THR A 413 50.02 2.76 -46.51
C THR A 413 50.88 2.69 -47.77
N ASP A 414 50.38 3.18 -48.90
CA ASP A 414 51.03 2.95 -50.18
C ASP A 414 52.25 3.82 -50.41
N THR A 415 52.38 4.95 -49.73
CA THR A 415 53.54 5.81 -49.86
C THR A 415 54.22 5.97 -48.52
N PRO A 416 55.49 6.39 -48.49
CA PRO A 416 56.15 6.63 -47.19
C PRO A 416 55.42 7.65 -46.33
N PHE A 417 54.81 8.67 -46.93
CA PHE A 417 54.08 9.67 -46.18
C PHE A 417 52.87 9.07 -45.48
N TRP A 418 51.99 8.42 -46.24
CA TRP A 418 50.78 7.85 -45.64
C TRP A 418 51.13 6.81 -44.60
N LYS A 419 52.19 6.03 -44.83
CA LYS A 419 52.59 5.02 -43.86
C LYS A 419 53.21 5.63 -42.61
N ALA A 420 53.97 6.72 -42.76
CA ALA A 420 54.62 7.34 -41.61
C ALA A 420 53.61 7.97 -40.66
N ASN A 421 52.47 8.43 -41.17
CA ASN A 421 51.45 9.00 -40.31
C ASN A 421 50.94 7.97 -39.30
N LYS A 422 50.98 6.69 -39.66
CA LYS A 422 50.61 5.62 -38.74
C LYS A 422 51.66 5.33 -37.70
N ASP A 423 52.85 5.91 -37.81
CA ASP A 423 53.93 5.69 -36.87
C ASP A 423 54.10 6.85 -35.89
N LEU A 424 53.36 7.93 -36.05
CA LEU A 424 53.42 9.06 -35.15
C LEU A 424 52.67 8.75 -33.86
N HIS A 425 53.10 9.38 -32.77
CA HIS A 425 52.46 9.19 -31.48
C HIS A 425 51.03 9.73 -31.50
N LEU A 426 50.08 8.88 -31.16
CA LEU A 426 48.69 9.30 -31.06
C LEU A 426 48.44 9.91 -29.68
N PRO A 427 47.92 11.13 -29.62
CA PRO A 427 47.61 11.73 -28.30
C PRO A 427 46.64 10.88 -27.51
N GLU A 428 46.81 10.91 -26.19
CA GLU A 428 46.03 10.04 -25.31
C GLU A 428 44.53 10.32 -25.43
N GLN A 429 44.15 11.60 -25.58
CA GLN A 429 42.73 11.91 -25.66
C GLN A 429 42.13 11.42 -26.97
N MET A 430 42.90 11.43 -28.06
CA MET A 430 42.38 10.86 -29.30
C MET A 430 42.39 9.34 -29.27
N ARG A 431 43.34 8.74 -28.55
CA ARG A 431 43.29 7.30 -28.33
C ARG A 431 41.99 6.92 -27.62
N GLU A 432 41.61 7.68 -26.59
CA GLU A 432 40.37 7.41 -25.88
C GLU A 432 39.16 7.55 -26.80
N LYS A 433 39.15 8.58 -27.64
CA LYS A 433 38.01 8.81 -28.52
C LYS A 433 37.84 7.66 -29.52
N ILE A 434 38.95 7.14 -30.04
CA ILE A 434 38.86 6.02 -30.97
C ILE A 434 38.42 4.75 -30.25
N ALA A 435 38.92 4.53 -29.03
CA ALA A 435 38.48 3.38 -28.25
C ALA A 435 37.00 3.49 -27.90
N MET A 436 36.54 4.71 -27.56
CA MET A 436 35.12 4.92 -27.30
C MET A 436 34.30 4.66 -28.56
N TYR A 437 34.70 5.26 -29.68
CA TYR A 437 34.01 5.02 -30.95
C TYR A 437 33.93 3.53 -31.28
N LYS A 438 34.99 2.77 -30.98
CA LYS A 438 34.97 1.35 -31.29
C LYS A 438 34.01 0.60 -30.36
N ALA A 439 33.94 1.00 -29.10
CA ALA A 439 33.00 0.39 -28.16
C ALA A 439 31.55 0.77 -28.44
N GLY A 440 31.31 1.65 -29.42
CA GLY A 440 29.97 2.05 -29.79
C GLY A 440 29.50 3.36 -29.18
N LEU A 441 30.29 3.98 -28.32
CA LEU A 441 29.86 5.20 -27.65
C LEU A 441 29.83 6.38 -28.62
N PRO A 442 28.99 7.37 -28.34
CA PRO A 442 29.12 8.66 -29.02
C PRO A 442 30.31 9.45 -28.49
N ILE A 443 30.85 10.29 -29.36
CA ILE A 443 31.95 11.19 -29.02
C ILE A 443 31.40 12.60 -29.03
N ASN A 444 31.41 13.27 -27.88
CA ASN A 444 31.00 14.67 -27.79
C ASN A 444 29.66 14.91 -28.48
N ALA A 445 28.66 14.11 -28.12
CA ALA A 445 27.33 14.30 -28.66
C ALA A 445 26.83 15.70 -28.33
N PRO A 446 26.03 16.31 -29.21
CA PRO A 446 25.51 17.65 -28.92
C PRO A 446 24.40 17.61 -27.90
N VAL A 447 24.44 18.56 -26.95
CA VAL A 447 23.46 18.62 -25.87
C VAL A 447 22.35 19.61 -26.13
N THR A 448 22.45 20.41 -27.19
CA THR A 448 21.42 21.39 -27.54
C THR A 448 20.95 21.15 -28.96
N ASP A 449 19.88 21.85 -29.35
CA ASP A 449 19.42 21.77 -30.72
C ASP A 449 20.29 22.64 -31.62
N GLU A 450 20.06 22.52 -32.93
CA GLU A 450 20.92 23.18 -33.90
C GLU A 450 20.74 24.70 -33.88
N SER A 451 19.56 25.18 -33.52
CA SER A 451 19.35 26.63 -33.44
C SER A 451 20.20 27.27 -32.35
N THR A 452 20.26 26.64 -31.17
CA THR A 452 21.10 27.17 -30.09
C THR A 452 22.57 27.03 -30.44
N TYR A 453 22.96 25.89 -31.02
CA TYR A 453 24.35 25.61 -31.35
C TYR A 453 24.93 26.70 -32.24
N TYR A 454 24.23 27.05 -33.32
CA TYR A 454 24.70 28.10 -34.22
C TYR A 454 24.24 29.49 -33.81
N GLY A 455 23.30 29.60 -32.87
CA GLY A 455 22.82 30.89 -32.42
C GLY A 455 23.76 31.60 -31.48
N ARG A 456 24.36 30.86 -30.55
CA ARG A 456 25.26 31.40 -29.55
C ARG A 456 26.64 30.80 -29.75
N PHE A 457 27.66 31.66 -29.86
CA PHE A 457 29.01 31.19 -30.18
C PHE A 457 29.61 30.36 -29.04
N GLU A 458 29.26 30.67 -27.80
CA GLU A 458 29.84 29.93 -26.68
C GLU A 458 29.36 28.48 -26.63
N ALA A 459 28.16 28.21 -27.14
CA ALA A 459 27.67 26.83 -27.17
C ALA A 459 28.48 25.99 -28.15
N GLU A 460 28.78 26.54 -29.32
CA GLU A 460 29.57 25.80 -30.30
C GLU A 460 31.03 25.70 -29.87
N PHE A 461 31.56 26.79 -29.29
CA PHE A 461 32.96 26.80 -28.88
C PHE A 461 33.27 25.69 -27.89
N ARG A 462 32.35 25.42 -26.96
CA ARG A 462 32.56 24.39 -25.95
C ARG A 462 32.35 22.98 -26.48
N ASN A 463 31.93 22.84 -27.74
CA ASN A 463 31.74 21.53 -28.34
C ASN A 463 31.85 21.63 -29.86
N PHE A 464 33.05 21.97 -30.35
CA PHE A 464 33.17 22.35 -31.76
C PHE A 464 33.09 21.14 -32.68
N TRP A 465 33.79 20.07 -32.36
CA TRP A 465 33.73 18.85 -33.16
C TRP A 465 32.78 17.88 -32.45
N THR A 466 31.56 17.76 -32.98
CA THR A 466 30.55 16.96 -32.31
C THR A 466 30.64 15.50 -32.77
N ASN A 467 29.70 14.69 -32.30
CA ASN A 467 29.65 13.28 -32.65
C ASN A 467 29.51 13.08 -34.16
N GLY A 468 28.68 13.90 -34.81
CA GLY A 468 28.54 13.79 -36.24
C GLY A 468 29.85 13.93 -37.00
N SER A 469 30.73 14.82 -36.50
CA SER A 469 31.99 15.06 -37.19
C SER A 469 32.94 13.88 -37.04
N TYR A 470 33.02 13.31 -35.83
CA TYR A 470 33.88 12.14 -35.64
C TYR A 470 33.38 10.96 -36.45
N TYR A 471 32.06 10.82 -36.60
CA TYR A 471 31.53 9.75 -37.45
C TYR A 471 31.78 10.06 -38.92
N CYS A 472 31.68 11.33 -39.32
CA CYS A 472 31.96 11.68 -40.71
C CYS A 472 33.37 11.27 -41.12
N ILE A 473 34.34 11.49 -40.22
CA ILE A 473 35.74 11.19 -40.53
C ILE A 473 36.04 9.71 -40.32
N PHE A 474 35.71 9.17 -39.13
CA PHE A 474 36.02 7.78 -38.83
C PHE A 474 35.32 6.84 -39.80
N ALA A 475 33.99 6.96 -39.93
CA ALA A 475 33.26 6.11 -40.86
C ALA A 475 33.58 6.45 -42.31
N GLY A 476 33.88 7.72 -42.59
CA GLY A 476 34.28 8.08 -43.94
C GLY A 476 35.55 7.37 -44.35
N LEU A 477 36.51 7.27 -43.44
CA LEU A 477 37.77 6.57 -43.65
C LEU A 477 37.65 5.05 -43.48
N GLY A 478 36.45 4.53 -43.30
CA GLY A 478 36.24 3.09 -43.26
C GLY A 478 36.33 2.45 -41.89
N LEU A 479 36.48 3.23 -40.82
CA LEU A 479 36.51 2.69 -39.47
C LEU A 479 35.11 2.72 -38.87
N ARG A 480 34.66 1.56 -38.40
CA ARG A 480 33.35 1.39 -37.80
C ARG A 480 33.50 0.77 -36.41
N PRO A 481 32.52 0.98 -35.53
CA PRO A 481 32.61 0.39 -34.18
C PRO A 481 32.72 -1.13 -34.24
N ASP A 482 33.46 -1.69 -33.28
CA ASP A 482 33.52 -3.14 -33.11
C ASP A 482 32.13 -3.73 -33.00
N ASN A 483 31.23 -3.03 -32.34
CA ASN A 483 29.85 -3.45 -32.14
C ASN A 483 29.01 -2.20 -31.93
N PRO A 484 27.70 -2.30 -32.12
CA PRO A 484 26.83 -1.14 -31.86
C PRO A 484 26.76 -0.83 -30.38
N LEU A 485 26.15 0.31 -30.08
CA LEU A 485 25.91 0.73 -28.71
C LEU A 485 25.17 -0.37 -27.95
N PRO A 486 25.74 -0.91 -26.87
CA PRO A 486 25.14 -2.09 -26.23
C PRO A 486 23.71 -1.88 -25.76
N MET A 487 23.35 -0.66 -25.33
CA MET A 487 22.00 -0.43 -24.84
C MET A 487 20.96 -0.65 -25.93
N LEU A 488 21.33 -0.42 -27.20
CA LEU A 488 20.40 -0.61 -28.29
C LEU A 488 19.89 -2.05 -28.36
N ARG A 489 20.74 -3.02 -27.98
CA ARG A 489 20.27 -4.41 -27.97
C ARG A 489 19.21 -4.64 -26.90
N HIS A 490 19.07 -3.72 -25.94
CA HIS A 490 18.01 -3.78 -24.96
C HIS A 490 16.79 -2.95 -25.36
N ARG A 491 16.89 -2.13 -26.41
CA ARG A 491 15.81 -1.26 -26.86
C ARG A 491 15.48 -1.57 -28.31
N PRO A 492 14.98 -2.78 -28.61
CA PRO A 492 14.66 -3.10 -30.01
C PRO A 492 13.56 -2.24 -30.59
N GLU A 493 12.60 -1.80 -29.77
CA GLU A 493 11.56 -0.91 -30.27
C GLU A 493 12.13 0.44 -30.68
N GLN A 494 13.20 0.91 -30.00
CA GLN A 494 13.89 2.12 -30.44
C GLN A 494 14.46 1.95 -31.84
N VAL A 495 15.14 0.81 -32.08
CA VAL A 495 15.70 0.55 -33.39
C VAL A 495 14.62 0.55 -34.46
N ARG A 496 13.50 -0.13 -34.19
CA ARG A 496 12.41 -0.17 -35.16
C ARG A 496 11.83 1.23 -35.39
N GLU A 497 11.65 2.01 -34.32
CA GLU A 497 11.09 3.35 -34.47
C GLU A 497 12.06 4.29 -35.18
N ALA A 498 13.35 4.14 -34.93
CA ALA A 498 14.34 5.09 -35.46
C ALA A 498 14.52 4.96 -36.96
N GLN A 499 14.05 3.87 -37.58
CA GLN A 499 14.20 3.72 -39.02
C GLN A 499 13.43 4.79 -39.78
N ALA A 500 12.36 5.33 -39.19
CA ALA A 500 11.63 6.41 -39.84
C ALA A 500 12.52 7.62 -40.10
N LEU A 501 13.59 7.78 -39.31
CA LEU A 501 14.53 8.87 -39.55
C LEU A 501 15.32 8.65 -40.84
N PHE A 502 15.71 7.41 -41.13
CA PHE A 502 16.42 7.14 -42.37
C PHE A 502 15.52 7.34 -43.58
N ALA A 503 14.26 6.96 -43.46
CA ALA A 503 13.31 7.19 -44.55
C ALA A 503 13.04 8.68 -44.75
N GLY A 504 13.16 9.48 -43.68
CA GLY A 504 12.97 10.90 -43.83
C GLY A 504 14.14 11.58 -44.51
N VAL A 505 15.36 11.10 -44.25
CA VAL A 505 16.52 11.60 -44.97
C VAL A 505 16.37 11.31 -46.46
N LYS A 506 15.96 10.08 -46.81
CA LYS A 506 15.73 9.75 -48.22
C LYS A 506 14.67 10.65 -48.84
N ASP A 507 13.63 10.99 -48.07
CA ASP A 507 12.62 11.94 -48.55
C ASP A 507 13.24 13.30 -48.79
N LYS A 508 14.05 13.78 -47.85
CA LYS A 508 14.68 15.09 -48.01
C LYS A 508 15.66 15.10 -49.17
N GLN A 509 16.38 14.00 -49.38
CA GLN A 509 17.32 13.92 -50.49
C GLN A 509 16.61 14.04 -51.83
N ARG A 510 15.43 13.42 -51.96
CA ARG A 510 14.70 13.49 -53.23
C ARG A 510 14.21 14.91 -53.50
N GLU A 511 13.62 15.57 -52.50
CA GLU A 511 13.06 16.90 -52.73
C GLU A 511 14.15 17.94 -52.92
N LEU A 512 15.27 17.81 -52.20
CA LEU A 512 16.35 18.78 -52.34
C LEU A 512 16.96 18.72 -53.73
N VAL A 513 17.19 17.52 -54.26
CA VAL A 513 17.72 17.39 -55.61
C VAL A 513 16.71 17.87 -56.64
N GLU A 514 15.43 17.61 -56.39
CA GLU A 514 14.39 17.87 -57.38
C GLU A 514 13.89 19.31 -57.40
N THR A 515 13.99 20.04 -56.28
CA THR A 515 13.43 21.39 -56.21
C THR A 515 14.46 22.50 -56.01
N LEU A 516 15.63 22.22 -55.44
CA LEU A 516 16.59 23.28 -55.20
C LEU A 516 17.18 23.76 -56.54
N PRO A 517 17.54 25.04 -56.62
CA PRO A 517 18.28 25.52 -57.79
C PRO A 517 19.73 25.07 -57.71
N SER A 518 20.38 25.07 -58.87
CA SER A 518 21.79 24.74 -58.89
C SER A 518 22.60 25.81 -58.16
N ASN A 519 23.77 25.42 -57.67
CA ASN A 519 24.65 26.38 -57.02
C ASN A 519 25.06 27.48 -58.00
N LEU A 520 25.24 27.13 -59.27
CA LEU A 520 25.57 28.13 -60.29
C LEU A 520 24.44 29.15 -60.46
N GLU A 521 23.19 28.68 -60.48
CA GLU A 521 22.06 29.59 -60.64
C GLU A 521 22.00 30.63 -59.53
N PHE A 522 22.20 30.20 -58.28
CA PHE A 522 22.16 31.15 -57.18
C PHE A 522 23.32 32.14 -57.26
N LEU A 523 24.53 31.65 -57.56
CA LEU A 523 25.68 32.54 -57.67
C LEU A 523 25.47 33.58 -58.76
N ARG A 524 24.86 33.19 -59.88
CA ARG A 524 24.61 34.15 -60.95
C ARG A 524 23.53 35.15 -60.55
N SER A 525 22.55 34.74 -59.76
CA SER A 525 21.59 35.69 -59.23
C SER A 525 22.23 36.63 -58.22
N LEU A 526 23.18 36.12 -57.44
CA LEU A 526 23.82 36.90 -56.39
C LEU A 526 24.86 37.86 -56.95
N HIS A 527 25.62 37.43 -57.96
CA HIS A 527 26.71 38.23 -58.51
C HIS A 527 26.37 38.92 -59.83
N GLY A 528 25.36 38.43 -60.55
CA GLY A 528 24.99 39.02 -61.82
C GLY A 528 24.35 40.39 -61.69
N ASP B 2 -25.98 -55.93 32.35
CA ASP B 2 -27.38 -56.33 32.27
C ASP B 2 -28.26 -55.38 33.07
N ASN B 3 -28.15 -54.08 32.79
CA ASN B 3 -28.90 -53.06 33.50
C ASN B 3 -30.09 -52.53 32.70
N ARG B 4 -30.42 -53.19 31.58
CA ARG B 4 -31.51 -52.75 30.72
C ARG B 4 -32.83 -52.70 31.47
N ILE B 5 -33.58 -51.61 31.28
CA ILE B 5 -34.94 -51.53 31.79
C ILE B 5 -35.79 -52.58 31.08
N ASN B 6 -36.45 -53.43 31.85
CA ASN B 6 -37.24 -54.52 31.28
C ASN B 6 -38.73 -54.26 31.28
N ARG B 7 -39.29 -53.75 32.38
CA ARG B 7 -40.74 -53.57 32.50
C ARG B 7 -41.05 -52.13 32.88
N ILE B 8 -42.03 -51.55 32.18
CA ILE B 8 -42.51 -50.20 32.46
C ILE B 8 -44.00 -50.28 32.78
N VAL B 9 -44.40 -49.62 33.87
CA VAL B 9 -45.79 -49.62 34.32
C VAL B 9 -46.26 -48.17 34.37
N ILE B 10 -47.36 -47.88 33.66
CA ILE B 10 -47.94 -46.55 33.60
C ILE B 10 -49.22 -46.57 34.40
N LEU B 11 -49.41 -45.57 35.26
CA LEU B 11 -50.63 -45.42 36.07
C LEU B 11 -51.40 -44.22 35.53
N GLY B 12 -52.55 -44.48 34.92
CA GLY B 12 -53.42 -43.44 34.34
C GLY B 12 -53.65 -43.72 32.86
N GLY B 13 -54.91 -43.61 32.45
CA GLY B 13 -55.30 -43.97 31.10
C GLY B 13 -56.06 -42.91 30.32
N GLY B 14 -55.73 -41.66 30.55
CA GLY B 14 -56.23 -40.55 29.76
C GLY B 14 -55.32 -40.29 28.58
N THR B 15 -55.30 -39.03 28.15
CA THR B 15 -54.40 -38.63 27.07
C THR B 15 -52.95 -38.85 27.45
N ALA B 16 -52.59 -38.51 28.70
CA ALA B 16 -51.21 -38.65 29.16
C ALA B 16 -50.73 -40.10 29.07
N GLY B 17 -51.49 -41.03 29.64
CA GLY B 17 -51.03 -42.41 29.69
C GLY B 17 -50.90 -43.03 28.32
N TRP B 18 -51.85 -42.77 27.44
CA TRP B 18 -51.86 -43.44 26.14
C TRP B 18 -50.95 -42.77 25.12
N MET B 19 -50.65 -41.49 25.29
CA MET B 19 -49.54 -40.91 24.53
C MET B 19 -48.21 -41.48 25.02
N THR B 20 -48.06 -41.62 26.33
CA THR B 20 -46.85 -42.21 26.90
C THR B 20 -46.69 -43.66 26.46
N ALA B 21 -47.77 -44.44 26.55
CA ALA B 21 -47.67 -45.86 26.23
C ALA B 21 -47.43 -46.09 24.74
N SER B 22 -47.96 -45.21 23.89
CA SER B 22 -47.78 -45.39 22.45
C SER B 22 -46.38 -44.99 21.99
N TYR B 23 -45.86 -43.89 22.53
CA TYR B 23 -44.56 -43.40 22.07
C TYR B 23 -43.43 -44.30 22.56
N LEU B 24 -43.47 -44.69 23.84
CA LEU B 24 -42.42 -45.55 24.38
C LEU B 24 -42.43 -46.92 23.71
N ALA B 25 -43.61 -47.51 23.53
CA ALA B 25 -43.68 -48.84 22.92
C ALA B 25 -43.16 -48.83 21.49
N LYS B 26 -43.44 -47.75 20.75
CA LYS B 26 -42.88 -47.63 19.41
C LYS B 26 -41.38 -47.36 19.46
N ALA B 27 -40.92 -46.67 20.50
CA ALA B 27 -39.50 -46.35 20.60
C ALA B 27 -38.67 -47.54 21.10
N LEU B 28 -39.28 -48.45 21.87
CA LEU B 28 -38.54 -49.53 22.50
C LEU B 28 -38.80 -50.90 21.88
N GLY B 29 -39.89 -51.08 21.15
CA GLY B 29 -40.15 -52.33 20.48
C GLY B 29 -40.44 -53.46 21.47
N ASP B 30 -40.01 -54.67 21.10
CA ASP B 30 -40.17 -55.86 21.92
C ASP B 30 -39.07 -56.02 22.96
N THR B 31 -38.26 -54.99 23.17
CA THR B 31 -37.19 -55.04 24.17
C THR B 31 -37.69 -54.69 25.57
N VAL B 32 -38.95 -54.26 25.71
CA VAL B 32 -39.49 -53.81 26.98
C VAL B 32 -40.95 -54.27 27.08
N THR B 33 -41.42 -54.39 28.31
CA THR B 33 -42.80 -54.72 28.61
C THR B 33 -43.48 -53.47 29.19
N ILE B 34 -44.56 -53.04 28.54
CA ILE B 34 -45.31 -51.86 28.95
C ILE B 34 -46.72 -52.28 29.30
N THR B 35 -47.12 -52.02 30.54
CA THR B 35 -48.48 -52.30 31.02
C THR B 35 -49.05 -51.06 31.65
N LEU B 36 -50.24 -50.68 31.19
CA LEU B 36 -50.90 -49.45 31.60
C LEU B 36 -52.08 -49.81 32.51
N LEU B 37 -52.02 -49.38 33.77
CA LEU B 37 -53.13 -49.57 34.72
C LEU B 37 -54.00 -48.31 34.67
N GLU B 38 -55.15 -48.42 34.02
CA GLU B 38 -55.96 -47.23 33.72
C GLU B 38 -56.63 -46.69 34.99
N ALA B 39 -56.38 -45.42 35.28
CA ALA B 39 -56.99 -44.75 36.41
C ALA B 39 -57.45 -43.35 36.02
N GLY B 46 -67.00 -33.60 26.27
CA GLY B 46 -66.00 -33.16 25.30
C GLY B 46 -65.88 -31.65 25.22
N VAL B 47 -65.12 -31.07 26.16
CA VAL B 47 -64.97 -29.62 26.19
C VAL B 47 -63.84 -29.13 25.29
N GLY B 48 -63.15 -30.03 24.60
CA GLY B 48 -62.21 -29.65 23.56
C GLY B 48 -60.80 -29.41 24.09
N GLU B 49 -59.83 -29.55 23.18
CA GLU B 49 -58.45 -29.28 23.51
C GLU B 49 -57.73 -28.78 22.26
N ALA B 50 -56.83 -27.82 22.45
CA ALA B 50 -56.05 -27.22 21.37
C ALA B 50 -54.60 -27.68 21.49
N THR B 51 -53.86 -27.51 20.40
CA THR B 51 -52.51 -28.07 20.29
C THR B 51 -51.59 -27.06 19.59
N VAL B 52 -50.38 -27.51 19.31
CA VAL B 52 -49.38 -26.72 18.60
C VAL B 52 -48.83 -27.57 17.46
N PRO B 53 -48.26 -26.93 16.43
CA PRO B 53 -47.93 -27.66 15.20
C PRO B 53 -46.97 -28.83 15.37
N ASN B 54 -46.13 -28.85 16.41
CA ASN B 54 -45.16 -29.93 16.52
C ASN B 54 -45.79 -31.27 16.90
N LEU B 55 -47.08 -31.30 17.24
CA LEU B 55 -47.71 -32.54 17.69
C LEU B 55 -47.65 -33.62 16.62
N GLN B 56 -47.88 -33.25 15.36
CA GLN B 56 -47.81 -34.23 14.28
C GLN B 56 -46.38 -34.71 14.08
N ARG B 57 -45.42 -33.78 14.11
CA ARG B 57 -44.04 -34.11 13.79
C ARG B 57 -43.39 -34.93 14.89
N VAL B 58 -43.59 -34.54 16.15
CA VAL B 58 -42.93 -35.24 17.25
C VAL B 58 -43.66 -36.52 17.60
N PHE B 59 -44.99 -36.48 17.64
CA PHE B 59 -45.74 -37.61 18.16
C PHE B 59 -46.32 -38.50 17.08
N PHE B 60 -47.28 -37.99 16.30
CA PHE B 60 -48.02 -38.85 15.38
C PHE B 60 -47.11 -39.43 14.29
N ASP B 61 -46.21 -38.62 13.74
CA ASP B 61 -45.31 -39.13 12.72
C ASP B 61 -44.34 -40.16 13.27
N PHE B 62 -43.99 -40.06 14.56
CA PHE B 62 -43.18 -41.10 15.18
C PHE B 62 -43.92 -42.42 15.25
N LEU B 63 -45.25 -42.37 15.26
CA LEU B 63 -46.08 -43.56 15.21
C LEU B 63 -46.49 -43.93 13.79
N GLY B 64 -46.14 -43.11 12.80
CA GLY B 64 -46.52 -43.40 11.43
C GLY B 64 -47.98 -43.14 11.11
N LEU B 65 -48.60 -42.19 11.81
CA LEU B 65 -50.03 -41.93 11.68
C LEU B 65 -50.25 -40.59 10.99
N ARG B 66 -50.85 -40.62 9.81
CA ARG B 66 -51.16 -39.41 9.06
C ARG B 66 -52.44 -38.77 9.59
N GLU B 67 -52.51 -37.43 9.49
CA GLU B 67 -53.72 -36.71 9.87
C GLU B 67 -54.95 -37.24 9.15
N GLU B 68 -54.78 -37.68 7.90
CA GLU B 68 -55.87 -38.29 7.15
C GLU B 68 -56.36 -39.58 7.80
N GLU B 69 -55.67 -40.09 8.82
CA GLU B 69 -56.11 -41.26 9.55
C GLU B 69 -56.61 -40.95 10.95
N TRP B 70 -55.83 -40.22 11.75
CA TRP B 70 -56.21 -40.01 13.15
C TRP B 70 -57.20 -38.87 13.36
N MET B 71 -57.18 -37.84 12.51
CA MET B 71 -58.16 -36.77 12.65
C MET B 71 -59.60 -37.24 12.50
N PRO B 72 -59.96 -38.10 11.54
CA PRO B 72 -61.35 -38.56 11.46
C PRO B 72 -61.79 -39.39 12.65
N GLU B 73 -60.87 -39.89 13.47
CA GLU B 73 -61.25 -40.71 14.61
C GLU B 73 -61.46 -39.92 15.89
N CYS B 74 -61.02 -38.66 15.95
CA CYS B 74 -61.12 -37.86 17.15
CA CYS B 74 -61.16 -37.87 17.17
C CYS B 74 -61.89 -36.55 16.91
N ASN B 75 -62.68 -36.47 15.84
CA ASN B 75 -63.47 -35.28 15.52
C ASN B 75 -62.59 -34.03 15.44
N ALA B 76 -61.38 -34.19 14.91
CA ALA B 76 -60.37 -33.14 14.99
C ALA B 76 -60.63 -32.03 13.97
N ALA B 77 -60.14 -30.83 14.30
CA ALA B 77 -60.32 -29.64 13.47
C ALA B 77 -59.01 -28.86 13.47
N PHE B 78 -58.99 -27.75 12.72
CA PHE B 78 -57.76 -27.01 12.50
C PHE B 78 -57.70 -25.75 13.36
N LYS B 79 -56.47 -25.39 13.74
CA LYS B 79 -56.19 -24.21 14.53
C LYS B 79 -55.06 -23.43 13.89
N THR B 80 -55.35 -22.19 13.48
CA THR B 80 -54.36 -21.31 12.88
C THR B 80 -53.75 -20.33 13.88
N ALA B 81 -54.44 -20.05 14.98
CA ALA B 81 -53.99 -19.08 15.96
C ALA B 81 -54.84 -19.21 17.21
N VAL B 82 -54.42 -18.48 18.25
CA VAL B 82 -55.30 -18.11 19.35
C VAL B 82 -55.79 -16.69 19.06
N LYS B 83 -57.10 -16.50 19.10
CA LYS B 83 -57.71 -15.18 18.93
C LYS B 83 -58.14 -14.64 20.29
N PHE B 84 -57.52 -13.55 20.72
CA PHE B 84 -57.82 -12.92 22.00
C PHE B 84 -58.86 -11.84 21.80
N ILE B 85 -59.90 -11.85 22.65
CA ILE B 85 -61.06 -11.00 22.47
C ILE B 85 -61.31 -10.20 23.74
N ASN B 86 -61.42 -8.88 23.60
CA ASN B 86 -61.81 -7.96 24.67
C ASN B 86 -60.80 -7.91 25.81
N TRP B 87 -59.52 -8.08 25.50
CA TRP B 87 -58.46 -7.97 26.49
C TRP B 87 -58.00 -6.54 26.72
N ARG B 88 -58.45 -5.59 25.90
CA ARG B 88 -58.08 -4.19 26.08
C ARG B 88 -59.22 -3.30 26.51
N THR B 89 -60.48 -3.74 26.37
CA THR B 89 -61.63 -2.89 26.65
C THR B 89 -62.42 -3.39 27.85
N PRO B 90 -62.95 -2.50 28.67
CA PRO B 90 -63.76 -2.93 29.81
C PRO B 90 -65.15 -3.36 29.37
N GLY B 91 -65.78 -4.17 30.21
CA GLY B 91 -67.12 -4.63 29.93
C GLY B 91 -67.41 -6.02 30.42
N PRO B 92 -68.60 -6.53 30.12
CA PRO B 92 -68.99 -7.86 30.57
C PRO B 92 -68.30 -8.94 29.74
N GLY B 93 -68.37 -10.17 30.25
CA GLY B 93 -67.87 -11.31 29.52
C GLY B 93 -68.80 -11.68 28.37
N GLU B 94 -68.42 -11.28 27.15
CA GLU B 94 -69.25 -11.50 25.98
C GLU B 94 -68.41 -12.06 24.85
N ALA B 95 -69.04 -12.88 24.01
CA ALA B 95 -68.32 -13.56 22.94
C ALA B 95 -68.01 -12.65 21.75
N LYS B 96 -68.64 -11.47 21.68
CA LYS B 96 -68.43 -10.55 20.57
C LYS B 96 -67.41 -9.49 20.96
N ALA B 97 -66.51 -9.19 20.02
CA ALA B 97 -65.49 -8.18 20.27
C ALA B 97 -66.12 -6.80 20.41
N ARG B 98 -65.60 -6.03 21.37
CA ARG B 98 -66.03 -4.65 21.53
C ARG B 98 -65.29 -3.75 20.54
N THR B 99 -65.77 -2.52 20.40
CA THR B 99 -65.20 -1.57 19.45
C THR B 99 -64.27 -0.61 20.19
N ILE B 100 -63.03 -0.52 19.70
CA ILE B 100 -62.04 0.40 20.25
C ILE B 100 -61.31 1.06 19.09
N ASP B 101 -61.43 2.39 19.00
CA ASP B 101 -60.75 3.18 17.97
C ASP B 101 -61.13 2.71 16.57
N GLY B 102 -62.43 2.47 16.38
CA GLY B 102 -62.92 2.05 15.07
C GLY B 102 -62.63 0.61 14.69
N ARG B 103 -61.94 -0.16 15.54
CA ARG B 103 -61.65 -1.55 15.24
C ARG B 103 -62.17 -2.44 16.35
N PRO B 104 -62.62 -3.65 16.00
CA PRO B 104 -62.99 -4.62 17.05
C PRO B 104 -61.78 -4.97 17.92
N ASP B 105 -62.04 -5.16 19.21
CA ASP B 105 -60.99 -5.46 20.19
C ASP B 105 -60.69 -6.95 20.13
N HIS B 106 -59.93 -7.33 19.11
CA HIS B 106 -59.37 -8.68 19.05
C HIS B 106 -57.99 -8.61 18.41
N PHE B 107 -57.20 -9.66 18.66
CA PHE B 107 -55.91 -9.80 18.00
C PHE B 107 -55.53 -11.27 18.01
N TYR B 108 -54.72 -11.66 17.02
CA TYR B 108 -54.35 -13.04 16.77
C TYR B 108 -52.94 -13.35 17.26
N HIS B 109 -52.74 -14.62 17.64
CA HIS B 109 -51.43 -15.17 17.94
C HIS B 109 -51.22 -16.37 17.00
N PRO B 110 -50.80 -16.13 15.76
CA PRO B 110 -50.63 -17.23 14.80
C PRO B 110 -49.32 -17.97 15.02
N PHE B 111 -49.20 -19.10 14.33
CA PHE B 111 -47.98 -19.90 14.36
C PHE B 111 -47.02 -19.37 13.31
N GLY B 112 -45.98 -20.15 12.99
CA GLY B 112 -45.00 -19.74 11.99
C GLY B 112 -43.97 -18.79 12.57
N LEU B 113 -42.99 -18.45 11.74
CA LEU B 113 -41.94 -17.51 12.10
C LEU B 113 -42.08 -16.23 11.28
N LEU B 114 -41.72 -15.11 11.89
CA LEU B 114 -41.77 -13.85 11.18
C LEU B 114 -40.60 -13.74 10.20
N PRO B 115 -40.84 -13.23 9.00
CA PRO B 115 -39.73 -13.03 8.04
C PRO B 115 -38.82 -11.90 8.48
N GLU B 116 -37.65 -11.85 7.86
CA GLU B 116 -36.64 -10.86 8.16
C GLU B 116 -36.22 -10.12 6.90
N HIS B 117 -35.70 -8.91 7.11
CA HIS B 117 -34.98 -8.16 6.09
C HIS B 117 -33.82 -7.46 6.77
N GLY B 118 -32.61 -7.65 6.22
CA GLY B 118 -31.43 -7.15 6.90
C GLY B 118 -31.25 -7.72 8.29
N GLN B 119 -31.62 -8.98 8.49
CA GLN B 119 -31.50 -9.69 9.77
C GLN B 119 -32.36 -9.06 10.87
N VAL B 120 -33.38 -8.29 10.49
CA VAL B 120 -34.26 -7.60 11.43
C VAL B 120 -35.68 -8.14 11.21
N PRO B 121 -36.35 -8.61 12.25
CA PRO B 121 -37.70 -9.18 12.06
C PRO B 121 -38.68 -8.14 11.53
N LEU B 122 -39.70 -8.63 10.82
CA LEU B 122 -40.69 -7.76 10.22
C LEU B 122 -41.45 -6.97 11.28
N SER B 123 -41.54 -7.51 12.51
CA SER B 123 -42.21 -6.80 13.59
C SER B 123 -41.59 -5.43 13.84
N HIS B 124 -40.27 -5.33 13.70
CA HIS B 124 -39.57 -4.10 14.03
C HIS B 124 -39.72 -3.04 12.95
N TYR B 125 -39.94 -3.46 11.69
CA TYR B 125 -40.30 -2.49 10.66
C TYR B 125 -41.75 -2.03 10.84
N TRP B 126 -42.62 -2.92 11.31
CA TRP B 126 -43.98 -2.49 11.63
C TRP B 126 -43.97 -1.45 12.75
N ALA B 127 -43.17 -1.67 13.79
CA ALA B 127 -43.06 -0.70 14.86
C ALA B 127 -42.47 0.61 14.37
N TYR B 128 -41.50 0.52 13.44
CA TYR B 128 -40.92 1.73 12.87
C TYR B 128 -41.98 2.52 12.10
N ASN B 129 -42.78 1.84 11.28
CA ASN B 129 -43.81 2.52 10.52
C ASN B 129 -44.89 3.10 11.43
N ARG B 130 -45.22 2.40 12.52
CA ARG B 130 -46.18 2.93 13.48
C ARG B 130 -45.65 4.22 14.11
N ALA B 131 -44.40 4.20 14.58
CA ALA B 131 -43.81 5.38 15.21
C ALA B 131 -43.62 6.52 14.22
N ALA B 132 -43.36 6.19 12.96
CA ALA B 132 -43.27 7.21 11.92
C ALA B 132 -44.61 7.88 11.64
N GLY B 133 -45.71 7.28 12.10
CA GLY B 133 -47.03 7.85 11.90
C GLY B 133 -47.61 7.65 10.53
N THR B 134 -46.97 6.85 9.68
CA THR B 134 -47.44 6.61 8.32
C THR B 134 -48.46 5.47 8.22
N THR B 135 -48.63 4.67 9.27
CA THR B 135 -49.62 3.61 9.27
C THR B 135 -50.22 3.47 10.66
N ASP B 136 -51.47 3.02 10.71
CA ASP B 136 -52.14 2.71 11.96
C ASP B 136 -52.60 1.25 12.00
N GLU B 137 -52.11 0.42 11.09
CA GLU B 137 -52.53 -0.96 11.02
C GLU B 137 -52.09 -1.71 12.28
N PRO B 138 -52.90 -2.63 12.79
CA PRO B 138 -52.45 -3.47 13.91
C PRO B 138 -51.36 -4.43 13.47
N PHE B 139 -50.52 -4.81 14.45
CA PHE B 139 -49.36 -5.67 14.16
C PHE B 139 -49.75 -6.95 13.44
N ASP B 140 -50.79 -7.63 13.93
CA ASP B 140 -51.10 -8.96 13.38
C ASP B 140 -51.57 -8.87 11.94
N TYR B 141 -52.39 -7.86 11.62
CA TYR B 141 -52.86 -7.70 10.25
C TYR B 141 -51.78 -7.20 9.31
N ALA B 142 -50.73 -6.57 9.84
CA ALA B 142 -49.67 -6.08 8.96
C ALA B 142 -48.63 -7.14 8.67
N CYS B 143 -48.35 -8.01 9.63
CA CYS B 143 -47.21 -8.93 9.54
C CYS B 143 -47.60 -10.37 9.30
N PHE B 144 -48.86 -10.74 9.47
CA PHE B 144 -49.31 -12.12 9.31
C PHE B 144 -50.37 -12.19 8.23
N ALA B 145 -50.15 -13.04 7.23
CA ALA B 145 -51.17 -13.30 6.22
C ALA B 145 -52.28 -14.21 6.76
N GLU B 146 -52.02 -14.96 7.83
CA GLU B 146 -53.03 -15.85 8.39
C GLU B 146 -54.23 -15.07 8.91
N THR B 147 -54.04 -13.82 9.31
CA THR B 147 -55.11 -13.06 9.94
C THR B 147 -56.29 -12.87 8.99
N ALA B 148 -56.02 -12.49 7.74
CA ALA B 148 -57.10 -12.35 6.77
C ALA B 148 -57.79 -13.68 6.51
N ALA B 149 -57.05 -14.78 6.55
CA ALA B 149 -57.65 -16.08 6.29
C ALA B 149 -58.58 -16.50 7.41
N MET B 150 -58.20 -16.24 8.66
CA MET B 150 -59.04 -16.62 9.79
C MET B 150 -60.30 -15.78 9.89
N ASP B 151 -60.24 -14.51 9.47
CA ASP B 151 -61.45 -13.70 9.41
C ASP B 151 -62.44 -14.24 8.38
N ALA B 152 -61.95 -14.81 7.29
CA ALA B 152 -62.80 -15.44 6.30
C ALA B 152 -63.04 -16.92 6.59
N VAL B 153 -62.81 -17.35 7.84
CA VAL B 153 -62.87 -18.74 8.31
C VAL B 153 -62.39 -19.74 7.26
N ARG B 154 -61.20 -19.51 6.72
CA ARG B 154 -60.61 -20.39 5.72
C ARG B 154 -59.94 -21.59 6.37
N ALA B 155 -59.89 -22.70 5.62
CA ALA B 155 -59.06 -23.83 6.01
C ALA B 155 -57.58 -23.44 5.90
N PRO B 156 -56.70 -24.12 6.65
CA PRO B 156 -55.27 -23.83 6.54
C PRO B 156 -54.60 -24.45 5.32
N LYS B 157 -55.35 -25.12 4.46
CA LYS B 157 -54.78 -25.69 3.24
C LYS B 157 -55.90 -25.92 2.23
N TRP B 158 -55.51 -26.11 0.98
CA TRP B 158 -56.49 -26.40 -0.05
C TRP B 158 -56.99 -27.84 0.10
N LEU B 159 -58.12 -28.13 -0.55
CA LEU B 159 -58.82 -29.39 -0.33
C LEU B 159 -57.98 -30.61 -0.76
N ASP B 160 -57.17 -30.47 -1.80
CA ASP B 160 -56.38 -31.60 -2.28
C ASP B 160 -55.12 -31.85 -1.46
N GLY B 161 -54.83 -31.01 -0.48
CA GLY B 161 -53.66 -31.18 0.36
C GLY B 161 -52.61 -30.09 0.25
N ARG B 162 -52.68 -29.22 -0.76
CA ARG B 162 -51.74 -28.13 -0.93
C ARG B 162 -51.65 -27.31 0.36
N PRO B 163 -50.51 -27.24 1.01
CA PRO B 163 -50.41 -26.47 2.26
C PRO B 163 -50.44 -24.97 1.99
N ALA B 164 -50.95 -24.22 2.97
CA ALA B 164 -51.03 -22.77 2.83
C ALA B 164 -50.41 -22.06 4.03
N THR B 165 -50.84 -22.43 5.24
CA THR B 165 -50.38 -21.76 6.44
C THR B 165 -50.07 -22.77 7.53
N ARG B 166 -49.19 -22.38 8.44
CA ARG B 166 -48.83 -23.20 9.59
C ARG B 166 -50.03 -23.35 10.52
N TYR B 167 -50.29 -24.58 10.97
CA TYR B 167 -51.53 -24.84 11.70
C TYR B 167 -51.33 -25.97 12.70
N ALA B 168 -52.22 -26.00 13.70
CA ALA B 168 -52.29 -27.09 14.66
C ALA B 168 -53.71 -27.65 14.69
N TRP B 169 -54.12 -28.24 15.81
CA TRP B 169 -55.35 -29.01 15.84
C TRP B 169 -56.19 -28.69 17.06
N HIS B 170 -57.51 -28.77 16.88
CA HIS B 170 -58.48 -28.94 17.95
C HIS B 170 -59.03 -30.36 17.87
N PHE B 171 -59.22 -31.00 19.02
CA PHE B 171 -59.84 -32.32 19.03
C PHE B 171 -60.48 -32.59 20.39
N ASP B 172 -61.23 -33.69 20.46
CA ASP B 172 -61.76 -34.21 21.71
C ASP B 172 -60.71 -35.09 22.36
N ALA B 173 -60.25 -34.69 23.54
CA ALA B 173 -59.14 -35.39 24.19
C ALA B 173 -59.51 -36.84 24.51
N HIS B 174 -60.78 -37.11 24.83
CA HIS B 174 -61.18 -38.47 25.16
C HIS B 174 -61.13 -39.38 23.94
N LEU B 175 -61.61 -38.89 22.79
CA LEU B 175 -61.54 -39.69 21.57
C LEU B 175 -60.10 -39.91 21.11
N VAL B 176 -59.21 -38.95 21.38
CA VAL B 176 -57.79 -39.15 21.10
C VAL B 176 -57.26 -40.28 21.96
N ALA B 177 -57.57 -40.25 23.26
CA ALA B 177 -57.12 -41.30 24.17
C ALA B 177 -57.63 -42.66 23.74
N GLU B 178 -58.90 -42.75 23.31
CA GLU B 178 -59.45 -44.02 22.86
C GLU B 178 -58.75 -44.50 21.60
N PHE B 179 -58.52 -43.60 20.64
CA PHE B 179 -57.82 -43.97 19.42
C PHE B 179 -56.42 -44.49 19.71
N LEU B 180 -55.69 -43.80 20.59
CA LEU B 180 -54.35 -44.25 20.95
C LEU B 180 -54.40 -45.52 21.79
N ARG B 181 -55.44 -45.70 22.60
CA ARG B 181 -55.62 -46.94 23.33
C ARG B 181 -55.76 -48.12 22.36
N ARG B 182 -56.52 -47.93 21.28
CA ARG B 182 -56.65 -48.99 20.28
C ARG B 182 -55.34 -49.20 19.54
N HIS B 183 -54.66 -48.12 19.14
CA HIS B 183 -53.41 -48.27 18.41
C HIS B 183 -52.34 -48.93 19.26
N ALA B 184 -52.24 -48.54 20.53
CA ALA B 184 -51.20 -49.09 21.41
C ALA B 184 -51.42 -50.57 21.69
N THR B 185 -52.66 -50.99 21.90
CA THR B 185 -52.92 -52.38 22.28
C THR B 185 -52.92 -53.31 21.08
N GLU B 186 -53.44 -52.86 19.94
CA GLU B 186 -53.54 -53.74 18.78
C GLU B 186 -52.23 -53.82 18.00
N ARG B 187 -51.52 -52.71 17.84
CA ARG B 187 -50.34 -52.67 17.00
C ARG B 187 -49.02 -52.52 17.75
N LEU B 188 -49.06 -52.11 19.02
CA LEU B 188 -47.83 -51.91 19.80
C LEU B 188 -47.69 -52.85 20.98
N ASN B 189 -48.63 -53.79 21.15
CA ASN B 189 -48.55 -54.84 22.17
C ASN B 189 -48.43 -54.28 23.58
N VAL B 190 -49.19 -53.22 23.85
CA VAL B 190 -49.28 -52.64 25.19
C VAL B 190 -50.40 -53.33 25.94
N GLU B 191 -50.13 -53.73 27.18
CA GLU B 191 -51.10 -54.47 27.99
C GLU B 191 -51.99 -53.48 28.74
N HIS B 192 -53.27 -53.45 28.37
CA HIS B 192 -54.24 -52.58 29.03
C HIS B 192 -54.85 -53.36 30.20
N VAL B 193 -54.52 -52.94 31.42
CA VAL B 193 -55.04 -53.55 32.64
C VAL B 193 -56.10 -52.62 33.21
N GLN B 194 -57.30 -53.16 33.43
CA GLN B 194 -58.41 -52.38 33.96
C GLN B 194 -58.54 -52.61 35.46
N GLY B 195 -58.81 -51.53 36.18
CA GLY B 195 -58.95 -51.59 37.62
C GLY B 195 -58.27 -50.45 38.34
N GLU B 196 -58.53 -50.32 39.63
CA GLU B 196 -57.92 -49.30 40.46
C GLU B 196 -56.73 -49.87 41.22
N MET B 197 -55.88 -48.97 41.70
CA MET B 197 -54.67 -49.34 42.43
C MET B 197 -54.92 -49.19 43.92
N GLN B 198 -54.51 -50.21 44.69
CA GLN B 198 -54.71 -50.18 46.14
C GLN B 198 -53.43 -49.94 46.94
N GLN B 199 -52.27 -50.33 46.43
CA GLN B 199 -51.02 -50.16 47.16
C GLN B 199 -49.89 -49.86 46.19
N VAL B 200 -48.87 -49.18 46.70
CA VAL B 200 -47.63 -48.92 45.97
C VAL B 200 -46.51 -49.62 46.75
N LEU B 201 -46.04 -50.74 46.25
CA LEU B 201 -44.97 -51.48 46.91
C LEU B 201 -43.63 -50.81 46.60
N ARG B 202 -42.91 -50.44 47.65
CA ARG B 202 -41.60 -49.81 47.53
C ARG B 202 -40.56 -50.62 48.30
N ASP B 203 -39.35 -50.70 47.75
CA ASP B 203 -38.30 -51.49 48.38
C ASP B 203 -37.56 -50.68 49.44
N GLU B 204 -36.40 -51.16 49.86
CA GLU B 204 -35.66 -50.53 50.96
C GLU B 204 -35.09 -49.17 50.58
N ARG B 205 -34.89 -48.92 49.28
CA ARG B 205 -34.36 -47.64 48.82
C ARG B 205 -35.45 -46.59 48.61
N GLY B 206 -36.72 -47.00 48.66
CA GLY B 206 -37.82 -46.12 48.30
C GLY B 206 -38.25 -46.22 46.86
N PHE B 207 -37.61 -47.08 46.07
CA PHE B 207 -37.98 -47.24 44.67
C PHE B 207 -39.23 -48.08 44.53
N ILE B 208 -40.07 -47.73 43.56
CA ILE B 208 -41.30 -48.49 43.34
C ILE B 208 -40.97 -49.84 42.71
N THR B 209 -41.54 -50.91 43.27
CA THR B 209 -41.32 -52.24 42.75
C THR B 209 -42.49 -52.78 41.94
N ALA B 210 -43.71 -52.42 42.30
CA ALA B 210 -44.90 -52.91 41.60
C ALA B 210 -46.09 -52.07 42.05
N LEU B 211 -47.19 -52.20 41.29
CA LEU B 211 -48.47 -51.59 41.65
C LEU B 211 -49.49 -52.71 41.83
N ARG B 212 -49.95 -52.90 43.06
CA ARG B 212 -50.90 -53.96 43.36
C ARG B 212 -52.32 -53.48 43.08
N THR B 213 -52.99 -54.13 42.14
CA THR B 213 -54.35 -53.75 41.78
C THR B 213 -55.33 -54.17 42.88
N VAL B 214 -56.57 -53.69 42.77
CA VAL B 214 -57.59 -54.01 43.76
C VAL B 214 -58.01 -55.47 43.66
N GLU B 215 -57.67 -56.15 42.56
CA GLU B 215 -57.97 -57.57 42.40
C GLU B 215 -56.83 -58.46 42.87
N GLY B 216 -55.76 -57.88 43.42
CA GLY B 216 -54.66 -58.65 43.96
C GLY B 216 -53.53 -58.93 43.00
N ARG B 217 -53.46 -58.26 41.86
CA ARG B 217 -52.43 -58.48 40.87
C ARG B 217 -51.34 -57.42 41.01
N ASP B 218 -50.08 -57.88 41.05
CA ASP B 218 -48.93 -56.99 41.14
C ASP B 218 -48.38 -56.76 39.75
N LEU B 219 -48.37 -55.50 39.31
CA LEU B 219 -47.79 -55.12 38.03
C LEU B 219 -46.34 -54.75 38.27
N GLU B 220 -45.47 -55.76 38.17
CA GLU B 220 -44.04 -55.56 38.41
C GLU B 220 -43.42 -54.67 37.34
N GLY B 221 -42.46 -53.85 37.74
CA GLY B 221 -41.79 -52.98 36.80
C GLY B 221 -40.51 -52.41 37.38
N ASP B 222 -39.68 -51.88 36.48
CA ASP B 222 -38.48 -51.17 36.86
C ASP B 222 -38.62 -49.65 36.77
N LEU B 223 -39.48 -49.18 35.87
CA LEU B 223 -39.75 -47.76 35.69
C LEU B 223 -41.25 -47.54 35.75
N PHE B 224 -41.66 -46.50 36.49
CA PHE B 224 -43.07 -46.22 36.70
C PHE B 224 -43.37 -44.78 36.29
N ILE B 225 -44.49 -44.60 35.59
CA ILE B 225 -44.83 -43.32 34.98
C ILE B 225 -46.20 -42.90 35.51
N ASP B 226 -46.22 -41.80 36.26
CA ASP B 226 -47.42 -41.30 36.91
C ASP B 226 -48.19 -40.43 35.92
N CYS B 227 -49.25 -41.00 35.33
CA CYS B 227 -50.15 -40.30 34.43
C CYS B 227 -51.55 -40.22 35.03
N SER B 228 -51.63 -40.09 36.35
CA SER B 228 -52.89 -40.18 37.08
C SER B 228 -53.61 -38.84 37.22
N GLY B 229 -53.09 -37.78 36.60
CA GLY B 229 -53.74 -36.48 36.67
C GLY B 229 -53.42 -35.69 37.92
N PHE B 230 -54.36 -34.84 38.34
CA PHE B 230 -54.11 -33.98 39.50
C PHE B 230 -53.79 -34.77 40.76
N ARG B 231 -54.29 -36.01 40.86
CA ARG B 231 -54.12 -36.79 42.08
C ARG B 231 -52.65 -37.04 42.39
N GLY B 232 -51.85 -37.32 41.37
CA GLY B 232 -50.43 -37.62 41.57
C GLY B 232 -50.21 -38.79 42.50
N LEU B 233 -50.85 -39.93 42.22
CA LEU B 233 -50.87 -41.04 43.16
C LEU B 233 -49.46 -41.59 43.42
N LEU B 234 -48.58 -41.52 42.43
CA LEU B 234 -47.21 -42.01 42.58
C LEU B 234 -46.24 -40.91 42.98
N ILE B 235 -46.14 -39.84 42.18
CA ILE B 235 -45.11 -38.84 42.41
C ILE B 235 -45.38 -38.04 43.67
N ASN B 236 -46.65 -37.70 43.93
CA ASN B 236 -46.98 -36.86 45.08
C ASN B 236 -47.29 -37.69 46.33
N LYS B 237 -48.26 -38.60 46.22
CA LYS B 237 -48.69 -39.36 47.39
C LYS B 237 -47.62 -40.34 47.86
N ALA B 238 -47.23 -41.26 46.97
CA ALA B 238 -46.28 -42.31 47.35
C ALA B 238 -44.86 -41.78 47.49
N MET B 239 -44.35 -41.09 46.47
CA MET B 239 -42.97 -40.63 46.46
C MET B 239 -42.74 -39.40 47.34
N GLU B 240 -43.80 -38.78 47.85
CA GLU B 240 -43.71 -37.66 48.80
C GLU B 240 -42.99 -36.46 48.19
N GLU B 241 -43.09 -36.27 46.88
CA GLU B 241 -42.45 -35.12 46.28
C GLU B 241 -43.37 -33.90 46.40
N PRO B 242 -42.88 -32.79 46.93
CA PRO B 242 -43.75 -31.63 47.15
C PRO B 242 -44.20 -31.01 45.84
N PHE B 243 -45.45 -30.57 45.81
CA PHE B 243 -45.97 -29.76 44.71
C PHE B 243 -45.82 -28.28 45.06
N ILE B 244 -45.40 -27.50 44.08
CA ILE B 244 -45.18 -26.07 44.26
C ILE B 244 -46.41 -25.34 43.73
N ASP B 245 -47.23 -24.82 44.63
CA ASP B 245 -48.41 -24.04 44.23
C ASP B 245 -47.96 -22.70 43.66
N MET B 246 -48.48 -22.35 42.49
CA MET B 246 -48.10 -21.12 41.80
C MET B 246 -49.32 -20.27 41.46
N ASN B 247 -50.41 -20.44 42.20
CA ASN B 247 -51.53 -19.50 42.09
C ASN B 247 -51.20 -18.13 42.64
N ASP B 248 -50.05 -17.97 43.30
CA ASP B 248 -49.57 -16.64 43.66
C ASP B 248 -49.32 -15.81 42.41
N GLN B 249 -48.84 -16.44 41.34
CA GLN B 249 -48.45 -15.77 40.12
C GLN B 249 -49.53 -15.79 39.06
N LEU B 250 -50.36 -16.83 39.02
CA LEU B 250 -51.49 -16.92 38.11
C LEU B 250 -52.75 -17.17 38.94
N LEU B 251 -53.62 -16.17 39.02
CA LEU B 251 -54.71 -16.17 39.99
C LEU B 251 -55.81 -17.16 39.66
N CYS B 252 -55.96 -17.54 38.38
CA CYS B 252 -57.05 -18.43 38.01
C CYS B 252 -56.83 -19.84 38.57
N ASN B 253 -57.91 -20.42 39.11
CA ASN B 253 -57.81 -21.74 39.73
C ASN B 253 -59.08 -22.57 39.58
N ARG B 254 -60.05 -22.14 38.77
CA ARG B 254 -61.30 -22.86 38.61
C ARG B 254 -61.75 -22.73 37.15
N ALA B 255 -62.65 -23.63 36.75
CA ALA B 255 -63.23 -23.58 35.42
C ALA B 255 -64.65 -24.14 35.45
N VAL B 256 -65.50 -23.58 34.58
CA VAL B 256 -66.82 -24.13 34.29
C VAL B 256 -66.94 -24.24 32.77
N ALA B 257 -67.24 -25.45 32.29
CA ALA B 257 -67.07 -25.75 30.87
C ALA B 257 -68.20 -26.63 30.34
N THR B 258 -68.47 -26.47 29.05
CA THR B 258 -69.49 -27.25 28.35
C THR B 258 -69.05 -27.44 26.91
N ALA B 259 -69.85 -28.23 26.18
CA ALA B 259 -69.77 -28.30 24.74
C ALA B 259 -71.13 -27.94 24.17
N ILE B 260 -71.14 -27.09 23.14
CA ILE B 260 -72.36 -26.57 22.57
C ILE B 260 -72.43 -26.99 21.11
N LYS B 261 -73.55 -27.58 20.71
CA LYS B 261 -73.77 -27.93 19.32
C LYS B 261 -73.88 -26.67 18.48
N HIS B 262 -73.34 -26.72 17.27
CA HIS B 262 -73.22 -25.52 16.44
C HIS B 262 -73.66 -25.83 15.01
N ASP B 263 -74.48 -24.94 14.45
CA ASP B 263 -74.86 -25.04 13.04
C ASP B 263 -73.81 -24.31 12.22
N ASP B 264 -72.87 -25.08 11.65
CA ASP B 264 -71.76 -24.50 10.91
C ASP B 264 -72.17 -23.92 9.57
N ASP B 265 -73.36 -24.23 9.07
CA ASP B 265 -73.76 -23.73 7.76
C ASP B 265 -73.97 -22.22 7.77
N ALA B 266 -74.34 -21.65 8.91
CA ALA B 266 -74.61 -20.22 8.99
C ALA B 266 -73.36 -19.41 9.34
N HIS B 267 -72.58 -19.87 10.33
CA HIS B 267 -71.44 -19.11 10.82
C HIS B 267 -70.09 -19.70 10.42
N GLY B 268 -70.05 -20.94 9.94
CA GLY B 268 -68.78 -21.58 9.63
C GLY B 268 -68.13 -22.12 10.89
N VAL B 269 -66.92 -22.67 10.69
CA VAL B 269 -66.10 -23.18 11.78
C VAL B 269 -64.85 -22.33 11.87
N GLU B 270 -64.69 -21.64 12.98
CA GLU B 270 -63.53 -20.78 13.18
C GLU B 270 -62.25 -21.62 13.23
N PRO B 271 -61.27 -21.35 12.37
CA PRO B 271 -60.02 -22.11 12.38
C PRO B 271 -59.01 -21.60 13.41
N TYR B 272 -59.51 -21.35 14.63
CA TYR B 272 -58.66 -20.83 15.70
C TYR B 272 -59.35 -21.06 17.04
N THR B 273 -58.53 -21.02 18.09
CA THR B 273 -59.03 -21.03 19.46
C THR B 273 -59.26 -19.59 19.90
N SER B 274 -60.41 -19.34 20.51
CA SER B 274 -60.70 -18.03 21.07
C SER B 274 -60.36 -18.01 22.55
N ALA B 275 -59.78 -16.91 23.01
CA ALA B 275 -59.56 -16.63 24.42
C ALA B 275 -60.29 -15.32 24.72
N ILE B 276 -61.43 -15.43 25.38
CA ILE B 276 -62.35 -14.30 25.55
C ILE B 276 -62.23 -13.78 26.97
N ALA B 277 -61.76 -12.54 27.11
CA ALA B 277 -61.60 -11.94 28.44
C ALA B 277 -62.96 -11.76 29.11
N MET B 278 -63.02 -12.10 30.39
CA MET B 278 -64.21 -12.00 31.22
C MET B 278 -63.92 -11.05 32.39
N ARG B 279 -64.88 -10.94 33.31
CA ARG B 279 -64.71 -10.04 34.45
C ARG B 279 -63.70 -10.58 35.46
N SER B 280 -63.63 -11.90 35.64
CA SER B 280 -62.75 -12.49 36.64
C SER B 280 -61.90 -13.60 36.04
N GLY B 281 -61.60 -13.50 34.75
CA GLY B 281 -60.78 -14.49 34.09
C GLY B 281 -60.96 -14.42 32.58
N TRP B 282 -61.05 -15.59 31.94
CA TRP B 282 -61.17 -15.64 30.50
C TRP B 282 -61.81 -16.97 30.11
N SER B 283 -62.50 -16.96 28.96
CA SER B 283 -63.16 -18.14 28.44
C SER B 283 -62.50 -18.62 27.16
N TRP B 284 -62.35 -19.93 27.02
CA TRP B 284 -61.86 -20.50 25.78
C TRP B 284 -63.02 -20.87 24.88
N LYS B 285 -62.74 -20.95 23.58
CA LYS B 285 -63.68 -21.47 22.60
C LYS B 285 -62.90 -22.34 21.63
N ILE B 286 -63.30 -23.60 21.50
CA ILE B 286 -62.56 -24.57 20.70
C ILE B 286 -63.51 -25.16 19.66
N PRO B 287 -63.56 -24.60 18.46
CA PRO B 287 -64.54 -25.07 17.47
C PRO B 287 -64.13 -26.39 16.83
N MET B 288 -65.14 -27.23 16.60
CA MET B 288 -65.01 -28.47 15.86
C MET B 288 -66.21 -28.59 14.93
N LEU B 289 -66.26 -29.68 14.16
CA LEU B 289 -67.35 -29.88 13.23
C LEU B 289 -68.66 -30.10 14.00
N GLY B 290 -69.58 -29.15 13.88
CA GLY B 290 -70.90 -29.29 14.46
C GLY B 290 -71.02 -28.90 15.93
N ARG B 291 -69.91 -28.57 16.59
CA ARG B 291 -69.93 -28.28 18.02
C ARG B 291 -68.63 -27.61 18.39
N PHE B 292 -68.66 -26.84 19.48
CA PHE B 292 -67.45 -26.25 20.02
C PHE B 292 -67.40 -26.44 21.53
N GLY B 293 -66.19 -26.57 22.04
CA GLY B 293 -65.98 -26.60 23.48
C GLY B 293 -65.67 -25.21 24.01
N THR B 294 -66.14 -24.95 25.23
CA THR B 294 -65.93 -23.64 25.82
C THR B 294 -65.91 -23.76 27.34
N GLY B 295 -64.99 -23.04 27.96
CA GLY B 295 -64.89 -23.02 29.40
C GLY B 295 -64.50 -21.66 29.95
N TYR B 296 -65.13 -21.26 31.06
CA TYR B 296 -64.78 -20.03 31.75
C TYR B 296 -63.73 -20.36 32.80
N VAL B 297 -62.50 -19.91 32.58
CA VAL B 297 -61.43 -20.04 33.56
C VAL B 297 -61.41 -18.78 34.40
N TYR B 298 -61.56 -18.93 35.72
CA TYR B 298 -61.72 -17.80 36.60
C TYR B 298 -60.98 -18.05 37.91
N SER B 299 -60.85 -17.00 38.69
CA SER B 299 -60.18 -17.04 39.98
C SER B 299 -61.23 -17.03 41.08
N SER B 300 -61.23 -18.08 41.91
CA SER B 300 -62.18 -18.17 43.01
C SER B 300 -62.00 -17.06 44.03
N ARG B 301 -60.83 -16.42 44.06
CA ARG B 301 -60.60 -15.31 44.98
C ARG B 301 -61.36 -14.06 44.57
N PHE B 302 -61.81 -13.98 43.32
CA PHE B 302 -62.46 -12.79 42.81
C PHE B 302 -63.87 -13.04 42.28
N ALA B 303 -64.33 -14.29 42.26
CA ALA B 303 -65.67 -14.59 41.76
C ALA B 303 -66.20 -15.84 42.45
N GLU B 304 -67.45 -15.77 42.92
CA GLU B 304 -68.13 -16.92 43.46
C GLU B 304 -68.46 -17.90 42.34
N LYS B 305 -68.64 -19.18 42.72
CA LYS B 305 -68.91 -20.22 41.73
C LYS B 305 -70.19 -19.94 40.95
N ASP B 306 -71.22 -19.42 41.63
CA ASP B 306 -72.52 -19.24 40.98
C ASP B 306 -72.47 -18.17 39.89
N GLU B 307 -71.82 -17.03 40.18
CA GLU B 307 -71.78 -15.98 39.16
C GLU B 307 -70.90 -16.38 37.98
N ALA B 308 -69.83 -17.13 38.23
CA ALA B 308 -69.04 -17.68 37.15
C ALA B 308 -69.91 -18.54 36.22
N THR B 309 -70.66 -19.46 36.81
CA THR B 309 -71.61 -20.27 36.04
C THR B 309 -72.57 -19.40 35.24
N LEU B 310 -73.18 -18.41 35.89
CA LEU B 310 -74.18 -17.58 35.22
C LEU B 310 -73.55 -16.70 34.15
N ASP B 311 -72.40 -16.08 34.43
CA ASP B 311 -71.71 -15.30 33.41
C ASP B 311 -71.37 -16.17 32.21
N PHE B 312 -70.91 -17.41 32.46
CA PHE B 312 -70.60 -18.33 31.38
C PHE B 312 -71.84 -18.64 30.55
N CYS B 313 -72.93 -19.05 31.21
CA CYS B 313 -74.16 -19.36 30.48
C CYS B 313 -74.74 -18.13 29.78
N ARG B 314 -74.60 -16.96 30.38
CA ARG B 314 -75.13 -15.75 29.77
C ARG B 314 -74.42 -15.41 28.46
N MET B 315 -73.09 -15.58 28.44
CA MET B 315 -72.33 -15.27 27.23
C MET B 315 -72.81 -16.09 26.04
N TRP B 316 -73.13 -17.37 26.26
CA TRP B 316 -73.57 -18.27 25.21
C TRP B 316 -75.08 -18.46 25.17
N GLY B 317 -75.84 -17.69 25.96
CA GLY B 317 -77.28 -17.80 25.94
C GLY B 317 -77.81 -19.12 26.48
N LEU B 318 -77.08 -19.76 27.38
CA LEU B 318 -77.46 -21.06 27.89
C LEU B 318 -78.39 -20.92 29.09
N ASP B 319 -79.36 -21.83 29.17
CA ASP B 319 -80.21 -21.94 30.35
C ASP B 319 -79.40 -22.58 31.47
N PRO B 320 -79.04 -21.86 32.53
CA PRO B 320 -78.18 -22.45 33.57
C PRO B 320 -78.81 -23.63 34.29
N GLU B 321 -80.13 -23.78 34.23
CA GLU B 321 -80.78 -24.90 34.89
C GLU B 321 -80.78 -26.16 34.04
N ASN B 322 -80.84 -26.02 32.71
CA ASN B 322 -80.87 -27.17 31.81
C ASN B 322 -79.59 -27.27 31.00
N THR B 323 -78.44 -27.30 31.67
CA THR B 323 -77.16 -27.41 30.97
C THR B 323 -76.18 -28.22 31.81
N PRO B 324 -75.79 -29.41 31.34
CA PRO B 324 -74.75 -30.17 32.06
C PRO B 324 -73.45 -29.36 32.11
N LEU B 325 -72.93 -29.17 33.33
CA LEU B 325 -71.77 -28.32 33.54
C LEU B 325 -70.63 -29.10 34.19
N ASN B 326 -69.42 -28.91 33.65
CA ASN B 326 -68.20 -29.42 34.25
C ASN B 326 -67.64 -28.36 35.20
N GLN B 327 -67.71 -28.63 36.50
CA GLN B 327 -67.14 -27.74 37.51
C GLN B 327 -65.81 -28.34 37.95
N VAL B 328 -64.71 -27.63 37.65
CA VAL B 328 -63.37 -28.16 37.83
C VAL B 328 -62.56 -27.21 38.70
N ALA B 329 -61.83 -27.76 39.65
CA ALA B 329 -60.85 -27.03 40.44
C ALA B 329 -59.45 -27.36 39.96
N PHE B 330 -58.62 -26.33 39.79
CA PHE B 330 -57.32 -26.46 39.15
C PHE B 330 -56.20 -26.59 40.18
N ARG B 331 -55.14 -27.27 39.78
CA ARG B 331 -53.89 -27.30 40.52
C ARG B 331 -52.84 -26.62 39.65
N VAL B 332 -52.47 -25.39 40.01
CA VAL B 332 -51.60 -24.57 39.19
C VAL B 332 -50.20 -24.58 39.78
N GLY B 333 -49.22 -24.96 38.97
CA GLY B 333 -47.85 -25.06 39.40
C GLY B 333 -47.24 -26.35 38.87
N ARG B 334 -46.19 -26.80 39.55
CA ARG B 334 -45.48 -28.00 39.16
C ARG B 334 -44.84 -28.62 40.39
N ASN B 335 -44.53 -29.91 40.28
CA ASN B 335 -43.76 -30.57 41.32
C ASN B 335 -42.37 -29.95 41.42
N ARG B 336 -41.76 -30.09 42.59
CA ARG B 336 -40.38 -29.67 42.75
C ARG B 336 -39.46 -30.44 41.81
N ARG B 337 -39.76 -31.72 41.59
CA ARG B 337 -39.07 -32.53 40.59
C ARG B 337 -40.11 -33.37 39.85
N ALA B 338 -40.03 -33.37 38.52
CA ALA B 338 -40.94 -34.20 37.74
C ALA B 338 -40.57 -35.67 37.84
N TRP B 339 -39.30 -35.97 38.11
CA TRP B 339 -38.78 -37.34 38.12
C TRP B 339 -38.02 -37.55 39.42
N VAL B 340 -38.49 -38.51 40.22
CA VAL B 340 -37.89 -38.84 41.51
C VAL B 340 -37.68 -40.35 41.54
N LYS B 341 -36.43 -40.75 41.80
CA LYS B 341 -36.04 -42.17 41.80
C LYS B 341 -36.42 -42.84 40.49
N ASN B 342 -37.38 -43.77 40.53
CA ASN B 342 -37.82 -44.47 39.33
C ASN B 342 -39.25 -44.13 38.95
N CYS B 343 -39.75 -42.98 39.38
CA CYS B 343 -41.10 -42.52 39.06
C CYS B 343 -41.03 -41.22 38.28
N VAL B 344 -41.56 -41.23 37.06
CA VAL B 344 -41.57 -40.06 36.19
C VAL B 344 -43.00 -39.60 36.03
N SER B 345 -43.28 -38.37 36.46
CA SER B 345 -44.61 -37.80 36.31
C SER B 345 -44.74 -37.11 34.96
N ILE B 346 -45.86 -37.33 34.29
CA ILE B 346 -46.13 -36.79 32.97
C ILE B 346 -47.57 -36.32 32.92
N GLY B 347 -47.78 -35.08 32.45
CA GLY B 347 -49.12 -34.55 32.36
C GLY B 347 -49.55 -33.79 33.59
N LEU B 348 -50.84 -33.87 33.94
CA LEU B 348 -51.33 -33.13 35.09
C LEU B 348 -50.71 -33.63 36.39
N ALA B 349 -50.23 -34.88 36.42
CA ALA B 349 -49.49 -35.37 37.57
C ALA B 349 -48.17 -34.63 37.75
N SER B 350 -47.66 -34.00 36.68
CA SER B 350 -46.39 -33.29 36.70
C SER B 350 -46.59 -31.79 36.93
N CYS B 351 -47.33 -31.13 36.04
CA CYS B 351 -47.51 -29.68 36.12
C CYS B 351 -48.83 -29.31 35.45
N PHE B 352 -49.25 -28.07 35.66
CA PHE B 352 -50.44 -27.58 34.98
C PHE B 352 -50.45 -26.06 34.95
N LEU B 353 -50.86 -25.51 33.81
CA LEU B 353 -51.19 -24.10 33.66
C LEU B 353 -52.55 -24.00 32.98
N GLU B 354 -53.21 -22.86 33.20
CA GLU B 354 -54.44 -22.59 32.47
C GLU B 354 -54.16 -22.62 30.97
N PRO B 355 -55.07 -23.18 30.16
CA PRO B 355 -54.82 -23.39 28.73
C PRO B 355 -54.91 -22.13 27.88
N LEU B 356 -54.36 -21.03 28.41
CA LEU B 356 -54.41 -19.76 27.69
C LEU B 356 -53.67 -19.83 26.36
N GLU B 357 -52.56 -20.58 26.31
CA GLU B 357 -51.78 -20.71 25.07
C GLU B 357 -51.62 -22.16 24.65
N SER B 358 -52.53 -23.04 25.06
CA SER B 358 -52.59 -24.42 24.56
C SER B 358 -51.28 -25.16 24.82
N THR B 359 -50.92 -25.23 26.11
CA THR B 359 -49.69 -25.86 26.53
C THR B 359 -49.89 -27.27 27.06
N GLY B 360 -51.13 -27.72 27.21
CA GLY B 360 -51.42 -29.05 27.71
C GLY B 360 -50.83 -30.18 26.89
N ILE B 361 -51.23 -30.30 25.62
CA ILE B 361 -50.75 -31.40 24.78
C ILE B 361 -49.24 -31.29 24.58
N TYR B 362 -48.70 -30.06 24.55
CA TYR B 362 -47.27 -29.89 24.31
C TYR B 362 -46.44 -30.32 25.51
N PHE B 363 -46.91 -30.02 26.73
CA PHE B 363 -46.15 -30.36 27.92
C PHE B 363 -45.96 -31.87 28.07
N ILE B 364 -46.90 -32.66 27.55
CA ILE B 364 -46.74 -34.12 27.62
C ILE B 364 -45.83 -34.61 26.51
N THR B 365 -46.08 -34.16 25.27
CA THR B 365 -45.19 -34.50 24.16
C THR B 365 -43.74 -34.13 24.47
N ALA B 366 -43.53 -33.04 25.19
CA ALA B 366 -42.16 -32.66 25.57
C ALA B 366 -41.62 -33.60 26.64
N ALA B 367 -42.43 -33.87 27.67
CA ALA B 367 -42.02 -34.80 28.72
C ALA B 367 -41.74 -36.19 28.13
N ILE B 368 -42.52 -36.60 27.14
CA ILE B 368 -42.30 -37.89 26.50
C ILE B 368 -40.97 -37.90 25.75
N TYR B 369 -40.74 -36.86 24.94
CA TYR B 369 -39.50 -36.78 24.17
C TYR B 369 -38.28 -36.69 25.07
N GLN B 370 -38.37 -35.87 26.13
CA GLN B 370 -37.21 -35.69 27.00
C GLN B 370 -36.92 -36.95 27.82
N LEU B 371 -37.94 -37.76 28.08
CA LEU B 371 -37.71 -39.02 28.78
C LEU B 371 -36.89 -39.99 27.93
N THR B 372 -37.30 -40.19 26.67
CA THR B 372 -36.54 -41.05 25.78
C THR B 372 -35.12 -40.52 25.59
N GLN B 373 -34.96 -39.20 25.47
CA GLN B 373 -33.62 -38.62 25.35
C GLN B 373 -32.80 -38.78 26.61
N HIS B 374 -33.44 -38.93 27.77
CA HIS B 374 -32.77 -39.17 29.04
C HIS B 374 -33.12 -40.53 29.61
N PHE B 375 -33.40 -41.50 28.74
CA PHE B 375 -33.92 -42.78 29.20
C PHE B 375 -32.92 -43.47 30.13
N PRO B 376 -33.33 -43.94 31.29
CA PRO B 376 -32.40 -44.54 32.23
C PRO B 376 -32.29 -46.04 32.03
N ASP B 377 -31.29 -46.62 32.67
CA ASP B 377 -31.23 -48.05 32.91
C ASP B 377 -31.55 -48.29 34.38
N ARG B 378 -31.40 -49.53 34.83
CA ARG B 378 -31.83 -49.87 36.17
C ARG B 378 -30.94 -49.27 37.25
N THR B 379 -29.75 -48.78 36.91
CA THR B 379 -28.94 -48.04 37.87
C THR B 379 -29.51 -46.66 38.17
N PHE B 380 -30.32 -46.10 37.25
CA PHE B 380 -30.92 -44.78 37.41
C PHE B 380 -29.87 -43.74 37.81
N ALA B 381 -29.01 -43.43 36.86
CA ALA B 381 -28.00 -42.39 37.07
C ALA B 381 -28.69 -41.06 37.38
N LEU B 382 -28.24 -40.41 38.45
CA LEU B 382 -28.87 -39.17 38.89
C LEU B 382 -28.76 -38.07 37.83
N ALA B 383 -27.66 -38.08 37.05
CA ALA B 383 -27.49 -37.05 36.03
C ALA B 383 -28.61 -37.10 34.99
N LEU B 384 -29.15 -38.28 34.74
CA LEU B 384 -30.27 -38.39 33.80
C LEU B 384 -31.51 -37.70 34.36
N SER B 385 -31.90 -38.02 35.60
CA SER B 385 -33.10 -37.44 36.17
C SER B 385 -32.91 -35.95 36.47
N ASP B 386 -31.70 -35.54 36.87
CA ASP B 386 -31.42 -34.11 37.03
C ASP B 386 -31.60 -33.36 35.73
N ALA B 387 -31.04 -33.88 34.64
CA ALA B 387 -31.15 -33.22 33.34
C ALA B 387 -32.60 -33.16 32.87
N PHE B 388 -33.35 -34.25 33.07
CA PHE B 388 -34.76 -34.27 32.71
C PHE B 388 -35.54 -33.24 33.53
N ASN B 389 -35.30 -33.21 34.84
CA ASN B 389 -36.02 -32.28 35.71
C ASN B 389 -35.73 -30.83 35.33
N HIS B 390 -34.50 -30.54 34.93
CA HIS B 390 -34.13 -29.17 34.58
C HIS B 390 -34.87 -28.71 33.32
N GLU B 391 -34.85 -29.53 32.26
CA GLU B 391 -35.58 -29.18 31.04
C GLU B 391 -37.06 -28.98 31.32
N ILE B 392 -37.67 -29.88 32.10
CA ILE B 392 -39.09 -29.76 32.42
C ILE B 392 -39.33 -28.50 33.25
N GLU B 393 -38.50 -28.26 34.25
CA GLU B 393 -38.68 -27.11 35.12
C GLU B 393 -38.55 -25.80 34.36
N ALA B 394 -37.58 -25.71 33.44
CA ALA B 394 -37.37 -24.45 32.72
C ALA B 394 -38.36 -24.28 31.58
N MET B 395 -38.84 -25.38 30.99
CA MET B 395 -39.91 -25.28 30.01
C MET B 395 -41.19 -24.76 30.65
N PHE B 396 -41.52 -25.24 31.84
CA PHE B 396 -42.76 -24.82 32.50
C PHE B 396 -42.67 -23.38 32.95
N ASP B 397 -41.61 -23.02 33.67
CA ASP B 397 -41.51 -21.67 34.21
C ASP B 397 -41.50 -20.61 33.12
N ASP B 398 -40.93 -20.92 31.95
CA ASP B 398 -40.92 -19.95 30.85
C ASP B 398 -42.33 -19.70 30.33
N THR B 399 -43.13 -20.75 30.19
CA THR B 399 -44.52 -20.56 29.76
C THR B 399 -45.34 -19.89 30.85
N ARG B 400 -45.08 -20.25 32.11
CA ARG B 400 -45.78 -19.62 33.23
C ARG B 400 -45.63 -18.10 33.19
N ASP B 401 -44.39 -17.63 33.07
CA ASP B 401 -44.14 -16.19 33.02
C ASP B 401 -44.74 -15.57 31.76
N PHE B 402 -44.64 -16.26 30.62
CA PHE B 402 -45.27 -15.77 29.40
C PHE B 402 -46.78 -15.64 29.57
N ILE B 403 -47.41 -16.61 30.25
CA ILE B 403 -48.85 -16.54 30.47
C ILE B 403 -49.21 -15.37 31.36
N GLN B 404 -48.47 -15.19 32.46
CA GLN B 404 -48.73 -14.08 33.37
C GLN B 404 -48.63 -12.74 32.67
N ALA B 405 -47.75 -12.63 31.68
CA ALA B 405 -47.58 -11.38 30.95
C ALA B 405 -48.83 -10.99 30.18
N HIS B 406 -49.64 -11.97 29.79
CA HIS B 406 -50.93 -11.65 29.16
C HIS B 406 -51.80 -10.80 30.08
N PHE B 407 -51.79 -11.10 31.39
CA PHE B 407 -52.61 -10.34 32.33
C PHE B 407 -51.90 -9.07 32.79
N TYR B 408 -50.59 -9.15 33.02
CA TYR B 408 -49.83 -7.99 33.47
C TYR B 408 -49.90 -6.86 32.45
N VAL B 409 -49.67 -7.19 31.17
CA VAL B 409 -49.58 -6.17 30.12
C VAL B 409 -50.96 -5.70 29.67
N SER B 410 -52.00 -6.50 29.87
CA SER B 410 -53.36 -6.07 29.55
C SER B 410 -53.63 -4.71 30.19
N PRO B 411 -54.21 -3.76 29.46
CA PRO B 411 -54.50 -2.45 30.05
C PRO B 411 -55.74 -2.42 30.92
N ARG B 412 -56.49 -3.51 31.01
CA ARG B 412 -57.76 -3.49 31.73
C ARG B 412 -57.53 -3.35 33.22
N THR B 413 -58.29 -2.44 33.85
CA THR B 413 -58.27 -2.26 35.30
C THR B 413 -59.69 -2.16 35.86
N ASP B 414 -60.69 -2.56 35.08
CA ASP B 414 -62.08 -2.25 35.43
C ASP B 414 -62.65 -3.18 36.50
N THR B 415 -62.11 -4.38 36.67
CA THR B 415 -62.59 -5.25 37.73
C THR B 415 -61.49 -5.49 38.75
N PRO B 416 -61.85 -5.94 39.96
CA PRO B 416 -60.80 -6.30 40.93
C PRO B 416 -59.84 -7.35 40.43
N PHE B 417 -60.28 -8.22 39.52
CA PHE B 417 -59.39 -9.26 39.01
C PHE B 417 -58.32 -8.67 38.09
N TRP B 418 -58.73 -7.86 37.11
CA TRP B 418 -57.77 -7.28 36.17
C TRP B 418 -56.81 -6.33 36.89
N LYS B 419 -57.31 -5.59 37.88
CA LYS B 419 -56.45 -4.66 38.62
C LYS B 419 -55.46 -5.39 39.51
N ALA B 420 -55.88 -6.52 40.10
CA ALA B 420 -54.97 -7.29 40.94
C ALA B 420 -53.84 -7.92 40.13
N ASN B 421 -54.06 -8.15 38.83
CA ASN B 421 -53.02 -8.76 38.01
C ASN B 421 -51.79 -7.86 37.87
N LYS B 422 -51.97 -6.54 37.96
CA LYS B 422 -50.85 -5.61 37.87
C LYS B 422 -50.18 -5.35 39.20
N ASP B 423 -50.74 -5.84 40.30
CA ASP B 423 -50.12 -5.73 41.62
C ASP B 423 -49.27 -6.94 41.96
N LEU B 424 -49.19 -7.93 41.08
CA LEU B 424 -48.41 -9.12 41.33
C LEU B 424 -46.95 -8.89 40.97
N HIS B 425 -46.07 -9.61 41.66
CA HIS B 425 -44.64 -9.50 41.38
C HIS B 425 -44.33 -9.96 39.96
N LEU B 426 -43.70 -9.09 39.20
CA LEU B 426 -43.26 -9.54 37.87
C LEU B 426 -41.90 -10.21 38.00
N PRO B 427 -41.73 -11.42 37.47
CA PRO B 427 -40.41 -12.05 37.52
C PRO B 427 -39.37 -11.22 36.76
N GLU B 428 -38.13 -11.27 37.25
CA GLU B 428 -37.07 -10.43 36.72
C GLU B 428 -36.87 -10.64 35.22
N GLN B 429 -36.91 -11.89 34.77
CA GLN B 429 -36.64 -12.15 33.36
C GLN B 429 -37.72 -11.55 32.46
N MET B 430 -38.97 -11.45 32.95
CA MET B 430 -40.02 -10.84 32.14
C MET B 430 -39.95 -9.32 32.20
N ARG B 431 -39.53 -8.76 33.33
CA ARG B 431 -39.30 -7.33 33.39
C ARG B 431 -38.20 -6.91 32.43
N GLU B 432 -37.12 -7.70 32.38
CA GLU B 432 -36.07 -7.47 31.40
C GLU B 432 -36.61 -7.54 29.98
N LYS B 433 -37.50 -8.50 29.71
CA LYS B 433 -38.02 -8.67 28.35
C LYS B 433 -38.91 -7.50 27.96
N ILE B 434 -39.75 -7.03 28.87
CA ILE B 434 -40.59 -5.86 28.58
C ILE B 434 -39.72 -4.64 28.35
N ALA B 435 -38.68 -4.46 29.15
CA ALA B 435 -37.77 -3.33 28.96
C ALA B 435 -37.06 -3.42 27.61
N MET B 436 -36.63 -4.62 27.22
CA MET B 436 -36.01 -4.79 25.92
C MET B 436 -36.99 -4.47 24.80
N TYR B 437 -38.23 -4.97 24.92
CA TYR B 437 -39.25 -4.69 23.90
C TYR B 437 -39.49 -3.19 23.76
N LYS B 438 -39.56 -2.46 24.88
CA LYS B 438 -39.80 -1.03 24.82
C LYS B 438 -38.60 -0.28 24.22
N ALA B 439 -37.39 -0.79 24.43
CA ALA B 439 -36.21 -0.19 23.86
C ALA B 439 -36.04 -0.51 22.38
N GLY B 440 -36.95 -1.28 21.81
CA GLY B 440 -36.89 -1.66 20.40
C GLY B 440 -36.14 -2.94 20.10
N LEU B 441 -35.65 -3.65 21.11
CA LEU B 441 -34.93 -4.89 20.88
C LEU B 441 -35.87 -6.04 20.54
N PRO B 442 -35.43 -6.97 19.70
CA PRO B 442 -36.16 -8.24 19.57
C PRO B 442 -36.01 -9.08 20.82
N ILE B 443 -36.99 -9.95 21.04
CA ILE B 443 -36.98 -10.86 22.17
C ILE B 443 -36.95 -12.28 21.59
N ASN B 444 -35.83 -12.98 21.78
CA ASN B 444 -35.70 -14.37 21.32
C ASN B 444 -36.06 -14.50 19.85
N ALA B 445 -35.40 -13.70 19.02
CA ALA B 445 -35.58 -13.82 17.59
C ALA B 445 -35.18 -15.22 17.12
N PRO B 446 -35.87 -15.78 16.13
CA PRO B 446 -35.51 -17.12 15.66
C PRO B 446 -34.18 -17.12 14.91
N VAL B 447 -33.45 -18.21 15.07
CA VAL B 447 -32.16 -18.40 14.41
C VAL B 447 -32.20 -19.44 13.30
N THR B 448 -33.35 -20.07 13.08
CA THR B 448 -33.50 -21.04 12.00
C THR B 448 -34.68 -20.65 11.13
N ASP B 449 -34.79 -21.31 9.98
CA ASP B 449 -35.97 -21.18 9.14
C ASP B 449 -37.11 -22.01 9.73
N GLU B 450 -38.30 -21.85 9.14
CA GLU B 450 -39.48 -22.53 9.67
C GLU B 450 -39.38 -24.04 9.50
N SER B 451 -38.82 -24.51 8.39
CA SER B 451 -38.74 -25.95 8.16
C SER B 451 -37.84 -26.62 9.21
N THR B 452 -36.73 -25.99 9.55
CA THR B 452 -35.86 -26.53 10.59
C THR B 452 -36.48 -26.37 11.96
N TYR B 453 -37.02 -25.18 12.26
CA TYR B 453 -37.67 -24.93 13.54
C TYR B 453 -38.76 -25.95 13.83
N TYR B 454 -39.60 -26.22 12.84
CA TYR B 454 -40.64 -27.24 12.97
C TYR B 454 -40.16 -28.64 12.57
N GLY B 455 -38.91 -28.78 12.14
CA GLY B 455 -38.39 -30.07 11.74
C GLY B 455 -37.74 -30.83 12.87
N ARG B 456 -36.95 -30.14 13.69
CA ARG B 456 -36.30 -30.73 14.85
C ARG B 456 -36.95 -30.19 16.11
N PHE B 457 -37.36 -31.10 17.00
CA PHE B 457 -38.05 -30.69 18.21
C PHE B 457 -37.15 -29.84 19.10
N GLU B 458 -35.86 -30.17 19.16
CA GLU B 458 -34.94 -29.45 20.04
C GLU B 458 -34.72 -28.01 19.59
N ALA B 459 -34.88 -27.72 18.30
CA ALA B 459 -34.79 -26.34 17.83
C ALA B 459 -35.92 -25.49 18.41
N GLU B 460 -37.16 -25.98 18.29
CA GLU B 460 -38.28 -25.25 18.87
C GLU B 460 -38.21 -25.25 20.39
N PHE B 461 -37.77 -26.37 20.98
CA PHE B 461 -37.69 -26.47 22.43
C PHE B 461 -36.71 -25.46 23.01
N ARG B 462 -35.62 -25.17 22.29
CA ARG B 462 -34.64 -24.20 22.75
C ARG B 462 -35.10 -22.76 22.58
N ASN B 463 -36.17 -22.52 21.82
CA ASN B 463 -36.69 -21.17 21.60
C ASN B 463 -38.18 -21.30 21.28
N PHE B 464 -38.99 -21.60 22.32
CA PHE B 464 -40.39 -21.93 22.08
C PHE B 464 -41.23 -20.67 21.87
N TRP B 465 -41.03 -19.64 22.69
CA TRP B 465 -41.73 -18.37 22.53
C TRP B 465 -40.77 -17.41 21.84
N THR B 466 -40.94 -17.24 20.52
CA THR B 466 -40.03 -16.43 19.75
C THR B 466 -40.50 -14.98 19.69
N ASN B 467 -39.72 -14.15 18.98
CA ASN B 467 -39.99 -12.72 18.91
C ASN B 467 -41.41 -12.43 18.41
N GLY B 468 -41.87 -13.17 17.41
CA GLY B 468 -43.21 -12.95 16.90
C GLY B 468 -44.28 -13.14 17.95
N SER B 469 -44.07 -14.06 18.89
CA SER B 469 -45.06 -14.31 19.93
C SER B 469 -45.11 -13.18 20.94
N TYR B 470 -43.94 -12.69 21.37
CA TYR B 470 -43.94 -11.54 22.27
C TYR B 470 -44.56 -10.31 21.62
N TYR B 471 -44.29 -10.11 20.32
CA TYR B 471 -44.95 -9.01 19.62
C TYR B 471 -46.44 -9.26 19.45
N CYS B 472 -46.83 -10.51 19.21
CA CYS B 472 -48.25 -10.83 19.12
C CYS B 472 -49.00 -10.42 20.38
N ILE B 473 -48.44 -10.70 21.54
CA ILE B 473 -49.14 -10.47 22.79
C ILE B 473 -48.96 -9.03 23.28
N PHE B 474 -47.72 -8.53 23.25
CA PHE B 474 -47.46 -7.17 23.69
C PHE B 474 -48.17 -6.15 22.81
N ALA B 475 -47.92 -6.20 21.50
CA ALA B 475 -48.60 -5.29 20.58
C ALA B 475 -50.10 -5.57 20.53
N GLY B 476 -50.51 -6.83 20.65
CA GLY B 476 -51.93 -7.15 20.66
C GLY B 476 -52.66 -6.48 21.81
N LEU B 477 -52.02 -6.39 22.97
CA LEU B 477 -52.57 -5.75 24.15
C LEU B 477 -52.31 -4.24 24.17
N GLY B 478 -51.79 -3.67 23.09
CA GLY B 478 -51.61 -2.24 23.00
C GLY B 478 -50.27 -1.72 23.48
N LEU B 479 -49.29 -2.58 23.75
CA LEU B 479 -47.98 -2.17 24.20
C LEU B 479 -47.05 -2.09 22.99
N ARG B 480 -46.62 -0.87 22.66
N ARG B 480 -46.62 -0.87 22.66
CA ARG B 480 -45.66 -0.65 21.59
CA ARG B 480 -45.67 -0.63 21.59
C ARG B 480 -44.34 -0.12 22.15
C ARG B 480 -44.33 -0.16 22.18
N PRO B 481 -43.22 -0.39 21.48
CA PRO B 481 -41.93 0.09 21.99
C PRO B 481 -41.89 1.62 22.08
N ASP B 482 -41.14 2.10 23.09
CA ASP B 482 -40.93 3.53 23.24
C ASP B 482 -40.38 4.17 21.97
N ASN B 483 -39.57 3.42 21.22
CA ASN B 483 -39.01 3.90 19.97
C ASN B 483 -38.58 2.70 19.16
N PRO B 484 -38.50 2.82 17.83
CA PRO B 484 -38.02 1.72 17.01
C PRO B 484 -36.57 1.40 17.31
N LEU B 485 -36.15 0.22 16.83
CA LEU B 485 -34.77 -0.23 16.92
C LEU B 485 -33.83 0.89 16.46
N PRO B 486 -32.92 1.37 17.32
CA PRO B 486 -32.09 2.53 16.95
C PRO B 486 -31.26 2.32 15.69
N MET B 487 -30.80 1.10 15.42
CA MET B 487 -30.00 0.88 14.22
C MET B 487 -30.79 1.15 12.95
N LEU B 488 -32.12 1.00 13.00
CA LEU B 488 -32.93 1.25 11.81
C LEU B 488 -32.81 2.70 11.36
N ARG B 489 -32.52 3.62 12.29
CA ARG B 489 -32.35 5.02 11.92
C ARG B 489 -31.07 5.27 11.13
N HIS B 490 -30.12 4.33 11.19
CA HIS B 490 -28.92 4.38 10.37
C HIS B 490 -29.05 3.59 9.07
N ARG B 491 -30.14 2.85 8.90
CA ARG B 491 -30.36 2.05 7.69
C ARG B 491 -31.70 2.41 7.05
N PRO B 492 -31.85 3.65 6.57
CA PRO B 492 -33.12 4.03 5.96
C PRO B 492 -33.41 3.26 4.68
N GLU B 493 -32.37 2.90 3.92
CA GLU B 493 -32.57 2.08 2.73
C GLU B 493 -33.16 0.71 3.09
N GLN B 494 -32.79 0.16 4.25
CA GLN B 494 -33.41 -1.09 4.68
C GLN B 494 -34.90 -0.92 4.93
N VAL B 495 -35.28 0.18 5.59
CA VAL B 495 -36.69 0.46 5.86
C VAL B 495 -37.45 0.61 4.55
N ARG B 496 -36.90 1.36 3.60
CA ARG B 496 -37.53 1.48 2.29
C ARG B 496 -37.63 0.11 1.62
N GLU B 497 -36.54 -0.66 1.65
CA GLU B 497 -36.53 -1.98 1.03
C GLU B 497 -37.50 -2.93 1.72
N ALA B 498 -37.61 -2.84 3.06
CA ALA B 498 -38.42 -3.78 3.82
C ALA B 498 -39.90 -3.68 3.50
N GLN B 499 -40.35 -2.55 2.93
CA GLN B 499 -41.78 -2.36 2.69
C GLN B 499 -42.35 -3.37 1.69
N ALA B 500 -41.51 -3.99 0.87
CA ALA B 500 -42.01 -5.03 -0.02
C ALA B 500 -42.53 -6.23 0.76
N LEU B 501 -42.01 -6.46 1.98
CA LEU B 501 -42.53 -7.54 2.80
C LEU B 501 -43.98 -7.29 3.19
N PHE B 502 -44.32 -6.05 3.54
CA PHE B 502 -45.70 -5.75 3.90
C PHE B 502 -46.61 -5.86 2.69
N ALA B 503 -46.16 -5.36 1.53
CA ALA B 503 -46.93 -5.52 0.31
C ALA B 503 -47.08 -6.98 -0.08
N GLY B 504 -46.10 -7.81 0.27
CA GLY B 504 -46.23 -9.24 0.02
C GLY B 504 -47.28 -9.89 0.90
N VAL B 505 -47.33 -9.50 2.18
CA VAL B 505 -48.36 -10.02 3.08
C VAL B 505 -49.74 -9.65 2.57
N LYS B 506 -49.92 -8.38 2.18
CA LYS B 506 -51.21 -7.96 1.62
C LYS B 506 -51.58 -8.78 0.39
N ASP B 507 -50.58 -9.12 -0.44
CA ASP B 507 -50.84 -9.96 -1.60
C ASP B 507 -51.32 -11.34 -1.19
N LYS B 508 -50.64 -11.94 -0.21
CA LYS B 508 -51.04 -13.27 0.25
C LYS B 508 -52.39 -13.24 0.96
N GLN B 509 -52.66 -12.18 1.72
CA GLN B 509 -53.94 -12.06 2.40
C GLN B 509 -55.10 -12.08 1.40
N ARG B 510 -54.97 -11.37 0.28
CA ARG B 510 -56.02 -11.41 -0.73
C ARG B 510 -56.08 -12.77 -1.42
N GLU B 511 -54.93 -13.36 -1.70
CA GLU B 511 -54.91 -14.67 -2.36
C GLU B 511 -55.53 -15.74 -1.49
N LEU B 512 -55.24 -15.72 -0.19
CA LEU B 512 -55.74 -16.78 0.70
C LEU B 512 -57.24 -16.69 0.88
N VAL B 513 -57.80 -15.48 0.92
CA VAL B 513 -59.25 -15.39 1.13
C VAL B 513 -60.01 -15.68 -0.16
N GLU B 514 -59.40 -15.43 -1.32
CA GLU B 514 -60.08 -15.63 -2.59
C GLU B 514 -59.96 -17.05 -3.14
N THR B 515 -58.93 -17.82 -2.74
CA THR B 515 -58.72 -19.14 -3.31
C THR B 515 -58.83 -20.29 -2.31
N LEU B 516 -58.70 -20.04 -1.02
CA LEU B 516 -58.75 -21.15 -0.09
C LEU B 516 -60.19 -21.65 0.09
N PRO B 517 -60.36 -22.92 0.43
CA PRO B 517 -61.69 -23.40 0.84
C PRO B 517 -61.98 -22.98 2.27
N SER B 518 -63.27 -22.98 2.60
CA SER B 518 -63.65 -22.67 3.97
C SER B 518 -63.19 -23.79 4.90
N ASN B 519 -63.05 -23.45 6.19
CA ASN B 519 -62.68 -24.46 7.18
C ASN B 519 -63.74 -25.54 7.25
N LEU B 520 -65.02 -25.16 7.11
CA LEU B 520 -66.10 -26.14 7.12
C LEU B 520 -66.00 -27.11 5.95
N GLU B 521 -65.73 -26.61 4.74
CA GLU B 521 -65.65 -27.48 3.57
C GLU B 521 -64.55 -28.53 3.74
N PHE B 522 -63.39 -28.14 4.27
CA PHE B 522 -62.33 -29.12 4.49
C PHE B 522 -62.75 -30.12 5.56
N LEU B 523 -63.34 -29.64 6.65
CA LEU B 523 -63.76 -30.55 7.72
C LEU B 523 -64.82 -31.54 7.22
N ARG B 524 -65.73 -31.08 6.36
CA ARG B 524 -66.71 -31.98 5.78
C ARG B 524 -66.06 -33.00 4.86
N SER B 525 -64.99 -32.60 4.17
CA SER B 525 -64.26 -33.55 3.32
C SER B 525 -63.46 -34.54 4.15
N LEU B 526 -63.01 -34.13 5.33
CA LEU B 526 -62.17 -35.00 6.16
C LEU B 526 -63.01 -35.97 6.97
N HIS B 527 -64.15 -35.53 7.49
CA HIS B 527 -65.00 -36.35 8.34
C HIS B 527 -66.20 -36.94 7.61
N GLY B 528 -66.43 -36.56 6.35
CA GLY B 528 -67.53 -37.10 5.59
C GLY B 528 -67.09 -38.05 4.49
N ASP C 2 -33.48 14.55 15.60
CA ASP C 2 -32.86 13.24 15.50
C ASP C 2 -32.02 12.94 16.74
N ASN C 3 -32.16 11.71 17.26
CA ASN C 3 -31.39 11.26 18.42
C ASN C 3 -30.33 10.22 18.07
N ARG C 4 -29.95 10.13 16.79
CA ARG C 4 -28.94 9.16 16.37
C ARG C 4 -27.59 9.46 17.02
N ILE C 5 -26.80 8.40 17.20
CA ILE C 5 -25.37 8.58 17.40
C ILE C 5 -24.79 9.23 16.16
N ASN C 6 -24.00 10.29 16.36
CA ASN C 6 -23.39 11.01 15.24
C ASN C 6 -21.90 10.75 15.10
N ARG C 7 -21.19 10.52 16.20
CA ARG C 7 -19.74 10.40 16.17
C ARG C 7 -19.31 9.28 17.11
N ILE C 8 -18.35 8.47 16.64
CA ILE C 8 -17.80 7.37 17.43
C ILE C 8 -16.29 7.56 17.48
N VAL C 9 -15.73 7.53 18.69
CA VAL C 9 -14.29 7.63 18.91
C VAL C 9 -13.80 6.32 19.52
N ILE C 10 -12.79 5.73 18.89
CA ILE C 10 -12.18 4.48 19.34
C ILE C 10 -10.79 4.79 19.88
N LEU C 11 -10.51 4.32 21.09
CA LEU C 11 -9.19 4.46 21.70
C LEU C 11 -8.44 3.15 21.52
N GLY C 12 -7.39 3.18 20.71
CA GLY C 12 -6.58 2.00 20.49
C GLY C 12 -6.72 1.49 19.06
N GLY C 13 -5.59 1.06 18.50
CA GLY C 13 -5.59 0.63 17.11
C GLY C 13 -4.86 -0.67 16.86
N GLY C 14 -5.04 -1.65 17.74
CA GLY C 14 -4.50 -2.97 17.49
C GLY C 14 -5.47 -3.78 16.65
N THR C 15 -5.60 -5.07 16.97
CA THR C 15 -6.59 -5.90 16.29
C THR C 15 -8.01 -5.44 16.64
N ALA C 16 -8.27 -5.21 17.93
CA ALA C 16 -9.61 -4.82 18.36
C ALA C 16 -10.02 -3.49 17.75
N GLY C 17 -9.14 -2.48 17.82
CA GLY C 17 -9.48 -1.16 17.32
C GLY C 17 -9.88 -1.16 15.86
N TRP C 18 -9.05 -1.75 15.00
CA TRP C 18 -9.31 -1.69 13.57
C TRP C 18 -10.36 -2.68 13.10
N MET C 19 -10.57 -3.78 13.84
CA MET C 19 -11.73 -4.62 13.55
C MET C 19 -13.02 -3.89 13.91
N THR C 20 -13.04 -3.21 15.06
CA THR C 20 -14.20 -2.42 15.46
C THR C 20 -14.46 -1.29 14.46
N ALA C 21 -13.40 -0.55 14.12
CA ALA C 21 -13.55 0.59 13.21
C ALA C 21 -14.08 0.16 11.86
N SER C 22 -13.45 -0.84 11.25
CA SER C 22 -13.86 -1.25 9.91
C SER C 22 -15.26 -1.86 9.89
N TYR C 23 -15.63 -2.58 10.95
CA TYR C 23 -16.96 -3.19 10.98
C TYR C 23 -18.04 -2.16 11.23
N LEU C 24 -17.79 -1.22 12.15
CA LEU C 24 -18.77 -0.18 12.41
C LEU C 24 -18.93 0.77 11.23
N ALA C 25 -17.82 1.07 10.53
CA ALA C 25 -17.91 1.97 9.38
C ALA C 25 -18.71 1.34 8.25
N LYS C 26 -18.57 0.03 8.08
CA LYS C 26 -19.36 -0.66 7.05
C LYS C 26 -20.83 -0.73 7.44
N ALA C 27 -21.12 -0.90 8.73
CA ALA C 27 -22.51 -1.03 9.16
C ALA C 27 -23.25 0.29 9.12
N LEU C 28 -22.57 1.40 9.41
CA LEU C 28 -23.21 2.69 9.58
C LEU C 28 -23.01 3.62 8.39
N GLY C 29 -22.00 3.37 7.55
CA GLY C 29 -21.77 4.23 6.41
C GLY C 29 -21.44 5.65 6.82
N ASP C 30 -22.08 6.61 6.14
CA ASP C 30 -21.83 8.02 6.38
C ASP C 30 -22.79 8.63 7.39
N THR C 31 -23.59 7.83 8.08
CA THR C 31 -24.43 8.35 9.14
C THR C 31 -23.63 8.66 10.41
N VAL C 32 -22.41 8.15 10.52
CA VAL C 32 -21.57 8.34 11.70
C VAL C 32 -20.14 8.58 11.23
N THR C 33 -19.49 9.59 11.81
CA THR C 33 -18.05 9.77 11.63
C THR C 33 -17.32 8.94 12.68
N ILE C 34 -16.30 8.22 12.26
CA ILE C 34 -15.58 7.29 13.13
C ILE C 34 -14.12 7.74 13.24
N THR C 35 -13.69 8.02 14.46
CA THR C 35 -12.33 8.48 14.74
C THR C 35 -11.63 7.44 15.60
N LEU C 36 -10.40 7.10 15.25
CA LEU C 36 -9.62 6.13 16.00
C LEU C 36 -8.33 6.79 16.46
N LEU C 37 -8.16 6.89 17.78
CA LEU C 37 -6.95 7.43 18.38
C LEU C 37 -6.00 6.29 18.72
N GLU C 38 -4.75 6.41 18.30
CA GLU C 38 -3.78 5.33 18.46
C GLU C 38 -2.39 5.93 18.69
N ALA C 39 -1.71 5.44 19.72
CA ALA C 39 -0.37 5.92 20.04
C ALA C 39 0.65 4.99 19.40
N PRO C 40 1.40 5.45 18.38
CA PRO C 40 2.42 4.64 17.71
C PRO C 40 3.56 4.22 18.65
N VAL C 47 4.65 -13.80 16.34
CA VAL C 47 4.25 -14.85 17.26
C VAL C 47 2.92 -15.45 16.82
N GLY C 48 2.25 -14.79 15.89
CA GLY C 48 1.07 -15.33 15.25
C GLY C 48 -0.15 -15.44 16.12
N GLU C 49 -1.31 -15.65 15.49
CA GLU C 49 -2.58 -15.85 16.18
C GLU C 49 -3.39 -16.89 15.44
N ALA C 50 -4.21 -17.61 16.19
CA ALA C 50 -5.16 -18.57 15.63
C ALA C 50 -6.58 -18.05 15.82
N THR C 51 -7.48 -18.50 14.94
CA THR C 51 -8.86 -18.01 14.95
C THR C 51 -9.86 -19.15 14.92
N VAL C 52 -11.13 -18.83 14.67
CA VAL C 52 -12.19 -19.82 14.54
C VAL C 52 -12.87 -19.57 13.19
N PRO C 53 -13.60 -20.57 12.67
CA PRO C 53 -14.13 -20.43 11.29
C PRO C 53 -15.18 -19.34 11.09
N ASN C 54 -15.80 -18.82 12.15
CA ASN C 54 -16.82 -17.80 11.95
C ASN C 54 -16.23 -16.45 11.58
N LEU C 55 -14.91 -16.28 11.70
CA LEU C 55 -14.30 -14.97 11.44
C LEU C 55 -14.58 -14.51 10.01
N GLN C 56 -14.48 -15.43 9.05
CA GLN C 56 -14.74 -15.07 7.65
C GLN C 56 -16.20 -14.70 7.44
N ARG C 57 -17.13 -15.50 7.99
CA ARG C 57 -18.55 -15.29 7.73
C ARG C 57 -19.06 -14.04 8.44
N VAL C 58 -18.58 -13.80 9.66
CA VAL C 58 -19.07 -12.67 10.45
C VAL C 58 -18.34 -11.37 10.11
N PHE C 59 -17.01 -11.42 9.98
CA PHE C 59 -16.22 -10.20 9.82
C PHE C 59 -15.82 -9.94 8.37
N PHE C 60 -15.01 -10.82 7.78
CA PHE C 60 -14.49 -10.55 6.44
C PHE C 60 -15.59 -10.53 5.39
N ASP C 61 -16.60 -11.39 5.54
CA ASP C 61 -17.72 -11.36 4.59
C ASP C 61 -18.56 -10.10 4.75
N PHE C 62 -18.67 -9.59 5.98
CA PHE C 62 -19.41 -8.33 6.18
C PHE C 62 -18.72 -7.19 5.46
N LEU C 63 -17.39 -7.18 5.45
CA LEU C 63 -16.62 -6.17 4.73
C LEU C 63 -16.50 -6.46 3.25
N GLY C 64 -16.96 -7.64 2.80
CA GLY C 64 -16.84 -8.00 1.40
C GLY C 64 -15.45 -8.42 0.98
N LEU C 65 -14.61 -8.86 1.91
CA LEU C 65 -13.23 -9.24 1.61
C LEU C 65 -13.14 -10.76 1.59
N ARG C 66 -12.92 -11.32 0.40
CA ARG C 66 -12.73 -12.76 0.26
C ARG C 66 -11.39 -13.18 0.85
N GLU C 67 -11.31 -14.47 1.20
CA GLU C 67 -10.06 -15.01 1.74
C GLU C 67 -8.92 -14.84 0.75
N GLU C 68 -9.22 -15.02 -0.54
CA GLU C 68 -8.21 -14.85 -1.58
C GLU C 68 -7.71 -13.41 -1.68
N GLU C 69 -8.29 -12.48 -0.93
CA GLU C 69 -7.88 -11.09 -0.91
C GLU C 69 -7.15 -10.70 0.37
N TRP C 70 -7.68 -11.06 1.53
CA TRP C 70 -7.04 -10.66 2.78
C TRP C 70 -5.95 -11.61 3.24
N MET C 71 -6.06 -12.91 2.95
CA MET C 71 -5.04 -13.85 3.37
C MET C 71 -3.65 -13.52 2.83
N PRO C 72 -3.47 -13.17 1.55
CA PRO C 72 -2.11 -12.83 1.10
C PRO C 72 -1.52 -11.61 1.78
N GLU C 73 -2.36 -10.69 2.24
CA GLU C 73 -1.86 -9.46 2.85
C GLU C 73 -1.40 -9.64 4.29
N CYS C 74 -1.60 -10.82 4.89
CA CYS C 74 -1.21 -11.01 6.28
CA CYS C 74 -1.25 -11.03 6.29
C CYS C 74 -0.51 -12.35 6.51
N ASN C 75 0.04 -12.94 5.45
CA ASN C 75 0.75 -14.24 5.52
C ASN C 75 -0.12 -15.29 6.21
N ALA C 76 -1.40 -15.29 5.86
CA ALA C 76 -2.37 -16.15 6.54
C ALA C 76 -2.21 -17.60 6.10
N ALA C 77 -2.29 -18.50 7.08
CA ALA C 77 -2.28 -19.94 6.84
C ALA C 77 -3.61 -20.53 7.32
N PHE C 78 -3.69 -21.85 7.36
CA PHE C 78 -4.93 -22.55 7.67
C PHE C 78 -4.81 -23.31 8.98
N LYS C 79 -5.94 -23.41 9.68
CA LYS C 79 -6.03 -24.13 10.94
C LYS C 79 -7.22 -25.07 10.86
N THR C 80 -6.96 -26.37 10.90
CA THR C 80 -8.01 -27.36 10.85
C THR C 80 -8.44 -27.84 12.24
N ALA C 81 -7.57 -27.69 13.23
CA ALA C 81 -7.86 -28.19 14.58
C ALA C 81 -6.86 -27.58 15.54
N VAL C 82 -7.05 -27.87 16.82
CA VAL C 82 -6.02 -27.75 17.84
C VAL C 82 -5.51 -29.15 18.15
N LYS C 83 -4.19 -29.29 18.25
CA LYS C 83 -3.57 -30.56 18.55
C LYS C 83 -2.89 -30.46 19.91
N PHE C 84 -3.37 -31.24 20.88
CA PHE C 84 -2.84 -31.22 22.24
C PHE C 84 -1.77 -32.29 22.39
N ILE C 85 -0.55 -31.87 22.75
CA ILE C 85 0.60 -32.75 22.84
C ILE C 85 0.95 -32.99 24.30
N ASN C 86 1.02 -34.26 24.69
CA ASN C 86 1.58 -34.68 25.97
C ASN C 86 0.75 -34.21 27.17
N TRP C 87 -0.57 -34.18 27.00
CA TRP C 87 -1.47 -33.82 28.09
C TRP C 87 -1.84 -35.00 28.99
N ARG C 88 -1.36 -36.20 28.66
CA ARG C 88 -1.65 -37.38 29.46
C ARG C 88 -0.43 -38.05 30.06
N THR C 89 0.78 -37.72 29.57
CA THR C 89 1.99 -38.38 30.02
C THR C 89 2.83 -37.44 30.88
N PRO C 90 3.44 -37.94 31.94
CA PRO C 90 4.28 -37.09 32.79
C PRO C 90 5.61 -36.77 32.12
N GLY C 91 6.23 -35.69 32.60
CA GLY C 91 7.55 -35.32 32.15
C GLY C 91 7.67 -33.86 31.77
N PRO C 92 8.86 -33.45 31.33
CA PRO C 92 9.06 -32.06 30.92
C PRO C 92 8.39 -31.76 29.60
N GLY C 93 8.37 -30.47 29.26
CA GLY C 93 7.74 -30.03 28.03
C GLY C 93 8.57 -30.35 26.80
N GLU C 94 8.00 -31.12 25.87
CA GLU C 94 8.70 -31.56 24.67
C GLU C 94 7.81 -31.35 23.46
N ALA C 95 8.39 -30.85 22.37
CA ALA C 95 7.63 -30.69 21.15
C ALA C 95 7.15 -32.02 20.59
N LYS C 96 7.89 -33.10 20.85
CA LYS C 96 7.52 -34.42 20.38
C LYS C 96 6.61 -35.10 21.39
N ALA C 97 5.58 -35.78 20.88
CA ALA C 97 4.62 -36.47 21.72
C ALA C 97 5.22 -37.74 22.31
N ARG C 98 4.94 -37.97 23.59
CA ARG C 98 5.36 -39.19 24.27
C ARG C 98 4.42 -40.33 23.86
N THR C 99 4.61 -41.51 24.46
CA THR C 99 3.88 -42.71 24.07
C THR C 99 2.94 -43.15 25.20
N ILE C 100 1.71 -43.50 24.83
CA ILE C 100 0.74 -44.09 25.75
C ILE C 100 0.14 -45.32 25.09
N ASP C 101 0.53 -46.51 25.57
CA ASP C 101 -0.05 -47.79 25.13
C ASP C 101 0.15 -48.01 23.63
N GLY C 102 1.34 -47.70 23.13
CA GLY C 102 1.65 -47.89 21.73
C GLY C 102 1.19 -46.79 20.81
N ARG C 103 0.63 -45.71 21.35
CA ARG C 103 0.20 -44.58 20.55
C ARG C 103 0.86 -43.30 21.05
N PRO C 104 1.18 -42.37 20.17
CA PRO C 104 1.73 -41.08 20.62
C PRO C 104 0.67 -40.28 21.39
N ASP C 105 1.13 -39.58 22.42
CA ASP C 105 0.22 -38.83 23.31
C ASP C 105 -0.17 -37.52 22.62
N HIS C 106 -1.19 -37.61 21.77
CA HIS C 106 -1.76 -36.41 21.16
C HIS C 106 -3.18 -36.70 20.73
N PHE C 107 -4.01 -35.67 20.77
CA PHE C 107 -5.36 -35.75 20.26
C PHE C 107 -5.72 -34.42 19.60
N TYR C 108 -6.73 -34.48 18.73
CA TYR C 108 -7.13 -33.34 17.93
C TYR C 108 -8.47 -32.80 18.41
N HIS C 109 -8.69 -31.51 18.14
CA HIS C 109 -9.97 -30.83 18.39
C HIS C 109 -10.35 -30.12 17.10
N PRO C 110 -10.93 -30.84 16.15
CA PRO C 110 -11.28 -30.24 14.85
C PRO C 110 -12.55 -29.40 14.94
N PHE C 111 -12.88 -28.76 13.82
CA PHE C 111 -14.09 -27.97 13.67
C PHE C 111 -15.17 -28.81 13.00
N GLY C 112 -16.34 -28.21 12.83
CA GLY C 112 -17.46 -28.88 12.20
C GLY C 112 -18.37 -29.55 13.21
N LEU C 113 -19.44 -30.13 12.68
CA LEU C 113 -20.42 -30.87 13.47
C LEU C 113 -20.29 -32.35 13.19
N LEU C 114 -20.44 -33.17 14.23
CA LEU C 114 -20.43 -34.61 14.06
C LEU C 114 -21.71 -35.05 13.35
N PRO C 115 -21.61 -36.08 12.50
CA PRO C 115 -22.82 -36.64 11.90
C PRO C 115 -23.67 -37.34 12.95
N GLU C 116 -24.96 -37.47 12.64
CA GLU C 116 -25.92 -38.08 13.54
C GLU C 116 -26.67 -39.19 12.82
N HIS C 117 -26.83 -40.32 13.51
CA HIS C 117 -27.71 -41.40 13.06
C HIS C 117 -28.79 -41.59 14.11
N GLY C 118 -30.04 -41.75 13.65
CA GLY C 118 -31.16 -41.67 14.56
C GLY C 118 -31.16 -40.43 15.43
N GLN C 119 -30.62 -39.33 14.91
CA GLN C 119 -30.45 -38.07 15.65
C GLN C 119 -29.61 -38.28 16.92
N VAL C 120 -28.66 -39.21 16.84
CA VAL C 120 -27.73 -39.48 17.93
C VAL C 120 -26.33 -39.19 17.41
N PRO C 121 -25.54 -38.36 18.08
CA PRO C 121 -24.20 -38.03 17.57
C PRO C 121 -23.31 -39.28 17.48
N LEU C 122 -22.35 -39.22 16.55
CA LEU C 122 -21.44 -40.34 16.36
C LEU C 122 -20.60 -40.61 17.60
N SER C 123 -20.37 -39.58 18.41
CA SER C 123 -19.59 -39.76 19.63
C SER C 123 -20.22 -40.79 20.55
N HIS C 124 -21.55 -40.92 20.53
CA HIS C 124 -22.23 -41.85 21.42
C HIS C 124 -22.16 -43.27 20.91
N TYR C 125 -22.09 -43.47 19.60
CA TYR C 125 -21.83 -44.80 19.07
C TYR C 125 -20.38 -45.21 19.29
N TRP C 126 -19.46 -44.24 19.32
CA TRP C 126 -18.08 -44.54 19.69
C TRP C 126 -17.99 -44.97 21.13
N ALA C 127 -18.62 -44.20 22.03
CA ALA C 127 -18.63 -44.56 23.45
C ALA C 127 -19.32 -45.90 23.67
N TYR C 128 -20.34 -46.21 22.86
CA TYR C 128 -20.97 -47.53 22.93
C TYR C 128 -19.97 -48.62 22.57
N ASN C 129 -19.16 -48.40 21.53
CA ASN C 129 -18.20 -49.41 21.13
C ASN C 129 -17.04 -49.52 22.10
N ARG C 130 -16.67 -48.42 22.77
CA ARG C 130 -15.60 -48.49 23.76
C ARG C 130 -16.06 -49.23 25.01
N ALA C 131 -17.27 -48.92 25.50
CA ALA C 131 -17.77 -49.59 26.69
C ALA C 131 -18.00 -51.07 26.43
N ALA C 132 -18.32 -51.44 25.19
CA ALA C 132 -18.48 -52.84 24.82
C ALA C 132 -17.15 -53.56 24.66
N GLY C 133 -16.05 -52.83 24.55
CA GLY C 133 -14.75 -53.44 24.36
C GLY C 133 -14.51 -53.99 22.98
N THR C 134 -15.25 -53.50 21.98
CA THR C 134 -15.13 -53.98 20.61
C THR C 134 -14.21 -53.11 19.75
N THR C 135 -13.69 -52.02 20.32
CA THR C 135 -12.67 -51.21 19.67
C THR C 135 -11.83 -50.54 20.74
N ASP C 136 -10.59 -50.21 20.38
CA ASP C 136 -9.74 -49.37 21.23
C ASP C 136 -9.31 -48.11 20.51
N GLU C 137 -9.94 -47.78 19.39
CA GLU C 137 -9.56 -46.60 18.63
C GLU C 137 -9.90 -45.33 19.41
N PRO C 138 -9.03 -44.32 19.39
CA PRO C 138 -9.39 -43.03 19.98
C PRO C 138 -10.60 -42.41 19.29
N PHE C 139 -11.29 -41.55 20.03
CA PHE C 139 -12.52 -40.95 19.53
C PHE C 139 -12.28 -40.11 18.28
N ASP C 140 -11.17 -39.36 18.25
CA ASP C 140 -10.97 -38.41 17.16
C ASP C 140 -10.65 -39.12 15.84
N TYR C 141 -9.78 -40.13 15.89
CA TYR C 141 -9.49 -40.89 14.67
C TYR C 141 -10.71 -41.69 14.21
N ALA C 142 -11.60 -42.04 15.14
CA ALA C 142 -12.78 -42.81 14.77
C ALA C 142 -13.90 -41.94 14.21
N CYS C 143 -13.98 -40.67 14.63
CA CYS C 143 -15.11 -39.83 14.27
C CYS C 143 -14.78 -38.68 13.33
N PHE C 144 -13.52 -38.27 13.25
CA PHE C 144 -13.14 -37.10 12.46
C PHE C 144 -12.24 -37.54 11.31
N ALA C 145 -12.76 -37.43 10.09
CA ALA C 145 -11.95 -37.69 8.90
C ALA C 145 -10.78 -36.71 8.77
N GLU C 146 -10.81 -35.61 9.51
CA GLU C 146 -9.77 -34.59 9.40
C GLU C 146 -8.47 -35.02 10.07
N THR C 147 -8.51 -35.99 10.99
CA THR C 147 -7.30 -36.39 11.69
C THR C 147 -6.27 -37.00 10.76
N ALA C 148 -6.71 -37.74 9.73
CA ALA C 148 -5.76 -38.33 8.80
C ALA C 148 -5.15 -37.27 7.89
N ALA C 149 -5.96 -36.31 7.44
CA ALA C 149 -5.43 -35.25 6.58
C ALA C 149 -4.42 -34.39 7.33
N MET C 150 -4.61 -34.21 8.64
CA MET C 150 -3.70 -33.40 9.43
C MET C 150 -2.38 -34.12 9.68
N ASP C 151 -2.42 -35.44 9.88
CA ASP C 151 -1.18 -36.18 10.04
C ASP C 151 -0.32 -36.13 8.79
N ALA C 152 -0.94 -35.96 7.62
CA ALA C 152 -0.24 -35.85 6.34
C ALA C 152 -0.17 -34.42 5.83
N VAL C 153 -0.15 -33.45 6.76
CA VAL C 153 -0.07 -32.00 6.51
C VAL C 153 -0.83 -31.57 5.25
N ARG C 154 -2.02 -32.12 5.06
CA ARG C 154 -2.83 -31.75 3.91
C ARG C 154 -3.40 -30.35 4.10
N ALA C 155 -3.89 -29.77 2.99
CA ALA C 155 -4.59 -28.50 3.12
C ALA C 155 -6.08 -28.76 3.35
N PRO C 156 -6.77 -27.84 4.04
CA PRO C 156 -8.21 -28.05 4.29
C PRO C 156 -9.07 -27.90 3.05
N LYS C 157 -8.52 -27.54 1.90
CA LYS C 157 -9.28 -27.46 0.67
C LYS C 157 -8.39 -27.87 -0.49
N TRP C 158 -9.04 -28.21 -1.61
CA TRP C 158 -8.33 -28.64 -2.80
C TRP C 158 -7.76 -27.43 -3.55
N LEU C 159 -6.96 -27.73 -4.58
CA LEU C 159 -6.24 -26.68 -5.30
C LEU C 159 -7.18 -25.71 -6.01
N ASP C 160 -8.39 -26.15 -6.36
CA ASP C 160 -9.36 -25.31 -7.07
C ASP C 160 -10.29 -24.56 -6.13
N GLY C 161 -10.05 -24.64 -4.82
CA GLY C 161 -10.77 -23.82 -3.86
C GLY C 161 -11.89 -24.51 -3.11
N ARG C 162 -12.33 -25.69 -3.53
CA ARG C 162 -13.44 -26.34 -2.86
C ARG C 162 -13.01 -26.83 -1.48
N PRO C 163 -13.77 -26.58 -0.44
CA PRO C 163 -13.37 -26.99 0.90
C PRO C 163 -13.63 -28.46 1.14
N ALA C 164 -12.80 -29.06 1.99
CA ALA C 164 -12.97 -30.44 2.41
C ALA C 164 -13.51 -30.57 3.82
N THR C 165 -13.46 -29.50 4.61
CA THR C 165 -13.97 -29.48 5.98
C THR C 165 -14.02 -28.02 6.43
N ARG C 166 -14.45 -27.83 7.67
CA ARG C 166 -14.41 -26.51 8.29
C ARG C 166 -13.00 -26.21 8.79
N TYR C 167 -12.55 -24.98 8.58
CA TYR C 167 -11.19 -24.61 8.93
C TYR C 167 -11.17 -23.16 9.39
N ALA C 168 -10.19 -22.84 10.24
CA ALA C 168 -9.89 -21.49 10.68
C ALA C 168 -8.54 -21.06 10.09
N TRP C 169 -7.99 -19.96 10.61
CA TRP C 169 -6.82 -19.33 10.02
C TRP C 169 -5.75 -19.07 11.06
N HIS C 170 -4.50 -19.13 10.61
CA HIS C 170 -3.35 -18.62 11.33
C HIS C 170 -2.86 -17.38 10.59
N PHE C 171 -2.52 -16.32 11.32
CA PHE C 171 -1.94 -15.15 10.67
C PHE C 171 -1.16 -14.33 11.67
N ASP C 172 -0.34 -13.41 11.14
CA ASP C 172 0.35 -12.42 11.95
C ASP C 172 -0.62 -11.29 12.29
N ALA C 173 -0.83 -11.06 13.58
CA ALA C 173 -1.86 -10.09 14.00
C ALA C 173 -1.51 -8.69 13.54
N HIS C 174 -0.23 -8.29 13.67
CA HIS C 174 0.18 -6.95 13.26
C HIS C 174 -0.12 -6.72 11.78
N LEU C 175 0.12 -7.72 10.94
CA LEU C 175 -0.17 -7.56 9.52
C LEU C 175 -1.66 -7.49 9.25
N VAL C 176 -2.49 -8.12 10.09
CA VAL C 176 -3.93 -8.02 9.93
C VAL C 176 -4.41 -6.62 10.32
N ALA C 177 -3.96 -6.13 11.48
CA ALA C 177 -4.35 -4.79 11.91
C ALA C 177 -3.86 -3.74 10.91
N GLU C 178 -2.67 -3.93 10.34
CA GLU C 178 -2.19 -3.00 9.33
C GLU C 178 -3.03 -3.09 8.06
N PHE C 179 -3.43 -4.30 7.68
CA PHE C 179 -4.31 -4.48 6.53
C PHE C 179 -5.69 -3.87 6.79
N LEU C 180 -6.16 -3.97 8.03
CA LEU C 180 -7.46 -3.40 8.37
C LEU C 180 -7.39 -1.89 8.51
N ARG C 181 -6.27 -1.37 9.02
CA ARG C 181 -6.08 0.08 9.08
C ARG C 181 -6.14 0.70 7.68
N ARG C 182 -5.47 0.07 6.71
CA ARG C 182 -5.53 0.56 5.34
C ARG C 182 -6.96 0.51 4.81
N HIS C 183 -7.67 -0.58 5.07
CA HIS C 183 -9.01 -0.75 4.53
C HIS C 183 -9.95 0.30 5.09
N ALA C 184 -9.90 0.55 6.40
CA ALA C 184 -10.83 1.48 7.03
C ALA C 184 -10.57 2.91 6.60
N THR C 185 -9.31 3.31 6.49
CA THR C 185 -9.00 4.70 6.15
C THR C 185 -9.17 4.97 4.66
N GLU C 186 -8.72 4.05 3.81
CA GLU C 186 -8.74 4.30 2.38
C GLU C 186 -10.10 4.00 1.75
N ARG C 187 -10.88 3.10 2.34
CA ARG C 187 -12.11 2.65 1.71
C ARG C 187 -13.36 2.82 2.59
N LEU C 188 -13.21 3.13 3.88
CA LEU C 188 -14.36 3.26 4.77
C LEU C 188 -14.42 4.63 5.45
N ASN C 189 -13.55 5.57 5.07
CA ASN C 189 -13.59 6.94 5.57
C ASN C 189 -13.38 7.04 7.07
N VAL C 190 -12.67 6.08 7.67
CA VAL C 190 -12.34 6.17 9.09
C VAL C 190 -11.17 7.12 9.26
N GLU C 191 -11.29 8.04 10.22
CA GLU C 191 -10.23 9.01 10.49
C GLU C 191 -9.23 8.41 11.47
N HIS C 192 -7.97 8.37 11.07
CA HIS C 192 -6.90 7.86 11.93
C HIS C 192 -6.16 9.05 12.53
N VAL C 193 -6.09 9.09 13.85
CA VAL C 193 -5.41 10.15 14.58
C VAL C 193 -4.31 9.50 15.42
N GLN C 194 -3.07 9.91 15.19
CA GLN C 194 -1.93 9.40 15.94
C GLN C 194 -1.62 10.34 17.09
N GLY C 195 -1.55 9.78 18.29
CA GLY C 195 -1.26 10.57 19.48
C GLY C 195 -1.62 9.80 20.71
N GLU C 196 -1.15 10.31 21.84
CA GLU C 196 -1.44 9.73 23.14
C GLU C 196 -2.57 10.50 23.81
N MET C 197 -3.44 9.78 24.49
CA MET C 197 -4.55 10.38 25.23
C MET C 197 -4.09 10.71 26.64
N GLN C 198 -4.36 11.95 27.07
CA GLN C 198 -4.00 12.38 28.41
C GLN C 198 -5.20 12.68 29.30
N GLN C 199 -6.36 12.99 28.73
CA GLN C 199 -7.54 13.32 29.50
C GLN C 199 -8.78 12.71 28.87
N VAL C 200 -9.67 12.21 29.70
CA VAL C 200 -10.99 11.75 29.29
C VAL C 200 -11.99 12.75 29.84
N LEU C 201 -12.69 13.44 28.94
CA LEU C 201 -13.65 14.46 29.34
C LEU C 201 -15.03 13.84 29.52
N ARG C 202 -15.67 14.16 30.63
CA ARG C 202 -17.00 13.64 30.94
C ARG C 202 -17.92 14.79 31.31
N ASP C 203 -19.21 14.61 31.03
CA ASP C 203 -20.20 15.63 31.34
C ASP C 203 -20.63 15.48 32.80
N GLU C 204 -21.65 16.25 33.19
CA GLU C 204 -22.12 16.21 34.57
C GLU C 204 -22.70 14.85 34.94
N ARG C 205 -23.16 14.09 33.95
CA ARG C 205 -23.75 12.79 34.18
C ARG C 205 -22.72 11.66 34.19
N GLY C 206 -21.47 11.95 33.83
CA GLY C 206 -20.44 10.94 33.77
C GLY C 206 -20.24 10.32 32.41
N PHE C 207 -21.04 10.72 31.41
CA PHE C 207 -20.83 10.22 30.05
C PHE C 207 -19.64 10.93 29.42
N ILE C 208 -18.81 10.15 28.73
CA ILE C 208 -17.64 10.71 28.07
C ILE C 208 -18.09 11.63 26.94
N THR C 209 -17.48 12.81 26.87
CA THR C 209 -17.77 13.78 25.81
C THR C 209 -16.66 13.91 24.78
N ALA C 210 -15.40 13.72 25.18
CA ALA C 210 -14.30 13.83 24.24
C ALA C 210 -13.07 13.16 24.84
N LEU C 211 -12.16 12.76 23.96
CA LEU C 211 -10.81 12.38 24.33
C LEU C 211 -9.87 13.54 24.00
N ARG C 212 -9.06 13.96 24.97
CA ARG C 212 -8.11 15.04 24.80
C ARG C 212 -6.71 14.46 24.68
N THR C 213 -5.98 14.87 23.65
CA THR C 213 -4.63 14.38 23.42
C THR C 213 -3.61 15.34 24.01
N VAL C 214 -2.37 14.83 24.15
CA VAL C 214 -1.28 15.69 24.61
C VAL C 214 -0.96 16.75 23.57
N GLU C 215 -1.20 16.46 22.29
CA GLU C 215 -1.01 17.45 21.24
C GLU C 215 -1.98 18.62 21.37
N GLY C 216 -3.11 18.43 22.04
CA GLY C 216 -4.10 19.46 22.23
C GLY C 216 -5.38 19.27 21.45
N ARG C 217 -5.53 18.15 20.75
CA ARG C 217 -6.73 17.89 19.97
C ARG C 217 -7.79 17.20 20.83
N ASP C 218 -9.03 17.64 20.69
CA ASP C 218 -10.17 17.04 21.36
C ASP C 218 -10.98 16.25 20.34
N LEU C 219 -11.18 14.96 20.60
CA LEU C 219 -11.94 14.09 19.73
C LEU C 219 -13.33 13.93 20.31
N GLU C 220 -14.26 14.73 19.83
CA GLU C 220 -15.63 14.72 20.34
C GLU C 220 -16.40 13.53 19.77
N GLY C 221 -17.29 12.99 20.59
CA GLY C 221 -18.09 11.86 20.17
C GLY C 221 -19.23 11.60 21.11
N ASP C 222 -20.21 10.83 20.61
CA ASP C 222 -21.35 10.38 21.38
C ASP C 222 -21.15 9.00 21.98
N LEU C 223 -20.43 8.12 21.28
CA LEU C 223 -20.13 6.77 21.75
C LEU C 223 -18.64 6.53 21.64
N PHE C 224 -18.07 5.92 22.68
CA PHE C 224 -16.65 5.67 22.76
C PHE C 224 -16.40 4.18 22.95
N ILE C 225 -15.45 3.63 22.18
CA ILE C 225 -15.07 2.22 22.26
C ILE C 225 -13.69 2.14 22.88
N ASP C 226 -13.56 1.34 23.93
CA ASP C 226 -12.28 1.17 24.63
C ASP C 226 -11.58 -0.07 24.05
N CYS C 227 -10.54 0.18 23.26
CA CYS C 227 -9.64 -0.87 22.76
C CYS C 227 -8.21 -0.60 23.19
N SER C 228 -8.02 -0.01 24.37
CA SER C 228 -6.70 0.36 24.86
C SER C 228 -5.93 -0.84 25.42
N GLY C 229 -6.51 -2.03 25.40
CA GLY C 229 -5.84 -3.19 25.92
C GLY C 229 -6.03 -3.34 27.42
N PHE C 230 -5.08 -4.06 28.02
CA PHE C 230 -5.16 -4.38 29.44
C PHE C 230 -5.25 -3.15 30.33
N ARG C 231 -4.76 -2.00 29.86
CA ARG C 231 -4.88 -0.77 30.64
C ARG C 231 -6.34 -0.44 30.92
N GLY C 232 -7.20 -0.56 29.91
CA GLY C 232 -8.59 -0.20 30.07
C GLY C 232 -8.78 1.24 30.48
N LEU C 233 -8.19 2.15 29.71
CA LEU C 233 -8.16 3.56 30.11
C LEU C 233 -9.55 4.16 30.22
N LEU C 234 -10.49 3.71 29.38
CA LEU C 234 -11.84 4.24 29.45
C LEU C 234 -12.70 3.50 30.48
N ILE C 235 -12.92 2.20 30.26
CA ILE C 235 -13.91 1.49 31.06
C ILE C 235 -13.40 1.28 32.48
N ASN C 236 -12.11 0.99 32.65
CA ASN C 236 -11.59 0.68 33.98
C ASN C 236 -11.06 1.91 34.70
N LYS C 237 -10.44 2.84 33.97
CA LYS C 237 -9.84 4.02 34.62
C LYS C 237 -10.78 5.22 34.61
N ALA C 238 -11.27 5.59 33.42
CA ALA C 238 -12.15 6.76 33.32
C ALA C 238 -13.53 6.48 33.91
N MET C 239 -14.11 5.32 33.59
CA MET C 239 -15.42 4.97 34.10
C MET C 239 -15.37 4.23 35.43
N GLU C 240 -14.19 3.85 35.90
CA GLU C 240 -13.99 3.25 37.22
C GLU C 240 -14.78 1.96 37.39
N GLU C 241 -14.98 1.25 36.32
CA GLU C 241 -15.74 0.02 36.38
C GLU C 241 -14.80 -1.13 36.76
N PRO C 242 -15.15 -1.95 37.76
CA PRO C 242 -14.20 -2.93 38.27
C PRO C 242 -14.00 -4.09 37.31
N PHE C 243 -12.84 -4.73 37.45
CA PHE C 243 -12.47 -5.92 36.69
C PHE C 243 -12.51 -7.12 37.61
N ILE C 244 -13.30 -8.12 37.24
CA ILE C 244 -13.39 -9.36 38.01
C ILE C 244 -12.22 -10.25 37.61
N ASP C 245 -11.22 -10.35 38.49
CA ASP C 245 -10.10 -11.24 38.24
C ASP C 245 -10.49 -12.67 38.53
N MET C 246 -10.28 -13.56 37.55
CA MET C 246 -10.65 -14.96 37.68
C MET C 246 -9.43 -15.88 37.63
N ASN C 247 -8.28 -15.36 38.09
CA ASN C 247 -7.07 -16.16 38.08
C ASN C 247 -7.13 -17.31 39.08
N ASP C 248 -7.95 -17.18 40.12
CA ASP C 248 -8.14 -18.29 41.05
C ASP C 248 -8.82 -19.49 40.40
N GLN C 249 -9.37 -19.32 39.20
CA GLN C 249 -9.97 -20.40 38.43
C GLN C 249 -9.07 -20.88 37.29
N LEU C 250 -8.40 -19.96 36.60
CA LEU C 250 -7.43 -20.30 35.56
C LEU C 250 -6.07 -19.78 35.99
N LEU C 251 -5.14 -20.70 36.24
CA LEU C 251 -3.87 -20.33 36.86
C LEU C 251 -2.90 -19.66 35.91
N CYS C 252 -2.98 -19.96 34.61
CA CYS C 252 -2.02 -19.39 33.66
C CYS C 252 -2.26 -17.88 33.53
N ASN C 253 -1.25 -17.09 33.88
CA ASN C 253 -1.34 -15.64 33.79
C ASN C 253 -0.11 -15.00 33.16
N ARG C 254 0.80 -15.79 32.60
CA ARG C 254 2.02 -15.26 31.99
C ARG C 254 2.27 -15.95 30.67
N ALA C 255 3.16 -15.38 29.86
CA ALA C 255 3.51 -15.98 28.58
C ALA C 255 4.85 -15.43 28.11
N VAL C 256 5.67 -16.31 27.51
CA VAL C 256 6.93 -15.95 26.88
C VAL C 256 6.89 -16.49 25.46
N ALA C 257 6.93 -15.59 24.48
CA ALA C 257 6.69 -15.95 23.08
C ALA C 257 7.78 -15.39 22.18
N THR C 258 7.92 -16.03 21.02
CA THR C 258 8.81 -15.59 19.96
C THR C 258 8.34 -16.21 18.65
N ALA C 259 9.10 -15.98 17.58
CA ALA C 259 8.84 -16.56 16.28
C ALA C 259 10.09 -17.29 15.80
N ILE C 260 9.90 -18.50 15.26
CA ILE C 260 11.00 -19.38 14.88
C ILE C 260 10.91 -19.65 13.39
N LYS C 261 11.98 -19.34 12.66
CA LYS C 261 12.02 -19.61 11.23
C LYS C 261 12.02 -21.12 10.99
N HIS C 262 11.25 -21.55 10.00
CA HIS C 262 10.98 -22.96 9.77
C HIS C 262 11.24 -23.33 8.32
N ASP C 263 11.92 -24.44 8.12
CA ASP C 263 12.20 -24.96 6.77
C ASP C 263 11.03 -25.86 6.38
N ASP C 264 10.09 -25.31 5.62
CA ASP C 264 8.88 -26.04 5.26
C ASP C 264 9.16 -27.22 4.35
N ASP C 265 10.28 -27.22 3.61
CA ASP C 265 10.61 -28.36 2.77
C ASP C 265 10.93 -29.61 3.59
N ALA C 266 11.38 -29.46 4.82
CA ALA C 266 11.80 -30.61 5.62
C ALA C 266 10.61 -31.46 6.05
N HIS C 267 9.63 -30.84 6.71
CA HIS C 267 8.48 -31.58 7.23
C HIS C 267 7.13 -30.94 6.90
N GLY C 268 7.10 -29.83 6.17
CA GLY C 268 5.85 -29.22 5.78
C GLY C 268 5.34 -28.23 6.81
N VAL C 269 4.16 -27.70 6.52
CA VAL C 269 3.49 -26.73 7.37
C VAL C 269 2.26 -27.41 7.97
N GLU C 270 2.28 -27.65 9.27
CA GLU C 270 1.17 -28.31 9.93
C GLU C 270 -0.08 -27.45 9.88
N PRO C 271 -1.19 -27.96 9.35
CA PRO C 271 -2.43 -27.16 9.25
C PRO C 271 -3.27 -27.15 10.54
N TYR C 272 -2.60 -26.90 11.66
CA TYR C 272 -3.29 -26.90 12.95
C TYR C 272 -2.43 -26.19 13.98
N THR C 273 -3.11 -25.63 14.99
CA THR C 273 -2.43 -25.11 16.17
C THR C 273 -2.09 -26.27 17.10
N SER C 274 -0.89 -26.23 17.67
CA SER C 274 -0.45 -27.24 18.62
C SER C 274 -0.45 -26.65 20.02
N ALA C 275 -1.07 -27.36 20.97
CA ALA C 275 -1.06 -27.00 22.38
C ALA C 275 -0.22 -28.04 23.11
N ILE C 276 1.01 -27.66 23.46
CA ILE C 276 2.00 -28.57 24.00
C ILE C 276 2.03 -28.43 25.52
N ALA C 277 1.75 -29.52 26.23
CA ALA C 277 1.72 -29.49 27.68
C ALA C 277 3.12 -29.30 28.24
N MET C 278 3.23 -28.45 29.24
CA MET C 278 4.50 -28.10 29.87
C MET C 278 4.45 -28.47 31.36
N ARG C 279 5.52 -28.12 32.08
CA ARG C 279 5.56 -28.43 33.50
C ARG C 279 4.56 -27.61 34.29
N SER C 280 4.48 -26.31 34.01
CA SER C 280 3.61 -25.40 34.75
C SER C 280 2.74 -24.59 33.81
N GLY C 281 2.16 -25.26 32.81
CA GLY C 281 1.32 -24.62 31.83
C GLY C 281 1.34 -25.39 30.54
N TRP C 282 1.23 -24.66 29.44
CA TRP C 282 1.18 -25.24 28.10
C TRP C 282 1.81 -24.26 27.12
N SER C 283 2.28 -24.80 26.00
CA SER C 283 2.93 -24.01 24.97
C SER C 283 2.18 -24.16 23.65
N TRP C 284 2.14 -23.09 22.87
CA TRP C 284 1.44 -23.11 21.59
C TRP C 284 2.43 -23.14 20.44
N LYS C 285 1.92 -23.58 19.28
CA LYS C 285 2.66 -23.52 18.03
C LYS C 285 1.67 -23.18 16.93
N ILE C 286 1.95 -22.12 16.19
CA ILE C 286 1.04 -21.62 15.16
C ILE C 286 1.81 -21.57 13.84
N PRO C 287 1.77 -22.63 13.04
CA PRO C 287 2.61 -22.69 11.83
C PRO C 287 2.05 -21.82 10.71
N MET C 288 2.94 -21.03 10.11
CA MET C 288 2.65 -20.25 8.92
C MET C 288 3.69 -20.58 7.85
N LEU C 289 3.53 -20.01 6.67
CA LEU C 289 4.44 -20.28 5.56
C LEU C 289 5.78 -19.62 5.84
N GLY C 290 6.79 -20.43 6.16
CA GLY C 290 8.15 -19.97 6.39
C GLY C 290 8.57 -19.99 7.85
N ARG C 291 7.62 -19.84 8.77
CA ARG C 291 7.93 -19.78 10.19
C ARG C 291 6.67 -20.04 10.99
N PHE C 292 6.85 -20.27 12.28
CA PHE C 292 5.74 -20.52 13.19
C PHE C 292 5.91 -19.70 14.45
N GLY C 293 4.77 -19.20 14.97
CA GLY C 293 4.76 -18.52 16.25
C GLY C 293 4.56 -19.50 17.38
N THR C 294 5.29 -19.30 18.46
CA THR C 294 5.22 -20.18 19.62
C THR C 294 5.34 -19.36 20.89
N GLY C 295 4.67 -19.83 21.93
CA GLY C 295 4.70 -19.17 23.22
C GLY C 295 4.36 -20.10 24.37
N TYR C 296 4.99 -19.90 25.51
CA TYR C 296 4.77 -20.73 26.70
C TYR C 296 3.84 -19.96 27.64
N VAL C 297 2.55 -20.31 27.60
CA VAL C 297 1.59 -19.79 28.56
C VAL C 297 1.79 -20.53 29.88
N TYR C 298 2.20 -19.81 30.91
CA TYR C 298 2.52 -20.44 32.18
C TYR C 298 1.89 -19.68 33.33
N SER C 299 1.85 -20.35 34.47
CA SER C 299 1.28 -19.82 35.70
C SER C 299 2.39 -19.25 36.57
N SER C 300 2.24 -17.98 36.96
CA SER C 300 3.22 -17.37 37.84
C SER C 300 3.25 -18.01 39.22
N ARG C 301 2.17 -18.70 39.60
CA ARG C 301 2.13 -19.38 40.89
C ARG C 301 3.11 -20.55 40.94
N PHE C 302 3.40 -21.18 39.80
CA PHE C 302 4.20 -22.38 39.75
C PHE C 302 5.44 -22.28 38.86
N ALA C 303 5.63 -21.16 38.16
CA ALA C 303 6.78 -21.04 37.29
C ALA C 303 7.27 -19.59 37.33
N GLU C 304 8.57 -19.42 37.58
CA GLU C 304 9.16 -18.09 37.53
C GLU C 304 9.53 -17.72 36.10
N LYS C 305 9.67 -16.42 35.86
CA LYS C 305 9.93 -15.93 34.50
C LYS C 305 11.24 -16.48 33.96
N ASP C 306 12.23 -16.68 34.82
CA ASP C 306 13.47 -17.32 34.39
C ASP C 306 13.30 -18.82 34.27
N GLU C 307 12.51 -19.43 35.16
CA GLU C 307 12.27 -20.86 35.10
C GLU C 307 11.46 -21.24 33.87
N ALA C 308 10.47 -20.40 33.51
CA ALA C 308 9.65 -20.68 32.35
C ALA C 308 10.39 -20.39 31.04
N THR C 309 11.21 -19.33 31.03
CA THR C 309 11.97 -19.02 29.82
C THR C 309 12.96 -20.13 29.49
N LEU C 310 13.67 -20.63 30.50
CA LEU C 310 14.64 -21.71 30.26
C LEU C 310 13.95 -22.96 29.74
N ASP C 311 12.80 -23.32 30.32
CA ASP C 311 12.06 -24.47 29.82
C ASP C 311 11.57 -24.24 28.39
N PHE C 312 11.19 -23.00 28.07
CA PHE C 312 10.69 -22.69 26.73
C PHE C 312 11.79 -22.82 25.68
N CYS C 313 12.95 -22.21 25.93
CA CYS C 313 14.03 -22.26 24.95
C CYS C 313 14.62 -23.65 24.83
N ARG C 314 14.61 -24.44 25.90
CA ARG C 314 15.14 -25.79 25.85
C ARG C 314 14.30 -26.69 24.95
N MET C 315 12.98 -26.52 24.98
CA MET C 315 12.11 -27.34 24.15
C MET C 315 12.36 -27.09 22.67
N TRP C 316 12.65 -25.85 22.30
CA TRP C 316 12.91 -25.48 20.92
C TRP C 316 14.39 -25.37 20.59
N GLY C 317 15.27 -25.58 21.56
CA GLY C 317 16.70 -25.50 21.32
C GLY C 317 17.20 -24.10 21.00
N LEU C 318 16.80 -23.13 21.82
CA LEU C 318 17.13 -21.73 21.62
C LEU C 318 18.12 -21.25 22.67
N ASP C 319 18.74 -20.10 22.40
CA ASP C 319 19.69 -19.47 23.31
C ASP C 319 19.01 -18.28 23.97
N PRO C 320 18.83 -18.30 25.29
CA PRO C 320 18.03 -17.24 25.93
C PRO C 320 18.57 -15.83 25.75
N GLU C 321 19.88 -15.66 25.54
CA GLU C 321 20.45 -14.32 25.49
C GLU C 321 20.32 -13.71 24.10
N ASN C 322 20.56 -14.49 23.04
CA ASN C 322 20.44 -13.99 21.67
C ASN C 322 19.11 -14.48 21.08
N THR C 323 18.02 -13.77 21.43
CA THR C 323 16.74 -14.05 20.83
C THR C 323 15.81 -12.86 21.03
N PRO C 324 15.02 -12.49 20.03
CA PRO C 324 13.87 -11.61 20.29
C PRO C 324 12.84 -12.37 21.11
N LEU C 325 12.48 -11.82 22.26
CA LEU C 325 11.56 -12.45 23.19
C LEU C 325 10.50 -11.46 23.63
N ASN C 326 9.28 -11.96 23.82
CA ASN C 326 8.14 -11.15 24.24
C ASN C 326 7.65 -11.66 25.58
N GLN C 327 7.94 -10.91 26.64
CA GLN C 327 7.44 -11.22 27.98
C GLN C 327 6.15 -10.44 28.21
N VAL C 328 5.06 -11.17 28.44
CA VAL C 328 3.73 -10.57 28.62
C VAL C 328 3.12 -11.12 29.89
N ALA C 329 2.57 -10.23 30.72
CA ALA C 329 1.77 -10.60 31.88
C ALA C 329 0.33 -10.16 31.61
N PHE C 330 -0.59 -11.11 31.57
CA PHE C 330 -1.98 -10.82 31.23
C PHE C 330 -2.91 -11.09 32.40
N ARG C 331 -3.99 -10.33 32.46
CA ARG C 331 -5.03 -10.51 33.47
C ARG C 331 -6.07 -11.49 32.94
N VAL C 332 -6.58 -12.32 33.85
CA VAL C 332 -7.56 -13.35 33.50
C VAL C 332 -8.87 -13.00 34.19
N GLY C 333 -9.90 -12.79 33.40
CA GLY C 333 -11.19 -12.44 33.94
C GLY C 333 -11.92 -11.51 32.99
N ARG C 334 -12.80 -10.69 33.57
CA ARG C 334 -13.59 -9.79 32.74
C ARG C 334 -14.03 -8.60 33.58
N ASN C 335 -14.39 -7.53 32.88
CA ASN C 335 -15.07 -6.41 33.49
C ASN C 335 -16.44 -6.85 34.00
N ARG C 336 -16.87 -6.26 35.12
CA ARG C 336 -18.19 -6.56 35.68
C ARG C 336 -19.28 -6.33 34.64
N ARG C 337 -19.14 -5.28 33.85
CA ARG C 337 -20.00 -4.96 32.71
C ARG C 337 -19.11 -4.49 31.59
N ALA C 338 -19.32 -5.01 30.38
CA ALA C 338 -18.46 -4.62 29.27
C ALA C 338 -18.80 -3.22 28.77
N TRP C 339 -20.06 -2.82 28.90
CA TRP C 339 -20.56 -1.55 28.38
C TRP C 339 -21.14 -0.77 29.54
N VAL C 340 -20.53 0.36 29.87
CA VAL C 340 -20.98 1.26 30.94
C VAL C 340 -21.21 2.64 30.33
N LYS C 341 -22.40 3.19 30.56
CA LYS C 341 -22.77 4.53 30.10
C LYS C 341 -22.61 4.59 28.59
N ASN C 342 -21.76 5.47 28.04
CA ASN C 342 -21.55 5.54 26.60
C ASN C 342 -20.19 4.99 26.21
N CYS C 343 -19.67 4.04 26.99
CA CYS C 343 -18.34 3.49 26.79
C CYS C 343 -18.45 1.97 26.66
N VAL C 344 -18.01 1.44 25.53
CA VAL C 344 -18.07 0.00 25.24
C VAL C 344 -16.65 -0.52 25.15
N SER C 345 -16.33 -1.52 25.96
CA SER C 345 -15.00 -2.14 25.94
C SER C 345 -14.98 -3.33 25.01
N ILE C 346 -13.93 -3.42 24.19
CA ILE C 346 -13.76 -4.48 23.20
C ILE C 346 -12.30 -4.89 23.18
N GLY C 347 -12.06 -6.20 23.27
CA GLY C 347 -10.71 -6.73 23.25
C GLY C 347 -10.16 -6.97 24.64
N LEU C 348 -8.85 -6.76 24.81
CA LEU C 348 -8.21 -6.98 26.10
C LEU C 348 -8.72 -6.02 27.17
N ALA C 349 -9.25 -4.86 26.78
CA ALA C 349 -9.86 -3.94 27.73
C ALA C 349 -11.13 -4.51 28.34
N SER C 350 -11.81 -5.42 27.63
CA SER C 350 -13.05 -6.01 28.09
C SER C 350 -12.80 -7.25 28.94
N CYS C 351 -12.06 -8.23 28.41
CA CYS C 351 -11.86 -9.49 29.09
C CYS C 351 -10.70 -10.22 28.42
N PHE C 352 -10.27 -11.32 29.04
CA PHE C 352 -9.22 -12.15 28.46
C PHE C 352 -9.18 -13.50 29.14
N LEU C 353 -8.92 -14.54 28.34
CA LEU C 353 -8.61 -15.88 28.81
C LEU C 353 -7.35 -16.36 28.13
N GLU C 354 -6.72 -17.37 28.70
CA GLU C 354 -5.54 -17.95 28.05
C GLU C 354 -5.94 -18.49 26.68
N PRO C 355 -5.09 -18.33 25.66
CA PRO C 355 -5.49 -18.71 24.30
C PRO C 355 -5.43 -20.21 24.03
N LEU C 356 -5.87 -21.04 24.97
CA LEU C 356 -5.81 -22.48 24.76
C LEU C 356 -6.72 -22.93 23.62
N GLU C 357 -7.85 -22.25 23.42
CA GLU C 357 -8.73 -22.57 22.29
C GLU C 357 -8.86 -21.39 21.32
N SER C 358 -7.91 -20.47 21.35
CA SER C 358 -7.85 -19.33 20.43
C SER C 358 -9.20 -18.63 20.31
N THR C 359 -9.57 -17.94 21.38
CA THR C 359 -10.85 -17.24 21.46
C THR C 359 -10.71 -15.72 21.52
N GLY C 360 -9.50 -15.18 21.40
CA GLY C 360 -9.32 -13.74 21.56
C GLY C 360 -9.99 -12.94 20.46
N ILE C 361 -9.67 -13.24 19.20
CA ILE C 361 -10.31 -12.53 18.09
C ILE C 361 -11.80 -12.86 18.03
N TYR C 362 -12.17 -14.08 18.39
CA TYR C 362 -13.59 -14.45 18.43
C TYR C 362 -14.37 -13.60 19.44
N PHE C 363 -13.79 -13.35 20.61
CA PHE C 363 -14.44 -12.47 21.59
C PHE C 363 -14.59 -11.06 21.04
N ILE C 364 -13.59 -10.56 20.30
CA ILE C 364 -13.70 -9.26 19.65
C ILE C 364 -14.83 -9.29 18.63
N THR C 365 -14.80 -10.29 17.74
CA THR C 365 -15.80 -10.42 16.69
C THR C 365 -17.22 -10.55 17.26
N ALA C 366 -17.36 -11.19 18.42
CA ALA C 366 -18.68 -11.33 19.02
C ALA C 366 -19.15 -10.01 19.62
N ALA C 367 -18.23 -9.24 20.22
CA ALA C 367 -18.60 -7.99 20.86
C ALA C 367 -18.99 -6.94 19.83
N ILE C 368 -18.26 -6.87 18.72
CA ILE C 368 -18.62 -5.93 17.65
C ILE C 368 -19.98 -6.29 17.07
N TYR C 369 -20.23 -7.59 16.85
CA TYR C 369 -21.53 -8.00 16.34
C TYR C 369 -22.63 -7.72 17.34
N GLN C 370 -22.39 -7.97 18.62
CA GLN C 370 -23.40 -7.72 19.63
C GLN C 370 -23.65 -6.23 19.83
N LEU C 371 -22.64 -5.39 19.58
CA LEU C 371 -22.85 -3.96 19.66
C LEU C 371 -23.80 -3.48 18.59
N THR C 372 -23.61 -3.93 17.35
CA THR C 372 -24.51 -3.53 16.27
C THR C 372 -25.91 -4.08 16.46
N GLN C 373 -26.05 -5.22 17.14
CA GLN C 373 -27.37 -5.74 17.45
C GLN C 373 -28.04 -4.99 18.59
N HIS C 374 -27.24 -4.38 19.47
CA HIS C 374 -27.76 -3.56 20.56
C HIS C 374 -27.37 -2.10 20.40
N PHE C 375 -27.32 -1.62 19.16
CA PHE C 375 -26.76 -0.30 18.90
C PHE C 375 -27.64 0.79 19.48
N PRO C 376 -27.09 1.70 20.27
CA PRO C 376 -27.91 2.69 20.96
C PRO C 376 -28.20 3.93 20.12
N ASP C 377 -29.02 4.81 20.67
CA ASP C 377 -29.08 6.21 20.26
C ASP C 377 -28.59 7.05 21.44
N ARG C 378 -28.69 8.37 21.31
CA ARG C 378 -28.10 9.24 22.33
C ARG C 378 -28.81 9.15 23.68
N THR C 379 -29.97 8.52 23.76
CA THR C 379 -30.61 8.30 25.05
C THR C 379 -29.98 7.15 25.83
N PHE C 380 -29.23 6.27 25.16
CA PHE C 380 -28.55 5.13 25.77
C PHE C 380 -29.46 4.38 26.75
N ALA C 381 -30.55 3.86 26.20
CA ALA C 381 -31.51 3.13 27.01
C ALA C 381 -30.83 1.96 27.73
N LEU C 382 -31.14 1.80 29.01
CA LEU C 382 -30.43 0.83 29.84
C LEU C 382 -30.62 -0.60 29.34
N ALA C 383 -31.78 -0.89 28.75
CA ALA C 383 -32.06 -2.26 28.32
C ALA C 383 -31.11 -2.71 27.22
N LEU C 384 -30.58 -1.77 26.43
CA LEU C 384 -29.64 -2.13 25.37
C LEU C 384 -28.29 -2.56 25.95
N SER C 385 -27.75 -1.77 26.87
CA SER C 385 -26.46 -2.10 27.44
C SER C 385 -26.56 -3.25 28.43
N ASP C 386 -27.72 -3.42 29.07
CA ASP C 386 -27.94 -4.56 29.95
C ASP C 386 -27.96 -5.86 29.16
N ALA C 387 -28.64 -5.88 28.02
CA ALA C 387 -28.65 -7.08 27.18
C ALA C 387 -27.27 -7.35 26.60
N PHE C 388 -26.58 -6.30 26.15
CA PHE C 388 -25.22 -6.47 25.65
C PHE C 388 -24.31 -7.08 26.72
N ASN C 389 -24.34 -6.52 27.93
CA ASN C 389 -23.48 -7.01 29.00
C ASN C 389 -23.80 -8.46 29.36
N HIS C 390 -25.07 -8.87 29.21
CA HIS C 390 -25.44 -10.25 29.49
C HIS C 390 -24.85 -11.20 28.45
N GLU C 391 -25.00 -10.87 27.16
CA GLU C 391 -24.46 -11.72 26.11
C GLU C 391 -22.95 -11.88 26.26
N ILE C 392 -22.24 -10.77 26.49
CA ILE C 392 -20.78 -10.81 26.62
C ILE C 392 -20.38 -11.62 27.84
N GLU C 393 -21.01 -11.33 28.99
CA GLU C 393 -20.75 -12.11 30.19
C GLU C 393 -21.03 -13.59 29.98
N ALA C 394 -22.14 -13.90 29.29
CA ALA C 394 -22.54 -15.30 29.14
C ALA C 394 -21.78 -15.99 28.02
N MET C 395 -21.07 -15.21 27.18
CA MET C 395 -20.12 -15.83 26.26
C MET C 395 -18.80 -16.15 26.95
N PHE C 396 -18.41 -15.31 27.91
CA PHE C 396 -17.09 -15.43 28.51
C PHE C 396 -17.04 -16.53 29.57
N ASP C 397 -18.00 -16.54 30.50
CA ASP C 397 -18.08 -17.61 31.50
C ASP C 397 -18.15 -18.99 30.85
N ASP C 398 -18.90 -19.10 29.75
CA ASP C 398 -19.07 -20.39 29.08
C ASP C 398 -17.73 -20.91 28.56
N THR C 399 -17.00 -20.07 27.82
CA THR C 399 -15.69 -20.47 27.35
C THR C 399 -14.70 -20.62 28.51
N ARG C 400 -14.85 -19.79 29.54
CA ARG C 400 -13.96 -19.87 30.69
C ARG C 400 -14.00 -21.25 31.33
N ASP C 401 -15.21 -21.76 31.55
CA ASP C 401 -15.36 -23.07 32.19
C ASP C 401 -14.89 -24.19 31.27
N PHE C 402 -15.10 -24.05 29.97
CA PHE C 402 -14.63 -25.06 29.02
C PHE C 402 -13.11 -25.18 29.07
N ILE C 403 -12.42 -24.05 29.06
CA ILE C 403 -10.95 -24.06 29.15
C ILE C 403 -10.51 -24.64 30.48
N GLN C 404 -11.19 -24.28 31.57
CA GLN C 404 -10.82 -24.85 32.87
C GLN C 404 -10.99 -26.35 32.89
N ALA C 405 -11.97 -26.88 32.15
CA ALA C 405 -12.16 -28.32 32.08
C ALA C 405 -10.97 -29.04 31.45
N HIS C 406 -10.18 -28.33 30.63
CA HIS C 406 -8.99 -28.94 30.05
C HIS C 406 -8.00 -29.34 31.14
N PHE C 407 -7.86 -28.51 32.17
CA PHE C 407 -6.91 -28.79 33.23
C PHE C 407 -7.51 -29.64 34.34
N TYR C 408 -8.82 -29.51 34.58
CA TYR C 408 -9.46 -30.30 35.62
C TYR C 408 -9.49 -31.78 35.23
N VAL C 409 -9.96 -32.08 34.01
CA VAL C 409 -10.11 -33.46 33.57
C VAL C 409 -8.77 -34.08 33.17
N SER C 410 -7.74 -33.25 32.94
CA SER C 410 -6.43 -33.78 32.58
C SER C 410 -5.96 -34.78 33.63
N PRO C 411 -5.43 -35.94 33.22
CA PRO C 411 -5.04 -36.98 34.17
C PRO C 411 -3.63 -36.85 34.73
N ARG C 412 -2.92 -35.76 34.44
CA ARG C 412 -1.54 -35.62 34.87
C ARG C 412 -1.45 -35.19 36.32
N THR C 413 -0.47 -35.76 37.04
CA THR C 413 -0.22 -35.42 38.45
C THR C 413 1.27 -35.30 38.74
N ASP C 414 2.10 -35.09 37.71
CA ASP C 414 3.54 -35.19 37.90
C ASP C 414 4.17 -33.92 38.44
N THR C 415 3.60 -32.76 38.15
CA THR C 415 4.13 -31.48 38.59
C THR C 415 3.17 -30.82 39.55
N PRO C 416 3.65 -29.91 40.40
CA PRO C 416 2.73 -29.19 41.30
C PRO C 416 1.64 -28.42 40.57
N PHE C 417 1.86 -28.05 39.31
CA PHE C 417 0.85 -27.32 38.56
C PHE C 417 -0.34 -28.20 38.21
N TRP C 418 -0.09 -29.41 37.71
CA TRP C 418 -1.17 -30.28 37.28
C TRP C 418 -1.96 -30.83 38.47
N LYS C 419 -1.31 -31.02 39.61
CA LYS C 419 -2.03 -31.46 40.80
C LYS C 419 -2.92 -30.37 41.36
N ALA C 420 -2.54 -29.10 41.19
CA ALA C 420 -3.33 -28.01 41.76
C ALA C 420 -4.65 -27.83 41.01
N ASN C 421 -4.67 -28.11 39.71
CA ASN C 421 -5.90 -27.94 38.94
C ASN C 421 -6.98 -28.92 39.35
N LYS C 422 -6.62 -30.00 40.05
CA LYS C 422 -7.63 -30.96 40.51
C LYS C 422 -8.36 -30.47 41.75
N ASP C 423 -7.74 -29.63 42.56
CA ASP C 423 -8.35 -29.12 43.78
C ASP C 423 -8.98 -27.74 43.60
N LEU C 424 -8.75 -27.08 42.47
CA LEU C 424 -9.44 -25.82 42.20
C LEU C 424 -10.94 -26.07 42.13
N HIS C 425 -11.71 -25.14 42.68
CA HIS C 425 -13.16 -25.27 42.69
CA HIS C 425 -13.16 -25.30 42.69
C HIS C 425 -13.72 -25.27 41.27
N LEU C 426 -14.48 -26.29 40.94
CA LEU C 426 -15.13 -26.43 39.65
C LEU C 426 -16.53 -25.83 39.73
N PRO C 427 -16.89 -24.91 38.83
CA PRO C 427 -18.23 -24.31 38.90
C PRO C 427 -19.30 -25.35 38.61
N GLU C 428 -20.51 -25.07 39.08
CA GLU C 428 -21.56 -26.08 39.16
C GLU C 428 -22.01 -26.55 37.78
N GLN C 429 -22.07 -25.64 36.81
CA GLN C 429 -22.58 -26.04 35.49
C GLN C 429 -21.63 -26.99 34.78
N MET C 430 -20.31 -26.87 35.05
CA MET C 430 -19.36 -27.82 34.46
C MET C 430 -19.38 -29.15 35.18
N ARG C 431 -19.63 -29.15 36.49
CA ARG C 431 -19.82 -30.40 37.21
C ARG C 431 -21.01 -31.17 36.64
N GLU C 432 -22.11 -30.47 36.34
CA GLU C 432 -23.25 -31.12 35.71
C GLU C 432 -22.89 -31.68 34.35
N LYS C 433 -22.13 -30.92 33.55
CA LYS C 433 -21.72 -31.39 32.23
C LYS C 433 -20.88 -32.66 32.33
N ILE C 434 -19.92 -32.67 33.26
CA ILE C 434 -19.11 -33.87 33.47
C ILE C 434 -19.99 -35.03 33.92
N ALA C 435 -20.93 -34.78 34.83
CA ALA C 435 -21.86 -35.81 35.26
C ALA C 435 -22.73 -36.27 34.11
N MET C 436 -23.24 -35.34 33.30
CA MET C 436 -24.00 -35.71 32.11
C MET C 436 -23.14 -36.49 31.13
N TYR C 437 -21.88 -36.09 30.97
CA TYR C 437 -20.98 -36.81 30.06
C TYR C 437 -20.75 -38.23 30.53
N LYS C 438 -20.54 -38.41 31.85
CA LYS C 438 -20.27 -39.74 32.38
C LYS C 438 -21.49 -40.65 32.28
N ALA C 439 -22.69 -40.08 32.30
CA ALA C 439 -23.90 -40.88 32.21
C ALA C 439 -24.30 -41.22 30.78
N GLY C 440 -23.55 -40.76 29.78
CA GLY C 440 -23.83 -41.05 28.39
C GLY C 440 -24.64 -39.98 27.66
N LEU C 441 -25.01 -38.89 28.33
CA LEU C 441 -25.77 -37.85 27.68
C LEU C 441 -24.87 -37.01 26.76
N PRO C 442 -25.42 -36.47 25.68
CA PRO C 442 -24.71 -35.45 24.92
C PRO C 442 -24.67 -34.15 25.71
N ILE C 443 -23.66 -33.33 25.41
CA ILE C 443 -23.50 -32.02 26.04
C ILE C 443 -23.65 -30.98 24.93
N ASN C 444 -24.78 -30.27 24.95
CA ASN C 444 -25.04 -29.21 23.98
C ASN C 444 -24.95 -29.74 22.55
N ALA C 445 -25.76 -30.75 22.28
CA ALA C 445 -25.78 -31.37 20.96
C ALA C 445 -26.28 -30.37 19.92
N PRO C 446 -25.66 -30.32 18.75
CA PRO C 446 -26.12 -29.38 17.71
C PRO C 446 -27.47 -29.78 17.16
N VAL C 447 -28.35 -28.80 17.02
CA VAL C 447 -29.67 -29.05 16.45
C VAL C 447 -29.69 -28.75 14.95
N THR C 448 -29.05 -27.66 14.53
CA THR C 448 -28.98 -27.32 13.12
C THR C 448 -27.90 -28.14 12.43
N ASP C 449 -27.90 -28.09 11.10
CA ASP C 449 -26.84 -28.72 10.32
C ASP C 449 -25.69 -27.74 10.16
N GLU C 450 -24.62 -28.19 9.47
CA GLU C 450 -23.42 -27.37 9.38
C GLU C 450 -23.66 -26.10 8.58
N SER C 451 -24.46 -26.17 7.51
CA SER C 451 -24.69 -25.00 6.67
C SER C 451 -25.38 -23.89 7.44
N THR C 452 -26.32 -24.24 8.31
CA THR C 452 -27.00 -23.23 9.11
C THR C 452 -26.14 -22.79 10.30
N TYR C 453 -25.40 -23.72 10.89
CA TYR C 453 -24.57 -23.39 12.06
C TYR C 453 -23.54 -22.32 11.72
N TYR C 454 -22.86 -22.46 10.58
CA TYR C 454 -21.84 -21.52 10.17
C TYR C 454 -22.38 -20.42 9.26
N GLY C 455 -23.64 -20.47 8.89
CA GLY C 455 -24.23 -19.45 8.04
C GLY C 455 -24.88 -18.32 8.81
N ARG C 456 -25.31 -18.59 10.04
CA ARG C 456 -25.92 -17.59 10.90
C ARG C 456 -25.15 -17.55 12.22
N PHE C 457 -24.59 -16.38 12.55
CA PHE C 457 -23.70 -16.28 13.70
C PHE C 457 -24.44 -16.54 15.01
N GLU C 458 -25.64 -15.98 15.17
CA GLU C 458 -26.38 -16.15 16.42
C GLU C 458 -26.71 -17.62 16.69
N ALA C 459 -26.89 -18.42 15.64
CA ALA C 459 -27.08 -19.85 15.84
C ALA C 459 -25.83 -20.47 16.49
N GLU C 460 -24.65 -20.00 16.11
CA GLU C 460 -23.42 -20.51 16.72
C GLU C 460 -23.17 -19.87 18.08
N PHE C 461 -23.44 -18.57 18.20
CA PHE C 461 -23.24 -17.89 19.48
C PHE C 461 -24.10 -18.50 20.58
N ARG C 462 -25.26 -19.06 20.22
CA ARG C 462 -26.15 -19.69 21.19
C ARG C 462 -25.74 -21.12 21.53
N ASN C 463 -24.79 -21.69 20.79
CA ASN C 463 -24.32 -23.05 21.04
C ASN C 463 -22.90 -23.19 20.52
N PHE C 464 -21.94 -22.53 21.18
CA PHE C 464 -20.61 -22.40 20.62
C PHE C 464 -19.79 -23.68 20.78
N TRP C 465 -19.61 -24.13 22.02
CA TRP C 465 -18.92 -25.39 22.28
C TRP C 465 -19.96 -26.51 22.27
N THR C 466 -20.01 -27.25 21.16
CA THR C 466 -21.00 -28.30 20.98
C THR C 466 -20.49 -29.63 21.54
N ASN C 467 -21.31 -30.67 21.39
CA ASN C 467 -21.01 -31.98 21.95
C ASN C 467 -19.70 -32.54 21.42
N GLY C 468 -19.42 -32.34 20.12
CA GLY C 468 -18.16 -32.80 19.56
C GLY C 468 -16.95 -32.23 20.29
N SER C 469 -17.02 -30.95 20.65
CA SER C 469 -15.89 -30.31 21.30
C SER C 469 -15.69 -30.86 22.72
N TYR C 470 -16.77 -31.11 23.44
CA TYR C 470 -16.64 -31.74 24.75
C TYR C 470 -16.09 -33.15 24.62
N TYR C 471 -16.50 -33.88 23.57
CA TYR C 471 -15.96 -35.22 23.39
C TYR C 471 -14.49 -35.20 22.98
N CYS C 472 -14.07 -34.19 22.21
CA CYS C 472 -12.66 -34.08 21.84
C CYS C 472 -11.79 -33.92 23.08
N ILE C 473 -12.17 -33.01 23.98
CA ILE C 473 -11.36 -32.72 25.16
C ILE C 473 -11.47 -33.83 26.19
N PHE C 474 -12.70 -34.24 26.53
CA PHE C 474 -12.88 -35.26 27.57
C PHE C 474 -12.27 -36.60 27.15
N ALA C 475 -12.68 -37.12 25.99
CA ALA C 475 -12.15 -38.40 25.53
C ALA C 475 -10.66 -38.30 25.18
N GLY C 476 -10.25 -37.16 24.61
CA GLY C 476 -8.84 -36.95 24.34
C GLY C 476 -7.97 -37.02 25.57
N LEU C 477 -8.48 -36.54 26.70
CA LEU C 477 -7.76 -36.64 27.97
C LEU C 477 -7.97 -37.97 28.68
N GLY C 478 -8.72 -38.90 28.07
CA GLY C 478 -8.92 -40.21 28.63
C GLY C 478 -10.23 -40.43 29.36
N LEU C 479 -11.10 -39.41 29.40
CA LEU C 479 -12.36 -39.51 30.11
C LEU C 479 -13.43 -40.00 29.13
N ARG C 480 -13.94 -41.19 29.38
CA ARG C 480 -15.05 -41.77 28.63
C ARG C 480 -16.24 -41.94 29.56
N PRO C 481 -17.47 -41.99 29.03
CA PRO C 481 -18.63 -42.19 29.89
C PRO C 481 -18.57 -43.54 30.60
N ASP C 482 -19.18 -43.59 31.78
CA ASP C 482 -19.20 -44.82 32.58
C ASP C 482 -19.94 -45.94 31.86
N ASN C 483 -20.86 -45.58 30.98
CA ASN C 483 -21.67 -46.55 30.25
C ASN C 483 -22.25 -45.84 29.04
N PRO C 484 -22.65 -46.58 28.00
CA PRO C 484 -23.26 -45.95 26.84
C PRO C 484 -24.61 -45.32 27.20
N LEU C 485 -25.11 -44.51 26.28
CA LEU C 485 -26.43 -43.93 26.43
C LEU C 485 -27.47 -45.05 26.55
N PRO C 486 -28.17 -45.16 27.68
CA PRO C 486 -29.00 -46.36 27.92
C PRO C 486 -30.02 -46.64 26.82
N MET C 487 -30.48 -45.63 26.10
CA MET C 487 -31.44 -45.89 25.01
C MET C 487 -30.81 -46.71 23.89
N LEU C 488 -29.48 -46.63 23.73
CA LEU C 488 -28.82 -47.42 22.70
C LEU C 488 -28.93 -48.91 22.97
N ARG C 489 -28.96 -49.32 24.24
CA ARG C 489 -29.11 -50.74 24.56
C ARG C 489 -30.48 -51.28 24.13
N HIS C 490 -31.46 -50.42 23.93
CA HIS C 490 -32.78 -50.84 23.49
C HIS C 490 -32.94 -50.76 21.97
N ARG C 491 -31.93 -50.30 21.24
CA ARG C 491 -32.01 -50.10 19.79
C ARG C 491 -30.85 -50.82 19.10
N PRO C 492 -30.84 -52.16 19.11
CA PRO C 492 -29.73 -52.87 18.45
C PRO C 492 -29.57 -52.55 16.97
N GLU C 493 -30.67 -52.49 16.21
CA GLU C 493 -30.55 -52.25 14.77
C GLU C 493 -29.99 -50.86 14.49
N GLN C 494 -30.47 -49.85 15.22
CA GLN C 494 -29.99 -48.48 15.03
C GLN C 494 -28.48 -48.39 15.28
N VAL C 495 -27.98 -49.13 16.27
CA VAL C 495 -26.54 -49.18 16.51
C VAL C 495 -25.83 -49.81 15.32
N ARG C 496 -26.45 -50.81 14.70
CA ARG C 496 -25.81 -51.48 13.57
C ARG C 496 -25.82 -50.59 12.32
N GLU C 497 -26.92 -49.91 12.06
CA GLU C 497 -26.96 -49.01 10.90
C GLU C 497 -25.99 -47.85 11.07
N ALA C 498 -25.69 -47.47 12.31
CA ALA C 498 -24.80 -46.35 12.57
C ALA C 498 -23.33 -46.69 12.35
N GLN C 499 -22.99 -47.99 12.27
CA GLN C 499 -21.62 -48.37 11.98
C GLN C 499 -21.18 -47.91 10.59
N ALA C 500 -22.12 -47.65 9.69
CA ALA C 500 -21.79 -47.10 8.39
C ALA C 500 -21.19 -45.69 8.49
N LEU C 501 -21.45 -44.98 9.59
CA LEU C 501 -20.84 -43.67 9.76
C LEU C 501 -19.34 -43.78 10.00
N PHE C 502 -18.91 -44.80 10.74
CA PHE C 502 -17.47 -45.02 10.91
C PHE C 502 -16.82 -45.45 9.61
N ALA C 503 -17.54 -46.18 8.76
CA ALA C 503 -16.99 -46.55 7.46
C ALA C 503 -16.86 -45.34 6.55
N GLY C 504 -17.86 -44.46 6.54
CA GLY C 504 -17.78 -43.26 5.72
C GLY C 504 -16.64 -42.36 6.14
N VAL C 505 -16.40 -42.25 7.45
CA VAL C 505 -15.24 -41.49 7.93
C VAL C 505 -13.95 -42.14 7.45
N LYS C 506 -13.88 -43.47 7.50
CA LYS C 506 -12.69 -44.17 7.04
C LYS C 506 -12.46 -43.94 5.54
N ASP C 507 -13.54 -43.98 4.75
CA ASP C 507 -13.41 -43.73 3.32
C ASP C 507 -13.02 -42.29 3.05
N LYS C 508 -13.44 -41.35 3.89
CA LYS C 508 -13.03 -39.96 3.73
C LYS C 508 -11.58 -39.76 4.15
N GLN C 509 -11.15 -40.43 5.24
CA GLN C 509 -9.76 -40.38 5.65
C GLN C 509 -8.84 -40.88 4.54
N ARG C 510 -9.27 -41.93 3.82
CA ARG C 510 -8.47 -42.42 2.71
C ARG C 510 -8.50 -41.45 1.54
N GLU C 511 -9.66 -40.86 1.27
CA GLU C 511 -9.79 -39.96 0.12
C GLU C 511 -8.99 -38.68 0.31
N LEU C 512 -9.06 -38.08 1.49
CA LEU C 512 -8.44 -36.77 1.69
C LEU C 512 -6.92 -36.87 1.65
N VAL C 513 -6.34 -37.94 2.18
CA VAL C 513 -4.89 -38.08 2.16
C VAL C 513 -4.40 -38.27 0.72
N GLU C 514 -5.21 -38.85 -0.15
CA GLU C 514 -4.79 -39.18 -1.51
C GLU C 514 -5.05 -38.07 -2.51
N THR C 515 -6.14 -37.32 -2.35
CA THR C 515 -6.52 -36.32 -3.35
C THR C 515 -6.20 -34.89 -2.94
N LEU C 516 -6.13 -34.60 -1.65
CA LEU C 516 -5.89 -33.25 -1.21
C LEU C 516 -4.45 -32.82 -1.48
N PRO C 517 -4.24 -31.56 -1.81
CA PRO C 517 -2.90 -31.01 -1.86
C PRO C 517 -2.33 -30.78 -0.46
N SER C 518 -1.01 -30.80 -0.37
CA SER C 518 -0.36 -30.55 0.91
C SER C 518 -0.56 -29.09 1.34
N ASN C 519 -0.56 -28.87 2.65
CA ASN C 519 -0.69 -27.52 3.16
C ASN C 519 0.41 -26.61 2.62
N LEU C 520 1.60 -27.17 2.43
CA LEU C 520 2.71 -26.36 1.91
C LEU C 520 2.45 -25.88 0.48
N GLU C 521 2.11 -26.80 -0.44
CA GLU C 521 1.97 -26.38 -1.84
C GLU C 521 0.77 -25.44 -2.02
N PHE C 522 -0.30 -25.63 -1.23
CA PHE C 522 -1.43 -24.72 -1.35
C PHE C 522 -1.08 -23.32 -0.88
N LEU C 523 -0.35 -23.22 0.24
CA LEU C 523 0.02 -21.91 0.77
C LEU C 523 0.94 -21.15 -0.16
N ARG C 524 1.90 -21.84 -0.78
CA ARG C 524 2.84 -21.17 -1.68
C ARG C 524 2.11 -20.56 -2.88
N SER C 525 1.11 -21.26 -3.39
CA SER C 525 0.32 -20.71 -4.50
C SER C 525 -0.47 -19.49 -4.06
N LEU C 526 -0.93 -19.47 -2.81
CA LEU C 526 -1.74 -18.36 -2.34
C LEU C 526 -0.90 -17.11 -2.10
N HIS C 527 0.32 -17.27 -1.59
CA HIS C 527 1.17 -16.13 -1.26
C HIS C 527 2.12 -15.79 -2.40
N ASP D 2 24.37 -14.20 -28.45
CA ASP D 2 23.86 -13.03 -27.72
C ASP D 2 24.79 -12.68 -26.57
N ASN D 3 25.23 -11.42 -26.52
CA ASN D 3 26.19 -10.97 -25.51
C ASN D 3 25.64 -9.89 -24.58
N ARG D 4 24.34 -9.61 -24.63
CA ARG D 4 23.81 -8.56 -23.78
C ARG D 4 23.69 -9.04 -22.34
N ILE D 5 23.65 -8.07 -21.42
CA ILE D 5 23.45 -8.39 -20.01
C ILE D 5 22.08 -9.02 -19.81
N ASN D 6 22.04 -10.09 -19.01
CA ASN D 6 20.79 -10.78 -18.71
C ASN D 6 20.30 -10.55 -17.29
N ARG D 7 21.22 -10.43 -16.32
CA ARG D 7 20.87 -10.42 -14.91
C ARG D 7 21.71 -9.37 -14.19
N ILE D 8 21.04 -8.50 -13.45
CA ILE D 8 21.69 -7.50 -12.60
C ILE D 8 21.36 -7.82 -11.16
N VAL D 9 22.37 -7.79 -10.30
CA VAL D 9 22.21 -7.96 -8.86
C VAL D 9 22.66 -6.67 -8.18
N ILE D 10 21.83 -6.17 -7.26
CA ILE D 10 22.10 -4.93 -6.53
C ILE D 10 22.23 -5.28 -5.05
N LEU D 11 23.38 -4.96 -4.47
CA LEU D 11 23.61 -5.15 -3.04
C LEU D 11 23.35 -3.83 -2.33
N GLY D 12 22.26 -3.76 -1.58
CA GLY D 12 21.93 -2.54 -0.86
C GLY D 12 20.52 -2.06 -1.12
N GLY D 13 19.82 -1.69 -0.04
CA GLY D 13 18.43 -1.29 -0.16
C GLY D 13 18.11 0.07 0.41
N GLY D 14 19.12 0.93 0.50
CA GLY D 14 18.90 2.31 0.89
C GLY D 14 18.32 3.12 -0.24
N THR D 15 18.53 4.43 -0.20
CA THR D 15 18.09 5.29 -1.29
C THR D 15 18.80 4.93 -2.59
N ALA D 16 20.10 4.67 -2.51
CA ALA D 16 20.87 4.34 -3.72
C ALA D 16 20.34 3.07 -4.37
N GLY D 17 20.10 2.02 -3.57
CA GLY D 17 19.71 0.75 -4.13
C GLY D 17 18.41 0.83 -4.91
N TRP D 18 17.39 1.47 -4.33
CA TRP D 18 16.07 1.45 -4.95
C TRP D 18 15.93 2.47 -6.06
N MET D 19 16.68 3.57 -6.02
CA MET D 19 16.75 4.43 -7.19
C MET D 19 17.38 3.69 -8.37
N THR D 20 18.47 2.96 -8.10
CA THR D 20 19.12 2.18 -9.16
C THR D 20 18.18 1.12 -9.70
N ALA D 21 17.55 0.34 -8.82
CA ALA D 21 16.64 -0.71 -9.26
C ALA D 21 15.46 -0.15 -10.05
N SER D 22 14.88 0.95 -9.58
CA SER D 22 13.74 1.53 -10.29
C SER D 22 14.14 2.06 -11.66
N TYR D 23 15.27 2.77 -11.73
CA TYR D 23 15.68 3.39 -12.98
C TYR D 23 16.14 2.34 -13.99
N LEU D 24 16.97 1.39 -13.56
CA LEU D 24 17.44 0.35 -14.47
C LEU D 24 16.29 -0.50 -14.98
N ALA D 25 15.31 -0.80 -14.11
CA ALA D 25 14.20 -1.65 -14.54
C ALA D 25 13.33 -0.95 -15.57
N LYS D 26 13.09 0.35 -15.40
CA LYS D 26 12.31 1.08 -16.39
C LYS D 26 13.08 1.23 -17.69
N ALA D 27 14.40 1.37 -17.62
CA ALA D 27 15.21 1.55 -18.82
C ALA D 27 15.36 0.25 -19.59
N LEU D 28 15.60 -0.86 -18.90
CA LEU D 28 15.88 -2.13 -19.55
C LEU D 28 14.65 -3.00 -19.76
N GLY D 29 13.55 -2.71 -19.08
CA GLY D 29 12.36 -3.53 -19.23
C GLY D 29 12.60 -4.96 -18.79
N ASP D 30 11.93 -5.88 -19.49
CA ASP D 30 12.04 -7.30 -19.18
C ASP D 30 13.22 -7.97 -19.89
N THR D 31 14.11 -7.20 -20.52
CA THR D 31 15.30 -7.79 -21.12
C THR D 31 16.31 -8.22 -20.08
N VAL D 32 16.20 -7.73 -18.85
CA VAL D 32 17.14 -8.02 -17.77
C VAL D 32 16.35 -8.29 -16.50
N THR D 33 16.70 -9.36 -15.79
CA THR D 33 16.14 -9.61 -14.46
C THR D 33 16.99 -8.88 -13.43
N ILE D 34 16.34 -8.14 -12.55
CA ILE D 34 17.01 -7.30 -11.56
C ILE D 34 16.63 -7.79 -10.17
N THR D 35 17.64 -8.04 -9.34
CA THR D 35 17.45 -8.55 -7.99
C THR D 35 18.20 -7.66 -7.01
N LEU D 36 17.49 -7.18 -5.98
CA LEU D 36 18.08 -6.34 -4.96
C LEU D 36 18.18 -7.14 -3.67
N LEU D 37 19.40 -7.26 -3.14
CA LEU D 37 19.65 -7.93 -1.87
C LEU D 37 19.89 -6.89 -0.79
N GLU D 38 19.12 -6.98 0.30
CA GLU D 38 19.23 -6.03 1.39
C GLU D 38 19.04 -6.76 2.71
N ALA D 39 19.73 -6.26 3.74
CA ALA D 39 19.64 -6.82 5.08
C ALA D 39 18.72 -5.95 5.92
N PRO D 40 17.51 -6.39 6.26
CA PRO D 40 16.58 -5.61 7.08
C PRO D 40 17.05 -5.47 8.53
N VAL D 47 15.78 13.46 10.12
CA VAL D 47 17.02 14.20 9.84
C VAL D 47 16.93 14.89 8.48
N GLY D 48 16.02 14.41 7.63
CA GLY D 48 15.68 15.10 6.41
C GLY D 48 16.70 14.88 5.29
N GLU D 49 16.23 15.14 4.07
CA GLU D 49 17.05 15.02 2.87
C GLU D 49 16.73 16.19 1.95
N ALA D 50 17.77 16.81 1.40
CA ALA D 50 17.62 17.90 0.46
C ALA D 50 18.13 17.48 -0.92
N THR D 51 17.53 18.04 -1.97
CA THR D 51 17.84 17.64 -3.34
C THR D 51 18.12 18.84 -4.25
N VAL D 52 18.22 18.58 -5.54
CA VAL D 52 18.44 19.63 -6.55
C VAL D 52 17.34 19.50 -7.60
N PRO D 53 17.13 20.54 -8.41
CA PRO D 53 15.96 20.55 -9.30
C PRO D 53 16.00 19.54 -10.45
N ASN D 54 17.12 18.86 -10.71
CA ASN D 54 17.12 17.92 -11.81
C ASN D 54 16.56 16.55 -11.42
N LEU D 55 16.20 16.36 -10.15
CA LEU D 55 15.71 15.04 -9.71
C LEU D 55 14.40 14.67 -10.39
N GLN D 56 13.55 15.66 -10.68
CA GLN D 56 12.27 15.36 -11.31
C GLN D 56 12.44 15.03 -12.79
N ARG D 57 13.24 15.82 -13.51
CA ARG D 57 13.37 15.63 -14.96
C ARG D 57 14.07 14.32 -15.30
N VAL D 58 15.12 13.99 -14.55
CA VAL D 58 15.93 12.81 -14.84
C VAL D 58 15.31 11.55 -14.24
N PHE D 59 14.99 11.58 -12.95
CA PHE D 59 14.60 10.36 -12.25
C PHE D 59 13.09 10.13 -12.26
N PHE D 60 12.33 11.04 -11.64
CA PHE D 60 10.90 10.80 -11.50
C PHE D 60 10.16 10.86 -12.83
N ASP D 61 10.59 11.75 -13.75
CA ASP D 61 9.94 11.80 -15.05
C ASP D 61 10.26 10.58 -15.90
N PHE D 62 11.43 9.97 -15.70
CA PHE D 62 11.74 8.73 -16.39
C PHE D 62 10.87 7.58 -15.90
N LEU D 63 10.41 7.65 -14.65
CA LEU D 63 9.52 6.64 -14.09
C LEU D 63 8.05 6.98 -14.28
N GLY D 64 7.74 8.09 -14.95
CA GLY D 64 6.36 8.50 -15.14
C GLY D 64 5.65 8.91 -13.87
N LEU D 65 6.39 9.33 -12.85
CA LEU D 65 5.81 9.71 -11.57
C LEU D 65 5.76 11.23 -11.49
N ARG D 66 4.56 11.78 -11.60
CA ARG D 66 4.38 13.22 -11.44
C ARG D 66 4.66 13.64 -10.00
N GLU D 67 4.93 14.93 -9.82
CA GLU D 67 5.24 15.44 -8.49
C GLU D 67 4.09 15.22 -7.52
N GLU D 68 2.86 15.15 -8.02
CA GLU D 68 1.69 14.95 -7.19
C GLU D 68 1.54 13.50 -6.71
N GLU D 69 2.34 12.58 -7.24
CA GLU D 69 2.24 11.17 -6.85
C GLU D 69 3.22 10.82 -5.73
N TRP D 70 4.50 11.19 -5.89
CA TRP D 70 5.52 10.76 -4.93
C TRP D 70 5.69 11.72 -3.76
N MET D 71 5.46 13.02 -3.96
CA MET D 71 5.57 13.96 -2.85
C MET D 71 4.65 13.63 -1.69
N PRO D 72 3.37 13.28 -1.87
CA PRO D 72 2.55 12.90 -0.70
C PRO D 72 2.98 11.60 -0.05
N GLU D 73 3.58 10.69 -0.82
CA GLU D 73 4.00 9.40 -0.29
C GLU D 73 5.27 9.49 0.56
N CYS D 74 5.92 10.65 0.62
CA CYS D 74 7.17 10.75 1.39
CA CYS D 74 7.19 10.77 1.35
C CYS D 74 7.25 12.03 2.20
N ASN D 75 6.11 12.68 2.50
CA ASN D 75 6.05 13.92 3.26
C ASN D 75 7.03 14.95 2.70
N ALA D 76 7.01 15.09 1.37
CA ALA D 76 7.96 15.95 0.69
C ALA D 76 7.58 17.42 0.83
N ALA D 77 8.59 18.27 0.96
CA ALA D 77 8.42 19.71 1.02
C ALA D 77 9.18 20.36 -0.14
N PHE D 78 9.35 21.67 -0.07
CA PHE D 78 9.94 22.43 -1.16
C PHE D 78 11.21 23.13 -0.70
N LYS D 79 12.18 23.21 -1.61
CA LYS D 79 13.47 23.86 -1.36
C LYS D 79 13.74 24.81 -2.51
N THR D 80 13.69 26.11 -2.22
CA THR D 80 13.98 27.12 -3.22
C THR D 80 15.45 27.51 -3.28
N ALA D 81 16.18 27.33 -2.19
CA ALA D 81 17.58 27.75 -2.10
C ALA D 81 18.20 27.13 -0.86
N VAL D 82 19.48 27.44 -0.64
CA VAL D 82 20.17 27.14 0.61
C VAL D 82 20.50 28.47 1.27
N LYS D 83 20.05 28.64 2.51
CA LYS D 83 20.30 29.86 3.27
C LYS D 83 21.50 29.62 4.18
N PHE D 84 22.56 30.41 4.00
CA PHE D 84 23.77 30.30 4.79
C PHE D 84 23.71 31.34 5.91
N ILE D 85 23.71 30.87 7.15
CA ILE D 85 23.51 31.73 8.32
C ILE D 85 24.80 31.75 9.14
N ASN D 86 25.25 32.96 9.48
CA ASN D 86 26.38 33.20 10.37
C ASN D 86 27.71 32.72 9.79
N TRP D 87 27.86 32.78 8.47
CA TRP D 87 29.11 32.39 7.84
C TRP D 87 30.10 33.56 7.72
N ARG D 88 29.74 34.74 8.18
CA ARG D 88 30.62 35.90 8.12
C ARG D 88 30.95 36.50 9.48
N THR D 89 30.15 36.23 10.52
CA THR D 89 30.35 36.85 11.82
C THR D 89 30.89 35.84 12.83
N PRO D 90 31.71 36.29 13.78
CA PRO D 90 32.16 35.40 14.85
C PRO D 90 31.10 35.21 15.92
N GLY D 91 31.22 34.11 16.64
CA GLY D 91 30.29 33.78 17.70
C GLY D 91 30.08 32.28 17.83
N PRO D 92 29.09 31.89 18.64
CA PRO D 92 28.81 30.46 18.82
C PRO D 92 27.77 29.95 17.83
N GLY D 93 27.52 28.65 17.84
CA GLY D 93 26.50 28.07 16.98
C GLY D 93 25.10 28.35 17.46
N GLU D 94 24.38 29.22 16.77
CA GLU D 94 23.01 29.58 17.14
C GLU D 94 22.16 29.67 15.89
N ALA D 95 20.88 29.32 16.04
CA ALA D 95 19.98 29.25 14.89
C ALA D 95 19.61 30.63 14.35
N LYS D 96 19.76 31.69 15.14
CA LYS D 96 19.40 33.03 14.71
C LYS D 96 20.60 33.75 14.10
N ALA D 97 20.32 34.56 13.08
CA ALA D 97 21.37 35.25 12.35
C ALA D 97 21.83 36.49 13.11
N ARG D 98 23.15 36.68 13.16
CA ARG D 98 23.75 37.87 13.76
C ARG D 98 23.57 39.07 12.84
N THR D 99 24.30 40.15 13.10
CA THR D 99 24.06 41.43 12.45
C THR D 99 25.35 42.01 11.89
N ILE D 100 25.29 42.50 10.66
CA ILE D 100 26.35 43.33 10.10
C ILE D 100 25.75 44.58 9.47
N GLY D 102 23.32 46.77 9.87
CA GLY D 102 21.88 46.73 9.91
C GLY D 102 21.26 45.74 8.94
N ARG D 103 21.86 44.55 8.84
CA ARG D 103 21.38 43.49 7.98
C ARG D 103 21.68 42.17 8.64
N PRO D 104 20.72 41.23 8.68
CA PRO D 104 21.00 39.92 9.27
C PRO D 104 22.05 39.17 8.48
N ASP D 105 22.96 38.50 9.20
CA ASP D 105 24.09 37.81 8.59
C ASP D 105 23.61 36.53 7.92
N HIS D 106 23.06 36.69 6.72
CA HIS D 106 22.66 35.53 5.93
C HIS D 106 22.65 35.91 4.45
N PHE D 107 22.78 34.89 3.61
CA PHE D 107 22.61 35.06 2.17
C PHE D 107 21.99 33.78 1.60
N TYR D 108 21.47 33.90 0.39
CA TYR D 108 20.77 32.81 -0.26
C TYR D 108 21.54 32.32 -1.48
N HIS D 109 21.32 31.06 -1.82
CA HIS D 109 21.88 30.42 -3.02
C HIS D 109 20.72 29.76 -3.75
N PRO D 110 20.00 30.51 -4.58
CA PRO D 110 18.83 29.95 -5.27
C PRO D 110 19.20 29.16 -6.51
N PHE D 111 18.20 28.52 -7.09
CA PHE D 111 18.35 27.78 -8.34
C PHE D 111 18.08 28.71 -9.51
N GLY D 112 18.05 28.16 -10.72
CA GLY D 112 17.81 28.94 -11.90
C GLY D 112 19.04 29.70 -12.36
N LEU D 113 18.99 30.17 -13.60
CA LEU D 113 20.08 30.92 -14.21
C LEU D 113 19.79 32.42 -14.14
N LEU D 114 20.85 33.20 -13.98
CA LEU D 114 20.70 34.64 -13.93
C LEU D 114 20.29 35.18 -15.31
N PRO D 115 19.51 36.25 -15.35
CA PRO D 115 19.21 36.91 -16.62
C PRO D 115 20.46 37.55 -17.20
N GLU D 116 20.38 37.88 -18.49
CA GLU D 116 21.51 38.46 -19.19
C GLU D 116 21.04 39.61 -20.07
N HIS D 117 21.87 40.65 -20.16
CA HIS D 117 21.69 41.73 -21.12
C HIS D 117 23.01 41.95 -21.84
N GLY D 118 22.95 42.01 -23.17
CA GLY D 118 24.18 42.00 -23.94
C GLY D 118 25.00 40.74 -23.73
N GLN D 119 24.32 39.62 -23.40
CA GLN D 119 24.99 38.35 -23.11
C GLN D 119 26.00 38.50 -21.96
N VAL D 120 25.64 39.33 -20.98
CA VAL D 120 26.45 39.52 -19.78
C VAL D 120 25.54 39.27 -18.59
N PRO D 121 25.90 38.36 -17.67
CA PRO D 121 25.00 38.04 -16.56
C PRO D 121 24.74 39.25 -15.68
N LEU D 122 23.58 39.23 -15.00
CA LEU D 122 23.19 40.32 -14.13
C LEU D 122 24.18 40.51 -12.98
N SER D 123 24.82 39.44 -12.55
CA SER D 123 25.82 39.53 -11.48
C SER D 123 26.91 40.53 -11.81
N HIS D 124 27.29 40.65 -13.09
CA HIS D 124 28.36 41.57 -13.45
C HIS D 124 27.88 43.01 -13.43
N TYR D 125 26.59 43.23 -13.65
CA TYR D 125 26.04 44.59 -13.49
C TYR D 125 25.93 44.96 -12.02
N TRP D 126 25.59 43.99 -11.16
CA TRP D 126 25.62 44.25 -9.73
C TRP D 126 27.04 44.58 -9.26
N ALA D 127 28.03 43.84 -9.76
CA ALA D 127 29.41 44.11 -9.41
C ALA D 127 29.86 45.47 -9.93
N TYR D 128 29.41 45.85 -11.13
CA TYR D 128 29.72 47.17 -11.66
C TYR D 128 29.22 48.27 -10.73
N ASN D 129 28.00 48.12 -10.20
CA ASN D 129 27.43 49.15 -9.35
C ASN D 129 28.05 49.15 -7.96
N ARG D 130 28.47 47.99 -7.45
CA ARG D 130 29.15 47.96 -6.16
C ARG D 130 30.52 48.63 -6.26
N ALA D 131 31.27 48.34 -7.32
CA ALA D 131 32.62 48.89 -7.45
C ALA D 131 32.59 50.40 -7.63
N ALA D 132 31.57 50.93 -8.29
CA ALA D 132 31.40 52.37 -8.43
C ALA D 132 30.78 53.01 -7.20
N GLY D 133 30.38 52.21 -6.21
CA GLY D 133 29.80 52.75 -4.99
C GLY D 133 28.42 53.35 -5.16
N THR D 134 27.71 53.02 -6.24
CA THR D 134 26.38 53.59 -6.44
C THR D 134 25.32 52.82 -5.67
N THR D 135 25.54 51.53 -5.42
CA THR D 135 24.63 50.74 -4.62
C THR D 135 25.43 49.91 -3.62
N ASP D 136 24.75 49.52 -2.54
CA ASP D 136 25.31 48.62 -1.54
C ASP D 136 24.41 47.43 -1.28
N GLU D 137 23.44 47.18 -2.13
CA GLU D 137 22.54 46.05 -1.94
C GLU D 137 23.29 44.75 -2.12
N PRO D 138 23.10 43.76 -1.24
CA PRO D 138 23.76 42.46 -1.43
C PRO D 138 23.37 41.82 -2.75
N PHE D 139 24.21 40.88 -3.20
CA PHE D 139 24.04 40.28 -4.51
C PHE D 139 22.72 39.50 -4.60
N ASP D 140 22.42 38.68 -3.59
CA ASP D 140 21.27 37.78 -3.71
C ASP D 140 19.96 38.56 -3.79
N TYR D 141 19.79 39.60 -2.97
CA TYR D 141 18.57 40.38 -3.01
C TYR D 141 18.47 41.21 -4.28
N ALA D 142 19.61 41.69 -4.80
CA ALA D 142 19.57 42.52 -6.00
C ALA D 142 19.26 41.69 -7.24
N CYS D 143 19.75 40.46 -7.31
CA CYS D 143 19.69 39.68 -8.54
C CYS D 143 18.68 38.55 -8.54
N PHE D 144 18.19 38.12 -7.37
CA PHE D 144 17.26 37.00 -7.28
C PHE D 144 15.96 37.47 -6.64
N ALA D 145 14.87 37.45 -7.42
CA ALA D 145 13.56 37.78 -6.89
C ALA D 145 13.05 36.74 -5.90
N GLU D 146 13.71 35.58 -5.82
CA GLU D 146 13.27 34.52 -4.92
C GLU D 146 13.61 34.83 -3.46
N THR D 147 14.52 35.77 -3.20
CA THR D 147 14.90 36.10 -1.84
C THR D 147 13.76 36.74 -1.07
N ALA D 148 12.89 37.49 -1.76
CA ALA D 148 11.76 38.12 -1.08
C ALA D 148 10.66 37.11 -0.77
N ALA D 149 10.38 36.21 -1.71
CA ALA D 149 9.35 35.20 -1.48
C ALA D 149 9.77 34.21 -0.39
N MET D 150 11.07 33.95 -0.25
CA MET D 150 11.53 33.02 0.77
C MET D 150 11.52 33.65 2.15
N ASP D 151 11.85 34.94 2.24
CA ASP D 151 11.73 35.64 3.51
C ASP D 151 10.28 35.75 3.96
N ALA D 152 9.32 35.67 3.04
CA ALA D 152 7.90 35.62 3.38
C ALA D 152 7.36 34.20 3.36
N VAL D 153 8.26 33.20 3.50
CA VAL D 153 7.98 31.76 3.46
C VAL D 153 6.86 31.41 2.47
N ARG D 154 6.98 31.91 1.24
CA ARG D 154 6.03 31.58 0.20
C ARG D 154 6.36 30.21 -0.40
N ALA D 155 5.41 29.69 -1.19
CA ALA D 155 5.65 28.44 -1.90
C ALA D 155 6.28 28.72 -3.26
N PRO D 156 7.04 27.77 -3.81
CA PRO D 156 7.64 27.98 -5.13
C PRO D 156 6.62 28.04 -6.25
N LYS D 157 5.39 27.58 -6.03
CA LYS D 157 4.36 27.56 -7.05
C LYS D 157 3.09 28.22 -6.52
N TRP D 158 2.23 28.62 -7.45
CA TRP D 158 0.90 29.11 -7.11
C TRP D 158 -0.01 27.94 -6.73
N LEU D 159 -1.20 28.29 -6.21
CA LEU D 159 -2.10 27.27 -5.70
C LEU D 159 -2.56 26.31 -6.79
N ASP D 160 -2.77 26.80 -8.01
CA ASP D 160 -3.22 25.93 -9.09
C ASP D 160 -2.11 24.97 -9.50
N GLY D 161 -0.93 25.48 -9.83
CA GLY D 161 0.18 24.62 -10.21
C GLY D 161 1.21 25.28 -11.08
N ARG D 162 0.95 26.51 -11.51
CA ARG D 162 1.89 27.23 -12.36
C ARG D 162 3.17 27.54 -11.58
N PRO D 163 4.33 27.06 -12.02
CA PRO D 163 5.55 27.33 -11.27
C PRO D 163 5.97 28.79 -11.38
N ALA D 164 6.60 29.28 -10.31
CA ALA D 164 7.04 30.66 -10.24
C ALA D 164 8.55 30.81 -10.22
N THR D 165 9.27 29.86 -9.64
CA THR D 165 10.72 29.94 -9.51
C THR D 165 11.32 28.61 -9.99
N ARG D 166 12.56 28.36 -9.59
CA ARG D 166 13.20 27.06 -9.73
C ARG D 166 13.44 26.51 -8.33
N TYR D 167 13.05 25.26 -8.11
CA TYR D 167 13.03 24.70 -6.76
C TYR D 167 13.43 23.23 -6.79
N ALA D 168 13.86 22.75 -5.63
CA ALA D 168 14.15 21.36 -5.36
C ALA D 168 13.16 20.85 -4.30
N TRP D 169 13.52 19.78 -3.59
CA TRP D 169 12.61 19.12 -2.67
C TRP D 169 13.32 18.74 -1.39
N HIS D 170 12.56 18.74 -0.30
CA HIS D 170 12.93 18.07 0.93
C HIS D 170 12.04 16.84 1.10
N PHE D 171 12.57 15.80 1.73
CA PHE D 171 11.74 14.63 2.04
C PHE D 171 12.43 13.75 3.06
N ASP D 172 11.67 12.80 3.59
CA ASP D 172 12.19 11.82 4.53
C ASP D 172 12.92 10.71 3.78
N ALA D 173 14.17 10.45 4.17
CA ALA D 173 14.99 9.48 3.45
C ALA D 173 14.40 8.08 3.50
N HIS D 174 13.78 7.72 4.64
CA HIS D 174 13.19 6.39 4.75
C HIS D 174 11.97 6.25 3.85
N LEU D 175 11.13 7.28 3.80
CA LEU D 175 9.87 7.18 3.05
C LEU D 175 10.10 7.10 1.54
N VAL D 176 11.12 7.78 1.02
CA VAL D 176 11.37 7.72 -0.42
C VAL D 176 11.85 6.33 -0.82
N ALA D 177 12.77 5.76 -0.05
CA ALA D 177 13.26 4.41 -0.37
C ALA D 177 12.14 3.38 -0.26
N GLU D 178 11.24 3.56 0.70
CA GLU D 178 10.09 2.66 0.81
C GLU D 178 9.14 2.84 -0.36
N PHE D 179 8.95 4.09 -0.81
CA PHE D 179 8.09 4.33 -1.96
C PHE D 179 8.71 3.81 -3.26
N LEU D 180 10.03 3.89 -3.38
CA LEU D 180 10.69 3.36 -4.56
C LEU D 180 10.78 1.84 -4.52
N ARG D 181 10.89 1.25 -3.33
CA ARG D 181 10.84 -0.20 -3.21
C ARG D 181 9.49 -0.74 -3.69
N ARG D 182 8.39 -0.13 -3.23
CA ARG D 182 7.07 -0.57 -3.67
C ARG D 182 6.91 -0.40 -5.17
N HIS D 183 7.38 0.73 -5.71
CA HIS D 183 7.22 0.97 -7.14
C HIS D 183 8.04 0.00 -7.98
N ALA D 184 9.25 -0.34 -7.52
CA ALA D 184 10.10 -1.25 -8.28
C ALA D 184 9.51 -2.65 -8.33
N THR D 185 9.11 -3.19 -7.18
CA THR D 185 8.61 -4.56 -7.13
C THR D 185 7.22 -4.67 -7.75
N GLU D 186 6.29 -3.82 -7.33
CA GLU D 186 4.89 -3.96 -7.72
C GLU D 186 4.61 -3.44 -9.13
N ARG D 187 5.50 -2.62 -9.70
CA ARG D 187 5.27 -2.04 -11.02
C ARG D 187 6.35 -2.36 -12.04
N LEU D 188 7.58 -2.66 -11.62
CA LEU D 188 8.69 -2.88 -12.55
C LEU D 188 9.30 -4.26 -12.41
N ASN D 189 8.64 -5.18 -11.72
CA ASN D 189 9.03 -6.59 -11.63
C ASN D 189 10.44 -6.78 -11.08
N VAL D 190 10.87 -5.91 -10.17
CA VAL D 190 12.15 -6.10 -9.50
C VAL D 190 11.98 -7.09 -8.37
N GLU D 191 12.95 -8.00 -8.23
CA GLU D 191 12.93 -9.01 -7.18
C GLU D 191 13.63 -8.49 -5.94
N HIS D 192 12.92 -8.48 -4.82
CA HIS D 192 13.46 -8.04 -3.53
C HIS D 192 13.78 -9.27 -2.70
N VAL D 193 15.03 -9.41 -2.28
CA VAL D 193 15.48 -10.54 -1.46
C VAL D 193 16.04 -9.98 -0.17
N GLN D 194 15.53 -10.48 0.95
CA GLN D 194 15.92 -10.02 2.28
C GLN D 194 16.88 -11.04 2.90
N GLY D 195 18.13 -10.64 3.08
CA GLY D 195 19.12 -11.50 3.67
C GLY D 195 20.46 -10.80 3.73
N GLU D 196 21.40 -11.44 4.40
CA GLU D 196 22.74 -10.90 4.56
C GLU D 196 23.69 -11.58 3.58
N MET D 197 24.47 -10.78 2.86
CA MET D 197 25.48 -11.29 1.95
C MET D 197 26.67 -11.80 2.76
N GLN D 198 26.99 -13.08 2.60
CA GLN D 198 28.14 -13.69 3.26
C GLN D 198 29.36 -13.76 2.35
N GLN D 199 29.17 -14.22 1.12
CA GLN D 199 30.27 -14.48 0.20
C GLN D 199 30.08 -13.68 -1.08
N VAL D 200 31.19 -13.21 -1.65
CA VAL D 200 31.24 -12.68 -3.01
C VAL D 200 31.99 -13.71 -3.83
N LEU D 201 31.28 -14.36 -4.76
CA LEU D 201 31.89 -15.37 -5.62
C LEU D 201 32.41 -14.72 -6.89
N ARG D 202 33.64 -15.09 -7.28
CA ARG D 202 34.30 -14.48 -8.43
C ARG D 202 34.97 -15.56 -9.26
N ASP D 203 34.97 -15.36 -10.58
CA ASP D 203 35.54 -16.32 -11.51
C ASP D 203 37.06 -16.16 -11.55
N GLU D 204 37.73 -16.90 -12.45
CA GLU D 204 39.18 -16.83 -12.55
C GLU D 204 39.65 -15.48 -13.07
N ARG D 205 38.79 -14.72 -13.76
CA ARG D 205 39.12 -13.37 -14.18
C ARG D 205 38.95 -12.35 -13.07
N GLY D 206 38.37 -12.75 -11.93
CA GLY D 206 38.04 -11.81 -10.88
C GLY D 206 36.70 -11.13 -11.04
N PHE D 207 35.96 -11.42 -12.12
CA PHE D 207 34.62 -10.89 -12.27
C PHE D 207 33.67 -11.57 -11.29
N ILE D 208 32.76 -10.78 -10.72
CA ILE D 208 31.77 -11.32 -9.80
C ILE D 208 30.76 -12.15 -10.60
N THR D 209 30.47 -13.35 -10.10
CA THR D 209 29.47 -14.21 -10.72
C THR D 209 28.18 -14.33 -9.92
N ALA D 210 28.24 -14.17 -8.61
CA ALA D 210 27.08 -14.36 -7.77
C ALA D 210 27.38 -13.86 -6.36
N LEU D 211 26.34 -13.38 -5.69
CA LEU D 211 26.39 -13.10 -4.27
C LEU D 211 25.74 -14.26 -3.53
N ARG D 212 26.39 -14.72 -2.45
CA ARG D 212 25.89 -15.82 -1.64
C ARG D 212 25.39 -15.27 -0.31
N THR D 213 24.12 -15.53 -0.03
CA THR D 213 23.53 -15.08 1.22
C THR D 213 23.92 -16.01 2.37
N VAL D 214 23.75 -15.51 3.59
CA VAL D 214 24.03 -16.32 4.78
C VAL D 214 23.02 -17.44 4.96
N GLU D 215 21.92 -17.42 4.21
CA GLU D 215 20.91 -18.46 4.25
C GLU D 215 21.12 -19.53 3.18
N GLY D 216 22.02 -19.31 2.22
CA GLY D 216 22.36 -20.31 1.23
C GLY D 216 21.93 -20.00 -0.18
N ARG D 217 21.25 -18.89 -0.43
CA ARG D 217 20.77 -18.56 -1.77
C ARG D 217 21.87 -17.88 -2.56
N ASP D 218 22.15 -18.42 -3.76
CA ASP D 218 23.17 -17.88 -4.65
C ASP D 218 22.49 -17.00 -5.69
N LEU D 219 22.72 -15.69 -5.60
CA LEU D 219 22.10 -14.72 -6.51
C LEU D 219 23.05 -14.50 -7.68
N GLU D 220 22.81 -15.20 -8.78
CA GLU D 220 23.65 -15.09 -9.96
C GLU D 220 23.31 -13.84 -10.76
N GLY D 221 24.30 -13.35 -11.49
CA GLY D 221 24.14 -12.12 -12.26
C GLY D 221 25.35 -11.87 -13.13
N ASP D 222 25.17 -10.95 -14.07
CA ASP D 222 26.22 -10.56 -15.00
C ASP D 222 26.84 -9.22 -14.66
N LEU D 223 26.02 -8.29 -14.18
CA LEU D 223 26.44 -6.97 -13.76
C LEU D 223 25.94 -6.74 -12.34
N PHE D 224 26.84 -6.32 -11.45
CA PHE D 224 26.49 -6.08 -10.06
C PHE D 224 26.59 -4.60 -9.74
N ILE D 225 25.74 -4.15 -8.82
CA ILE D 225 25.70 -2.76 -8.38
C ILE D 225 25.95 -2.74 -6.88
N ASP D 226 26.98 -2.02 -6.45
CA ASP D 226 27.32 -1.91 -5.04
C ASP D 226 26.64 -0.68 -4.47
N CYS D 227 25.54 -0.89 -3.74
CA CYS D 227 24.85 0.16 -3.01
C CYS D 227 24.91 -0.09 -1.52
N SER D 228 26.00 -0.71 -1.05
CA SER D 228 26.10 -1.19 0.32
C SER D 228 26.43 -0.09 1.31
N GLY D 229 26.64 1.15 0.87
CA GLY D 229 27.02 2.22 1.77
C GLY D 229 28.52 2.31 1.97
N PHE D 230 28.90 2.98 3.06
CA PHE D 230 30.32 3.26 3.30
C PHE D 230 31.18 2.01 3.39
N ARG D 231 30.59 0.85 3.68
CA ARG D 231 31.39 -0.37 3.78
C ARG D 231 31.95 -0.77 2.42
N GLY D 232 31.20 -0.53 1.34
CA GLY D 232 31.64 -0.87 0.01
C GLY D 232 32.07 -2.32 -0.13
N LEU D 233 31.17 -3.24 0.27
CA LEU D 233 31.54 -4.65 0.34
C LEU D 233 31.95 -5.22 -1.01
N LEU D 234 31.41 -4.69 -2.10
CA LEU D 234 31.80 -5.16 -3.43
C LEU D 234 33.01 -4.40 -3.96
N ILE D 235 32.86 -3.08 -4.16
CA ILE D 235 33.89 -2.30 -4.85
C ILE D 235 35.16 -2.22 -4.03
N ASN D 236 35.06 -2.03 -2.71
CA ASN D 236 36.22 -1.83 -1.87
C ASN D 236 36.74 -3.13 -1.25
N LYS D 237 35.84 -4.00 -0.79
CA LYS D 237 36.28 -5.21 -0.10
C LYS D 237 36.51 -6.37 -1.06
N ALA D 238 35.52 -6.67 -1.91
CA ALA D 238 35.63 -7.82 -2.80
C ALA D 238 36.53 -7.51 -4.00
N MET D 239 36.35 -6.34 -4.61
CA MET D 239 37.17 -5.94 -5.76
C MET D 239 38.47 -5.26 -5.36
N GLU D 240 38.63 -4.91 -4.08
CA GLU D 240 39.87 -4.35 -3.54
C GLU D 240 40.22 -3.00 -4.17
N GLU D 241 39.24 -2.30 -4.72
CA GLU D 241 39.51 -0.99 -5.30
C GLU D 241 39.75 0.03 -4.18
N PRO D 242 40.88 0.73 -4.18
CA PRO D 242 41.18 1.63 -3.07
C PRO D 242 40.27 2.85 -3.07
N PHE D 243 40.14 3.45 -1.89
CA PHE D 243 39.41 4.69 -1.69
C PHE D 243 40.39 5.83 -1.51
N ILE D 244 40.14 6.95 -2.17
CA ILE D 244 41.01 8.11 -2.10
C ILE D 244 40.49 9.03 -1.01
N ASP D 245 41.22 9.10 0.11
CA ASP D 245 40.83 9.97 1.21
C ASP D 245 41.11 11.43 0.83
N MET D 246 40.05 12.24 0.81
CA MET D 246 40.17 13.66 0.53
C MET D 246 39.79 14.50 1.75
N ASN D 247 40.01 13.94 2.95
CA ASN D 247 39.74 14.64 4.19
C ASN D 247 40.62 15.88 4.35
N ASP D 248 41.77 15.94 3.68
CA ASP D 248 42.66 17.08 3.81
C ASP D 248 42.08 18.34 3.18
N GLN D 249 41.10 18.22 2.28
CA GLN D 249 40.43 19.37 1.69
C GLN D 249 39.15 19.76 2.42
N LEU D 250 38.34 18.78 2.83
CA LEU D 250 37.12 19.01 3.58
C LEU D 250 37.30 18.38 4.96
N LEU D 251 37.50 19.22 5.98
CA LEU D 251 37.85 18.74 7.31
C LEU D 251 36.70 18.02 8.01
N CYS D 252 35.45 18.30 7.62
CA CYS D 252 34.32 17.67 8.30
C CYS D 252 34.28 16.17 7.99
N ASN D 253 34.10 15.38 9.04
CA ASN D 253 34.05 13.93 8.89
C ASN D 253 33.09 13.26 9.87
N ARG D 254 32.36 14.01 10.70
CA ARG D 254 31.44 13.44 11.65
C ARG D 254 30.16 14.27 11.66
N ALA D 255 29.09 13.66 12.16
CA ALA D 255 27.80 14.33 12.18
C ALA D 255 26.92 13.73 13.28
N VAL D 256 26.15 14.60 13.94
CA VAL D 256 25.11 14.19 14.88
C VAL D 256 23.82 14.86 14.44
N ALA D 257 22.78 14.07 14.21
CA ALA D 257 21.56 14.57 13.61
C ALA D 257 20.35 13.99 14.32
N THR D 258 19.22 14.66 14.13
CA THR D 258 17.94 14.21 14.66
C THR D 258 16.83 14.94 13.89
N ALA D 259 15.59 14.60 14.22
CA ALA D 259 14.41 15.30 13.72
C ALA D 259 13.69 15.97 14.87
N ILE D 260 13.10 17.13 14.59
CA ILE D 260 12.47 17.97 15.60
C ILE D 260 11.07 18.33 15.14
N LYS D 261 10.09 18.09 16.01
CA LYS D 261 8.72 18.52 15.71
C LYS D 261 8.63 20.04 15.78
N HIS D 262 7.82 20.61 14.89
CA HIS D 262 7.77 22.05 14.70
C HIS D 262 6.33 22.48 14.49
N ASP D 263 5.92 23.51 15.22
CA ASP D 263 4.56 24.05 15.08
C ASP D 263 4.55 24.97 13.86
N ASP D 264 4.07 24.43 12.73
CA ASP D 264 4.17 25.17 11.48
C ASP D 264 3.29 26.41 11.47
N ASP D 265 2.18 26.40 12.21
CA ASP D 265 1.32 27.57 12.23
C ASP D 265 1.93 28.76 12.97
N ALA D 266 3.07 28.56 13.64
CA ALA D 266 3.76 29.67 14.30
C ALA D 266 4.42 30.57 13.26
N HIS D 267 5.48 30.10 12.62
CA HIS D 267 6.23 30.88 11.65
C HIS D 267 6.33 30.20 10.29
N GLY D 268 5.38 29.32 9.96
CA GLY D 268 5.31 28.75 8.64
C GLY D 268 6.29 27.61 8.42
N VAL D 269 6.49 27.28 7.14
CA VAL D 269 7.44 26.27 6.70
C VAL D 269 8.44 26.99 5.80
N GLU D 270 9.68 27.08 6.25
CA GLU D 270 10.71 27.75 5.46
C GLU D 270 10.99 26.96 4.18
N PRO D 271 10.73 27.53 3.01
CA PRO D 271 10.91 26.80 1.74
C PRO D 271 12.36 26.75 1.27
N TYR D 272 13.26 26.42 2.19
CA TYR D 272 14.69 26.40 1.87
C TYR D 272 15.43 25.60 2.94
N THR D 273 16.54 24.99 2.52
CA THR D 273 17.47 24.39 3.46
C THR D 273 18.37 25.47 4.03
N SER D 274 18.66 25.39 5.32
CA SER D 274 19.54 26.33 5.99
C SER D 274 20.86 25.64 6.33
N ALA D 275 21.95 26.38 6.20
CA ALA D 275 23.28 25.92 6.59
C ALA D 275 23.81 26.91 7.62
N ILE D 276 23.71 26.57 8.89
CA ILE D 276 24.09 27.45 9.98
C ILE D 276 25.51 27.15 10.39
N ALA D 277 26.41 28.12 10.22
CA ALA D 277 27.79 27.94 10.61
C ALA D 277 27.91 27.72 12.12
N MET D 278 28.80 26.81 12.49
CA MET D 278 29.05 26.45 13.88
C MET D 278 30.51 26.76 14.21
N ARG D 279 30.95 26.33 15.39
CA ARG D 279 32.32 26.60 15.82
C ARG D 279 33.31 25.73 15.07
N SER D 280 33.02 24.43 14.97
CA SER D 280 33.89 23.48 14.29
C SER D 280 33.17 22.82 13.12
N GLY D 281 32.31 23.59 12.45
CA GLY D 281 31.58 23.07 11.32
C GLY D 281 30.33 23.86 11.00
N TRP D 282 29.28 23.17 10.57
CA TRP D 282 28.04 23.81 10.19
C TRP D 282 26.90 22.82 10.44
N SER D 283 25.68 23.36 10.53
CA SER D 283 24.51 22.55 10.79
C SER D 283 23.46 22.80 9.72
N TRP D 284 22.74 21.75 9.35
CA TRP D 284 21.69 21.86 8.34
C TRP D 284 20.32 21.95 9.02
N LYS D 285 19.38 22.58 8.31
CA LYS D 285 17.99 22.61 8.71
C LYS D 285 17.15 22.36 7.47
N ILE D 286 16.36 21.30 7.51
CA ILE D 286 15.58 20.85 6.36
C ILE D 286 14.11 20.81 6.77
N PRO D 287 13.34 21.84 6.47
CA PRO D 287 11.96 21.91 6.94
C PRO D 287 11.01 21.06 6.09
N MET D 288 10.09 20.39 6.77
CA MET D 288 9.01 19.65 6.14
C MET D 288 7.71 19.96 6.89
N LEU D 289 6.61 19.44 6.39
CA LEU D 289 5.30 19.75 6.97
C LEU D 289 5.19 19.06 8.33
N GLY D 290 5.26 19.85 9.41
CA GLY D 290 5.11 19.35 10.76
C GLY D 290 6.41 19.12 11.50
N ARG D 291 7.51 18.90 10.79
CA ARG D 291 8.79 18.63 11.42
C ARG D 291 9.91 19.09 10.50
N PHE D 292 11.10 19.27 11.07
CA PHE D 292 12.27 19.55 10.27
C PHE D 292 13.44 18.72 10.77
N GLY D 293 14.26 18.25 9.83
CA GLY D 293 15.49 17.55 10.19
C GLY D 293 16.65 18.51 10.34
N THR D 294 17.55 18.17 11.27
CA THR D 294 18.69 19.02 11.55
C THR D 294 19.86 18.15 11.99
N GLY D 295 21.06 18.59 11.67
CA GLY D 295 22.26 17.86 12.05
C GLY D 295 23.47 18.75 12.03
N TYR D 296 24.39 18.49 12.95
CA TYR D 296 25.64 19.23 13.06
C TYR D 296 26.73 18.45 12.34
N VAL D 297 27.15 18.96 11.18
CA VAL D 297 28.30 18.43 10.45
C VAL D 297 29.55 19.12 10.99
N TYR D 298 30.45 18.34 11.58
CA TYR D 298 31.62 18.91 12.24
C TYR D 298 32.85 18.09 11.90
N SER D 299 34.01 18.66 12.21
CA SER D 299 35.30 18.01 12.01
C SER D 299 35.72 17.33 13.30
N SER D 300 36.15 16.06 13.19
CA SER D 300 36.62 15.34 14.37
C SER D 300 37.93 15.89 14.90
N ARG D 301 38.69 16.62 14.09
CA ARG D 301 39.95 17.20 14.53
C ARG D 301 39.76 18.42 15.41
N PHE D 302 38.55 18.98 15.48
CA PHE D 302 38.31 20.22 16.21
C PHE D 302 37.12 20.18 17.15
N ALA D 303 36.37 19.08 17.19
CA ALA D 303 35.23 18.97 18.09
C ALA D 303 35.03 17.51 18.47
N GLU D 304 34.96 17.25 19.78
CA GLU D 304 34.70 15.90 20.25
C GLU D 304 33.23 15.52 20.02
N LYS D 305 32.95 14.23 20.17
CA LYS D 305 31.60 13.72 19.95
C LYS D 305 30.60 14.39 20.88
N ASP D 306 30.85 14.33 22.19
CA ASP D 306 29.94 14.97 23.15
C ASP D 306 30.01 16.48 23.04
N GLU D 307 31.20 17.03 22.77
CA GLU D 307 31.35 18.46 22.59
C GLU D 307 30.47 18.98 21.46
N ALA D 308 30.41 18.23 20.35
CA ALA D 308 29.54 18.62 19.24
C ALA D 308 28.08 18.39 19.58
N THR D 309 27.79 17.32 20.34
CA THR D 309 26.42 17.06 20.77
C THR D 309 25.89 18.18 21.65
N LEU D 310 26.72 18.68 22.57
CA LEU D 310 26.29 19.77 23.45
C LEU D 310 25.94 21.03 22.65
N ASP D 311 26.81 21.40 21.70
CA ASP D 311 26.56 22.60 20.91
C ASP D 311 25.36 22.43 19.98
N PHE D 312 25.12 21.20 19.51
CA PHE D 312 23.95 20.96 18.66
C PHE D 312 22.66 21.01 19.47
N CYS D 313 22.67 20.46 20.68
CA CYS D 313 21.49 20.52 21.53
C CYS D 313 21.27 21.93 22.08
N ARG D 314 22.35 22.62 22.44
CA ARG D 314 22.22 23.98 22.97
C ARG D 314 21.67 24.93 21.93
N MET D 315 22.02 24.73 20.65
CA MET D 315 21.51 25.61 19.60
C MET D 315 20.00 25.48 19.46
N TRP D 316 19.48 24.25 19.57
CA TRP D 316 18.05 24.00 19.47
C TRP D 316 17.35 23.94 20.82
N GLY D 317 18.09 24.07 21.92
CA GLY D 317 17.50 24.01 23.25
C GLY D 317 16.87 22.67 23.54
N LEU D 318 17.64 21.60 23.44
CA LEU D 318 17.16 20.25 23.65
C LEU D 318 17.88 19.60 24.83
N ASP D 319 17.20 18.65 25.46
CA ASP D 319 17.77 17.89 26.55
C ASP D 319 18.68 16.81 25.96
N PRO D 320 19.99 16.87 26.21
CA PRO D 320 20.90 15.90 25.58
C PRO D 320 20.76 14.48 26.13
N GLU D 321 19.96 14.27 27.17
CA GLU D 321 19.72 12.94 27.73
C GLU D 321 18.44 12.31 27.22
N ASN D 322 17.38 13.10 26.99
CA ASN D 322 16.11 12.55 26.54
C ASN D 322 16.05 12.41 25.02
N THR D 323 16.77 13.25 24.30
CA THR D 323 16.54 13.36 22.87
C THR D 323 17.27 12.26 22.11
N PRO D 324 16.66 11.74 21.04
CA PRO D 324 17.37 10.77 20.19
C PRO D 324 18.33 11.47 19.24
N LEU D 325 19.46 10.82 19.00
CA LEU D 325 20.51 11.40 18.15
C LEU D 325 21.13 10.30 17.30
N ASN D 326 21.32 10.60 16.01
CA ASN D 326 21.94 9.66 15.07
C ASN D 326 23.39 10.08 14.89
N GLN D 327 24.27 9.51 15.69
CA GLN D 327 25.70 9.76 15.58
C GLN D 327 26.26 8.97 14.41
N VAL D 328 26.92 9.66 13.48
CA VAL D 328 27.45 9.03 12.27
C VAL D 328 28.80 9.65 11.94
N ALA D 329 29.74 8.80 11.54
CA ALA D 329 30.99 9.23 10.94
C ALA D 329 30.95 8.91 9.45
N PHE D 330 31.64 9.72 8.65
CA PHE D 330 31.65 9.50 7.22
C PHE D 330 33.04 9.77 6.65
N ARG D 331 33.36 9.02 5.60
CA ARG D 331 34.61 9.20 4.87
C ARG D 331 34.38 10.17 3.71
N VAL D 332 35.33 11.08 3.52
CA VAL D 332 35.25 12.08 2.46
C VAL D 332 36.16 11.66 1.32
N GLY D 333 35.61 11.65 0.11
CA GLY D 333 36.39 11.29 -1.06
C GLY D 333 35.65 10.40 -2.03
N ARG D 334 36.40 9.62 -2.80
CA ARG D 334 35.81 8.75 -3.81
C ARG D 334 36.76 7.58 -4.04
N ASN D 335 36.21 6.52 -4.62
CA ASN D 335 37.05 5.41 -5.05
C ASN D 335 37.92 5.86 -6.21
N ARG D 336 39.11 5.24 -6.32
CA ARG D 336 39.98 5.48 -7.46
C ARG D 336 39.22 5.30 -8.77
N ARG D 337 38.33 4.30 -8.82
CA ARG D 337 37.43 4.07 -9.95
C ARG D 337 36.07 3.69 -9.41
N ALA D 338 35.02 4.29 -9.95
CA ALA D 338 33.68 3.96 -9.49
C ALA D 338 33.20 2.61 -10.02
N TRP D 339 33.66 2.23 -11.21
CA TRP D 339 33.24 1.00 -11.89
C TRP D 339 34.49 0.19 -12.20
N VAL D 340 34.56 -1.03 -11.65
CA VAL D 340 35.69 -1.92 -11.80
C VAL D 340 35.18 -3.27 -12.28
N LYS D 341 35.68 -3.73 -13.42
CA LYS D 341 35.26 -5.01 -14.01
C LYS D 341 33.75 -5.03 -14.24
N ASN D 342 33.03 -5.88 -13.52
CA ASN D 342 31.57 -5.93 -13.62
C ASN D 342 30.90 -5.42 -12.34
N CYS D 343 31.59 -4.56 -11.60
CA CYS D 343 31.08 -3.99 -10.35
C CYS D 343 31.00 -2.48 -10.50
N VAL D 344 29.80 -1.94 -10.40
CA VAL D 344 29.55 -0.50 -10.47
C VAL D 344 29.09 -0.03 -9.09
N SER D 345 29.85 0.87 -8.48
CA SER D 345 29.47 1.43 -7.19
C SER D 345 28.65 2.69 -7.40
N ILE D 346 27.61 2.85 -6.57
CA ILE D 346 26.69 3.99 -6.64
C ILE D 346 26.28 4.34 -5.21
N GLY D 347 26.25 5.63 -4.90
CA GLY D 347 25.88 6.08 -3.59
C GLY D 347 27.06 6.20 -2.65
N LEU D 348 26.84 5.97 -1.35
CA LEU D 348 27.91 6.08 -0.37
C LEU D 348 29.03 5.06 -0.61
N ALA D 349 28.73 3.95 -1.29
CA ALA D 349 29.77 3.00 -1.65
C ALA D 349 30.73 3.59 -2.68
N SER D 350 30.26 4.56 -3.47
CA SER D 350 31.06 5.16 -4.53
C SER D 350 31.86 6.36 -4.02
N CYS D 351 31.17 7.33 -3.40
CA CYS D 351 31.81 8.57 -2.98
C CYS D 351 30.90 9.27 -2.00
N PHE D 352 31.44 10.32 -1.38
CA PHE D 352 30.67 11.15 -0.45
C PHE D 352 31.47 12.41 -0.12
N LEU D 353 30.74 13.49 0.14
CA LEU D 353 31.28 14.67 0.78
C LEU D 353 30.16 15.29 1.60
N GLU D 354 30.54 16.23 2.45
CA GLU D 354 29.59 16.79 3.39
C GLU D 354 28.41 17.40 2.66
N PRO D 355 27.25 17.29 3.18
CA PRO D 355 26.03 17.71 2.51
C PRO D 355 25.78 19.24 2.55
N LEU D 356 26.81 20.00 2.18
CA LEU D 356 26.66 21.46 2.24
C LEU D 356 25.74 22.00 1.13
N GLU D 357 25.68 21.34 -0.04
CA GLU D 357 24.89 21.83 -1.16
C GLU D 357 23.89 20.81 -1.72
N SER D 358 23.65 19.69 -1.03
CA SER D 358 22.63 18.68 -1.37
C SER D 358 22.92 18.04 -2.73
N THR D 359 24.05 17.34 -2.79
CA THR D 359 24.51 16.62 -3.96
C THR D 359 24.56 15.11 -3.74
N GLY D 360 24.14 14.63 -2.57
CA GLY D 360 24.10 13.20 -2.31
C GLY D 360 23.21 12.46 -3.30
N ILE D 361 21.92 12.79 -3.31
CA ILE D 361 21.00 12.20 -4.28
C ILE D 361 21.39 12.59 -5.70
N TYR D 362 22.02 13.76 -5.86
CA TYR D 362 22.46 14.17 -7.19
C TYR D 362 23.53 13.24 -7.73
N PHE D 363 24.55 12.94 -6.92
CA PHE D 363 25.58 11.98 -7.33
C PHE D 363 24.97 10.62 -7.67
N ILE D 364 23.95 10.19 -6.93
CA ILE D 364 23.28 8.93 -7.24
C ILE D 364 22.58 9.03 -8.60
N THR D 365 21.78 10.08 -8.77
CA THR D 365 21.05 10.29 -10.02
C THR D 365 21.99 10.32 -11.22
N ALA D 366 23.14 11.00 -11.07
CA ALA D 366 24.07 11.13 -12.19
C ALA D 366 24.76 9.80 -12.50
N ALA D 367 25.10 9.03 -11.46
CA ALA D 367 25.75 7.75 -11.68
C ALA D 367 24.82 6.76 -12.39
N ILE D 368 23.54 6.74 -12.00
CA ILE D 368 22.60 5.84 -12.65
C ILE D 368 22.38 6.24 -14.10
N TYR D 369 22.20 7.54 -14.37
CA TYR D 369 22.06 7.98 -15.74
C TYR D 369 23.32 7.69 -16.55
N GLN D 370 24.49 7.89 -15.96
CA GLN D 370 25.75 7.65 -16.67
C GLN D 370 25.98 6.17 -16.89
N LEU D 371 25.49 5.32 -15.99
CA LEU D 371 25.54 3.88 -16.22
C LEU D 371 24.76 3.51 -17.47
N THR D 372 23.54 4.05 -17.62
CA THR D 372 22.76 3.73 -18.81
C THR D 372 23.36 4.34 -20.06
N GLN D 373 24.10 5.44 -19.93
CA GLN D 373 24.73 6.04 -21.10
C GLN D 373 25.94 5.24 -21.55
N HIS D 374 26.57 4.50 -20.64
CA HIS D 374 27.70 3.63 -20.95
C HIS D 374 27.37 2.18 -20.60
N PHE D 375 26.15 1.75 -20.89
CA PHE D 375 25.71 0.43 -20.46
C PHE D 375 26.45 -0.65 -21.21
N PRO D 376 27.06 -1.62 -20.53
CA PRO D 376 27.92 -2.60 -21.20
C PRO D 376 27.15 -3.83 -21.68
N ASP D 377 27.85 -4.63 -22.48
CA ASP D 377 27.46 -6.01 -22.72
C ASP D 377 28.38 -6.91 -21.89
N ARG D 378 28.29 -8.22 -22.11
CA ARG D 378 29.06 -9.16 -21.29
C ARG D 378 30.55 -9.13 -21.59
N THR D 379 30.98 -8.49 -22.69
CA THR D 379 32.42 -8.34 -22.92
C THR D 379 33.04 -7.27 -22.02
N PHE D 380 32.24 -6.33 -21.54
CA PHE D 380 32.69 -5.28 -20.62
C PHE D 380 33.91 -4.54 -21.18
N ALA D 381 33.71 -3.96 -22.36
CA ALA D 381 34.77 -3.20 -23.02
C ALA D 381 35.29 -2.10 -22.09
N LEU D 382 36.61 -2.01 -21.99
CA LEU D 382 37.23 -1.07 -21.04
C LEU D 382 36.86 0.38 -21.34
N ALA D 383 36.64 0.72 -22.61
CA ALA D 383 36.35 2.11 -22.96
C ALA D 383 35.04 2.58 -22.33
N LEU D 384 34.11 1.66 -22.05
CA LEU D 384 32.84 2.05 -21.44
C LEU D 384 33.03 2.39 -19.96
N SER D 385 33.77 1.55 -19.24
CA SER D 385 34.00 1.80 -17.82
C SER D 385 34.98 2.95 -17.61
N ASP D 386 35.96 3.10 -18.50
CA ASP D 386 36.88 4.23 -18.38
C ASP D 386 36.17 5.55 -18.56
N ALA D 387 35.28 5.64 -19.55
CA ALA D 387 34.52 6.86 -19.77
C ALA D 387 33.52 7.10 -18.65
N PHE D 388 32.92 6.03 -18.13
CA PHE D 388 32.00 6.17 -16.99
C PHE D 388 32.75 6.70 -15.77
N ASN D 389 33.92 6.13 -15.49
CA ASN D 389 34.71 6.58 -14.35
C ASN D 389 35.19 8.01 -14.53
N HIS D 390 35.48 8.41 -15.76
CA HIS D 390 35.91 9.79 -16.01
C HIS D 390 34.81 10.79 -15.70
N GLU D 391 33.56 10.46 -16.05
CA GLU D 391 32.46 11.37 -15.76
C GLU D 391 32.18 11.43 -14.27
N ILE D 392 32.26 10.30 -13.58
CA ILE D 392 32.07 10.28 -12.13
C ILE D 392 33.20 11.05 -11.44
N GLU D 393 34.44 10.80 -11.85
CA GLU D 393 35.58 11.52 -11.28
C GLU D 393 35.43 13.03 -11.49
N ALA D 394 35.09 13.45 -12.72
CA ALA D 394 34.98 14.87 -13.00
C ALA D 394 33.85 15.51 -12.18
N MET D 395 32.69 14.86 -12.14
CA MET D 395 31.57 15.39 -11.37
C MET D 395 31.94 15.59 -9.91
N PHE D 396 32.59 14.59 -9.30
CA PHE D 396 32.89 14.66 -7.87
C PHE D 396 33.93 15.74 -7.57
N ASP D 397 34.98 15.83 -8.39
CA ASP D 397 36.04 16.80 -8.13
C ASP D 397 35.52 18.22 -8.26
N ASP D 398 34.66 18.47 -9.26
CA ASP D 398 34.11 19.82 -9.45
C ASP D 398 33.29 20.26 -8.24
N THR D 399 32.45 19.36 -7.72
CA THR D 399 31.66 19.70 -6.53
C THR D 399 32.53 19.78 -5.30
N ARG D 400 33.54 18.92 -5.20
CA ARG D 400 34.41 18.93 -4.02
C ARG D 400 35.16 20.25 -3.89
N ASP D 401 35.72 20.72 -4.99
CA ASP D 401 36.41 22.01 -4.96
C ASP D 401 35.43 23.15 -4.67
N PHE D 402 34.22 23.07 -5.22
CA PHE D 402 33.23 24.11 -4.99
C PHE D 402 32.83 24.16 -3.52
N ILE D 403 32.71 22.99 -2.88
CA ILE D 403 32.41 22.95 -1.45
C ILE D 403 33.54 23.56 -0.63
N GLN D 404 34.78 23.16 -0.92
CA GLN D 404 35.92 23.69 -0.19
C GLN D 404 35.99 25.22 -0.28
N ALA D 405 35.58 25.77 -1.42
CA ALA D 405 35.55 27.23 -1.58
C ALA D 405 34.57 27.90 -0.62
N HIS D 406 33.59 27.16 -0.09
CA HIS D 406 32.71 27.74 0.92
C HIS D 406 33.48 28.07 2.19
N PHE D 407 34.42 27.21 2.57
CA PHE D 407 35.21 27.43 3.78
C PHE D 407 36.45 28.26 3.51
N TYR D 408 36.99 28.17 2.30
CA TYR D 408 38.26 28.84 2.00
C TYR D 408 38.10 30.35 1.96
N VAL D 409 37.04 30.86 1.31
CA VAL D 409 36.88 32.30 1.14
C VAL D 409 36.06 32.94 2.24
N SER D 410 35.43 32.15 3.12
CA SER D 410 34.69 32.73 4.23
C SER D 410 35.64 33.52 5.13
N PRO D 411 35.25 34.72 5.56
CA PRO D 411 36.17 35.58 6.34
C PRO D 411 36.25 35.25 7.81
N ARG D 412 35.57 34.19 8.27
CA ARG D 412 35.59 33.87 9.69
C ARG D 412 36.94 33.30 10.10
N THR D 413 37.41 33.73 11.29
CA THR D 413 38.69 33.28 11.81
C THR D 413 38.69 33.23 13.34
N ASP D 414 37.53 32.98 13.95
CA ASP D 414 37.39 33.08 15.39
C ASP D 414 37.59 31.76 16.12
N THR D 415 37.48 30.63 15.43
CA THR D 415 37.69 29.32 16.02
C THR D 415 38.85 28.63 15.33
N PRO D 416 39.48 27.65 15.98
CA PRO D 416 40.56 26.90 15.32
C PRO D 416 40.13 26.22 14.02
N PHE D 417 38.84 25.87 13.91
CA PHE D 417 38.37 25.21 12.70
C PHE D 417 38.36 26.15 11.51
N TRP D 418 37.83 27.36 11.69
CA TRP D 418 37.74 28.29 10.58
C TRP D 418 39.12 28.79 10.15
N LYS D 419 40.04 28.95 11.09
CA LYS D 419 41.40 29.34 10.72
C LYS D 419 42.12 28.22 10.00
N ALA D 420 41.76 26.96 10.26
CA ALA D 420 42.44 25.84 9.63
C ALA D 420 42.06 25.69 8.17
N ASN D 421 40.84 26.10 7.80
CA ASN D 421 40.43 26.01 6.41
C ASN D 421 41.28 26.89 5.51
N LYS D 422 41.69 28.06 6.03
CA LYS D 422 42.52 28.97 5.24
C LYS D 422 43.91 28.38 4.98
N ASP D 423 44.40 27.55 5.90
CA ASP D 423 45.71 26.94 5.75
C ASP D 423 45.71 25.75 4.79
N LEU D 424 44.53 25.23 4.44
CA LEU D 424 44.47 24.09 3.54
C LEU D 424 44.87 24.48 2.12
N HIS D 425 45.40 23.51 1.38
CA HIS D 425 45.82 23.76 0.01
C HIS D 425 44.60 23.92 -0.89
N LEU D 426 44.61 24.96 -1.70
CA LEU D 426 43.54 25.18 -2.66
C LEU D 426 43.93 24.59 -4.02
N PRO D 427 43.07 23.76 -4.62
CA PRO D 427 43.40 23.20 -5.93
C PRO D 427 43.67 24.28 -6.96
N GLU D 428 44.47 23.94 -7.97
CA GLU D 428 44.87 24.92 -8.97
C GLU D 428 43.67 25.47 -9.72
N GLN D 429 42.68 24.63 -10.00
CA GLN D 429 41.54 25.08 -10.80
C GLN D 429 40.67 26.07 -10.05
N MET D 430 40.55 25.93 -8.72
CA MET D 430 39.74 26.89 -7.96
C MET D 430 40.48 28.20 -7.75
N ARG D 431 41.81 28.16 -7.62
CA ARG D 431 42.58 29.40 -7.53
C ARG D 431 42.41 30.22 -8.81
N GLU D 432 42.35 29.55 -9.96
CA GLU D 432 42.11 30.26 -11.21
C GLU D 432 40.71 30.88 -11.25
N LYS D 433 39.69 30.12 -10.82
CA LYS D 433 38.33 30.65 -10.80
C LYS D 433 38.22 31.88 -9.91
N ILE D 434 38.86 31.85 -8.73
CA ILE D 434 38.80 32.99 -7.83
C ILE D 434 39.54 34.18 -8.42
N ALA D 435 40.69 33.95 -9.04
CA ALA D 435 41.43 35.03 -9.69
C ALA D 435 40.66 35.57 -10.88
N MET D 436 39.98 34.69 -11.63
CA MET D 436 39.10 35.16 -12.70
C MET D 436 37.94 35.98 -12.12
N TYR D 437 37.38 35.51 -11.01
CA TYR D 437 36.28 36.23 -10.36
C TYR D 437 36.72 37.62 -9.92
N LYS D 438 37.92 37.73 -9.34
CA LYS D 438 38.41 39.04 -8.91
C LYS D 438 38.58 39.98 -10.09
N ALA D 439 39.07 39.46 -11.22
CA ALA D 439 39.27 40.27 -12.42
C ALA D 439 37.95 40.66 -13.09
N GLY D 440 36.83 40.07 -12.69
CA GLY D 440 35.54 40.41 -13.23
C GLY D 440 34.98 39.46 -14.26
N LEU D 441 35.71 38.38 -14.60
CA LEU D 441 35.21 37.42 -15.56
C LEU D 441 34.08 36.59 -14.95
N PRO D 442 33.14 36.12 -15.77
CA PRO D 442 32.20 35.11 -15.31
C PRO D 442 32.90 33.76 -15.16
N ILE D 443 32.35 32.95 -14.27
CA ILE D 443 32.85 31.59 -14.02
C ILE D 443 31.78 30.63 -14.50
N ASN D 444 32.08 29.89 -15.56
CA ASN D 444 31.16 28.91 -16.14
C ASN D 444 29.78 29.53 -16.35
N ALA D 445 29.74 30.58 -17.15
CA ALA D 445 28.47 31.25 -17.44
C ALA D 445 27.60 30.34 -18.30
N PRO D 446 26.30 30.24 -17.98
CA PRO D 446 25.42 29.38 -18.80
C PRO D 446 25.25 29.95 -20.20
N VAL D 447 25.42 29.09 -21.20
CA VAL D 447 25.30 29.52 -22.59
C VAL D 447 23.90 29.31 -23.15
N THR D 448 23.07 28.50 -22.50
CA THR D 448 21.71 28.25 -22.92
C THR D 448 20.75 28.69 -21.82
N ASP D 449 19.47 28.81 -22.19
CA ASP D 449 18.46 29.19 -21.22
C ASP D 449 18.19 28.04 -20.25
N GLU D 450 17.43 28.34 -19.20
CA GLU D 450 17.15 27.35 -18.17
C GLU D 450 16.10 26.32 -18.59
N SER D 451 15.36 26.56 -19.67
CA SER D 451 14.47 25.53 -20.19
C SER D 451 15.26 24.40 -20.82
N THR D 452 16.25 24.74 -21.66
CA THR D 452 17.16 23.73 -22.18
C THR D 452 18.05 23.16 -21.08
N TYR D 453 18.55 24.02 -20.20
CA TYR D 453 19.43 23.59 -19.12
C TYR D 453 18.77 22.51 -18.27
N TYR D 454 17.58 22.81 -17.73
CA TYR D 454 16.88 21.85 -16.89
C TYR D 454 16.09 20.82 -17.69
N GLY D 455 16.05 20.95 -19.01
CA GLY D 455 15.35 19.97 -19.84
C GLY D 455 16.26 18.88 -20.35
N ARG D 456 17.53 19.20 -20.56
CA ARG D 456 18.54 18.24 -21.01
C ARG D 456 19.52 18.01 -19.88
N PHE D 457 19.64 16.76 -19.42
CA PHE D 457 20.46 16.49 -18.25
C PHE D 457 21.95 16.63 -18.55
N GLU D 458 22.38 16.20 -19.74
CA GLU D 458 23.78 16.38 -20.09
C GLU D 458 24.15 17.86 -20.21
N ALA D 459 23.19 18.70 -20.61
CA ALA D 459 23.44 20.13 -20.65
C ALA D 459 23.80 20.66 -19.28
N GLU D 460 23.06 20.28 -18.25
CA GLU D 460 23.39 20.70 -16.89
C GLU D 460 24.53 19.89 -16.29
N PHE D 461 24.76 18.66 -16.77
CA PHE D 461 25.87 17.88 -16.26
C PHE D 461 27.21 18.43 -16.76
N ARG D 462 27.21 19.04 -17.94
CA ARG D 462 28.43 19.66 -18.49
C ARG D 462 28.75 20.99 -17.85
N ASN D 463 27.82 21.58 -17.10
CA ASN D 463 28.05 22.88 -16.48
C ASN D 463 27.15 23.04 -15.27
N PHE D 464 27.43 22.30 -14.20
CA PHE D 464 26.48 22.24 -13.08
C PHE D 464 26.51 23.51 -12.24
N TRP D 465 27.65 23.81 -11.63
CA TRP D 465 27.80 25.03 -10.84
C TRP D 465 28.07 26.19 -11.79
N THR D 466 27.05 26.99 -12.07
CA THR D 466 27.14 28.05 -13.05
C THR D 466 27.62 29.36 -12.41
N ASN D 467 27.67 30.42 -13.23
CA ASN D 467 28.17 31.71 -12.76
C ASN D 467 27.38 32.23 -11.57
N GLY D 468 26.05 32.11 -11.62
CA GLY D 468 25.25 32.58 -10.50
C GLY D 468 25.59 31.89 -9.19
N SER D 469 25.86 30.59 -9.25
CA SER D 469 26.20 29.85 -8.03
C SER D 469 27.52 30.32 -7.45
N TYR D 470 28.52 30.56 -8.30
CA TYR D 470 29.78 31.09 -7.81
C TYR D 470 29.61 32.50 -7.26
N TYR D 471 28.70 33.29 -7.84
CA TYR D 471 28.45 34.61 -7.28
C TYR D 471 27.70 34.52 -5.96
N CYS D 472 26.76 33.59 -5.85
CA CYS D 472 26.04 33.40 -4.59
C CYS D 472 27.01 33.10 -3.45
N ILE D 473 27.96 32.20 -3.68
CA ILE D 473 28.88 31.79 -2.62
C ILE D 473 29.92 32.87 -2.37
N PHE D 474 30.56 33.37 -3.43
CA PHE D 474 31.62 34.37 -3.26
C PHE D 474 31.06 35.69 -2.73
N ALA D 475 30.08 36.25 -3.44
CA ALA D 475 29.53 37.54 -3.01
C ALA D 475 28.75 37.42 -1.71
N GLY D 476 28.19 36.25 -1.41
CA GLY D 476 27.50 36.06 -0.16
C GLY D 476 28.44 36.07 1.04
N LEU D 477 29.66 35.58 0.85
CA LEU D 477 30.66 35.54 1.91
C LEU D 477 31.52 36.80 1.98
N GLY D 478 31.28 37.78 1.12
CA GLY D 478 31.97 39.05 1.17
C GLY D 478 33.00 39.26 0.08
N LEU D 479 33.28 38.24 -0.73
CA LEU D 479 34.27 38.37 -1.81
C LEU D 479 33.61 38.99 -3.02
N ARG D 480 34.09 40.18 -3.40
CA ARG D 480 33.61 40.90 -4.57
C ARG D 480 34.75 41.12 -5.56
N PRO D 481 34.44 41.25 -6.85
CA PRO D 481 35.49 41.46 -7.84
C PRO D 481 36.29 42.72 -7.56
N ASP D 482 37.59 42.66 -7.85
CA ASP D 482 38.46 43.81 -7.66
C ASP D 482 37.98 45.02 -8.45
N ASN D 483 37.29 44.78 -9.56
CA ASN D 483 36.83 45.81 -10.47
C ASN D 483 35.79 45.18 -11.40
N PRO D 484 34.91 46.00 -11.98
CA PRO D 484 33.93 45.45 -12.91
C PRO D 484 34.62 44.87 -14.15
N LEU D 485 33.86 44.05 -14.87
CA LEU D 485 34.31 43.54 -16.15
C LEU D 485 34.74 44.71 -17.03
N PRO D 486 36.01 44.78 -17.44
CA PRO D 486 36.52 46.01 -18.07
C PRO D 486 35.77 46.43 -19.32
N MET D 487 35.16 45.48 -20.04
CA MET D 487 34.40 45.85 -21.24
C MET D 487 33.19 46.70 -20.90
N LEU D 488 32.65 46.55 -19.68
CA LEU D 488 31.49 47.33 -19.27
C LEU D 488 31.80 48.82 -19.24
N ARG D 489 33.06 49.20 -19.02
CA ARG D 489 33.44 50.61 -19.04
C ARG D 489 33.37 51.21 -20.43
N HIS D 490 33.32 50.38 -21.47
CA HIS D 490 33.22 50.85 -22.84
C HIS D 490 31.79 50.82 -23.38
N ARG D 491 30.83 50.37 -22.58
CA ARG D 491 29.44 50.23 -23.00
C ARG D 491 28.52 50.92 -22.00
N PRO D 492 28.55 52.26 -21.94
CA PRO D 492 27.63 52.96 -21.03
C PRO D 492 26.17 52.78 -21.40
N GLU D 493 25.85 52.76 -22.69
CA GLU D 493 24.48 52.54 -23.13
C GLU D 493 23.97 51.17 -22.69
N GLN D 494 24.84 50.15 -22.76
CA GLN D 494 24.44 48.81 -22.37
C GLN D 494 24.24 48.70 -20.87
N VAL D 495 25.16 49.28 -20.09
CA VAL D 495 25.00 49.28 -18.64
C VAL D 495 23.72 50.00 -18.24
N ARG D 496 23.40 51.09 -18.93
CA ARG D 496 22.19 51.84 -18.62
C ARG D 496 20.94 51.05 -19.00
N GLU D 497 20.93 50.45 -20.19
CA GLU D 497 19.78 49.70 -20.65
C GLU D 497 19.55 48.43 -19.83
N ALA D 498 20.58 47.92 -19.16
CA ALA D 498 20.46 46.71 -18.36
C ALA D 498 20.01 46.98 -16.93
N GLN D 499 19.92 48.26 -16.52
CA GLN D 499 19.45 48.56 -15.17
C GLN D 499 17.98 48.18 -14.99
N ALA D 500 17.23 48.02 -16.08
CA ALA D 500 15.85 47.57 -15.99
C ALA D 500 15.74 46.15 -15.46
N LEU D 501 16.81 45.36 -15.56
CA LEU D 501 16.79 44.02 -15.01
C LEU D 501 16.67 44.04 -13.49
N PHE D 502 17.36 44.99 -12.83
CA PHE D 502 17.22 45.12 -11.39
C PHE D 502 15.82 45.61 -11.01
N ALA D 503 15.21 46.48 -11.83
CA ALA D 503 13.85 46.91 -11.56
C ALA D 503 12.86 45.78 -11.75
N GLY D 504 13.06 44.95 -12.77
CA GLY D 504 12.18 43.81 -12.97
C GLY D 504 12.26 42.78 -11.86
N VAL D 505 13.43 42.62 -11.27
CA VAL D 505 13.55 41.77 -10.08
C VAL D 505 12.77 42.37 -8.93
N LYS D 506 12.89 43.69 -8.74
CA LYS D 506 12.18 44.35 -7.65
C LYS D 506 10.67 44.27 -7.86
N ASP D 507 10.22 44.38 -9.11
CA ASP D 507 8.80 44.23 -9.40
C ASP D 507 8.34 42.80 -9.17
N LYS D 508 9.19 41.82 -9.49
CA LYS D 508 8.86 40.43 -9.21
C LYS D 508 8.88 40.14 -7.71
N GLN D 509 9.77 40.79 -6.96
CA GLN D 509 9.82 40.57 -5.52
C GLN D 509 8.51 40.97 -4.85
N ARG D 510 7.87 42.03 -5.35
CA ARG D 510 6.58 42.43 -4.81
C ARG D 510 5.43 41.57 -5.34
N GLU D 511 5.54 41.10 -6.58
CA GLU D 511 4.48 40.28 -7.14
C GLU D 511 4.40 38.92 -6.45
N LEU D 512 5.54 38.36 -6.06
CA LEU D 512 5.55 37.01 -5.50
C LEU D 512 4.99 36.98 -4.10
N VAL D 513 5.28 38.00 -3.28
CA VAL D 513 4.79 38.00 -1.91
C VAL D 513 3.30 38.29 -1.84
N GLU D 514 2.71 38.87 -2.89
CA GLU D 514 1.31 39.26 -2.87
C GLU D 514 0.40 38.34 -3.68
N THR D 515 0.95 37.29 -4.30
CA THR D 515 0.13 36.38 -5.09
C THR D 515 0.45 34.92 -4.78
N LEU D 516 1.71 34.61 -4.43
CA LEU D 516 2.05 33.24 -4.07
C LEU D 516 1.44 32.88 -2.73
N PRO D 517 0.91 31.66 -2.57
CA PRO D 517 0.48 31.20 -1.25
C PRO D 517 1.69 30.96 -0.36
N SER D 518 1.42 30.81 0.93
CA SER D 518 2.50 30.45 1.84
C SER D 518 2.93 29.02 1.59
N ASN D 519 4.16 28.71 2.02
CA ASN D 519 4.66 27.34 1.89
C ASN D 519 3.87 26.39 2.78
N LEU D 520 3.29 26.90 3.86
CA LEU D 520 2.44 26.06 4.72
C LEU D 520 1.11 25.75 4.04
N GLU D 521 0.45 26.78 3.49
CA GLU D 521 -0.84 26.59 2.84
C GLU D 521 -0.73 25.61 1.68
N PHE D 522 0.36 25.70 0.90
CA PHE D 522 0.51 24.80 -0.24
C PHE D 522 0.84 23.38 0.20
N LEU D 523 1.69 23.23 1.22
CA LEU D 523 2.03 21.90 1.71
C LEU D 523 0.82 21.23 2.36
N ARG D 524 0.05 21.96 3.17
CA ARG D 524 -1.13 21.37 3.80
C ARG D 524 -2.14 20.88 2.78
N SER D 525 -2.25 21.58 1.63
CA SER D 525 -3.15 21.11 0.58
C SER D 525 -2.60 19.90 -0.15
N LEU D 526 -1.26 19.79 -0.26
CA LEU D 526 -0.67 18.65 -0.94
C LEU D 526 -0.87 17.37 -0.14
N HIS D 527 -0.60 17.41 1.16
CA HIS D 527 -0.67 16.23 2.01
C HIS D 527 -2.05 16.07 2.64
N TRP E . 31.39 23.48 -35.41
CA TRP E . 31.36 23.14 -36.82
C TRP E . 29.93 23.31 -37.36
O TRP E . 29.03 22.51 -37.07
CB TRP E . 31.86 21.71 -37.04
CG TRP E . 31.87 21.21 -38.47
CD1 TRP E . 30.98 20.32 -39.03
CD2 TRP E . 32.80 21.53 -39.51
NE1 TRP E . 31.32 20.07 -40.34
CE2 TRP E . 32.43 20.80 -40.66
CE3 TRP E . 33.93 22.35 -39.58
CZ2 TRP E . 33.13 20.88 -41.86
CZ3 TRP E . 34.63 22.43 -40.77
CH2 TRP E . 34.23 21.70 -41.90
OXT TRP E . 29.65 24.25 -38.09
S SO4 F . 49.78 13.02 -24.90
O1 SO4 F . 49.65 11.57 -24.91
O2 SO4 F . 50.96 13.40 -24.11
O3 SO4 F . 48.58 13.63 -24.32
O4 SO4 F . 49.96 13.50 -26.27
S SO4 G . 19.85 22.55 -63.45
O1 SO4 G . 20.66 21.86 -62.44
O2 SO4 G . 20.64 23.61 -64.06
O3 SO4 G . 18.67 23.12 -62.81
O4 SO4 G . 19.44 21.60 -64.48
S SO4 H . 19.04 28.67 -37.32
O1 SO4 H . 19.60 28.83 -35.98
O2 SO4 H . 20.11 28.86 -38.31
O3 SO4 H . 18.01 29.68 -37.54
O4 SO4 H . 18.47 27.34 -37.45
S SO4 I . 31.50 2.16 -46.94
O1 SO4 I . 32.19 2.08 -45.66
O2 SO4 I . 32.22 1.37 -47.93
O3 SO4 I . 31.45 3.56 -47.37
O4 SO4 I . 30.14 1.66 -46.79
N TRP J . -43.49 -22.89 19.50
CA TRP J . -44.83 -22.45 19.11
C TRP J . -45.04 -22.64 17.62
O TRP J . -44.47 -21.93 16.78
CB TRP J . -45.03 -20.98 19.51
CG TRP J . -46.38 -20.38 19.17
CD1 TRP J . -46.64 -19.44 18.23
CD2 TRP J . -47.65 -20.71 19.78
NE1 TRP J . -47.98 -19.14 18.20
CE2 TRP J . -48.61 -19.90 19.14
CE3 TRP J . -48.04 -21.58 20.79
CZ2 TRP J . -49.97 -19.96 19.49
CZ3 TRP J . -49.39 -21.64 21.13
CH2 TRP J . -50.34 -20.83 20.48
OXT TRP J . -45.79 -23.52 17.20
S SO4 K . -72.94 -8.34 33.27
O1 SO4 K . -73.35 -8.39 34.67
O2 SO4 K . -71.48 -8.46 33.22
O3 SO4 K . -73.35 -7.07 32.67
O4 SO4 K . -73.56 -9.42 32.51
S SO4 L . -37.61 -13.68 40.18
O1 SO4 L . -36.83 -12.63 40.85
O2 SO4 L . -37.27 -14.97 40.76
O3 SO4 L . -39.03 -13.41 40.37
O4 SO4 L . -37.28 -13.69 38.76
S SO4 M . -34.08 -38.48 46.53
O1 SO4 M . -33.19 -37.41 46.07
O2 SO4 M . -33.48 -39.18 47.65
O3 SO4 M . -34.32 -39.42 45.43
O4 SO4 M . -35.36 -37.91 46.94
S SO4 N . -42.07 -27.50 6.58
O1 SO4 N . -42.00 -26.06 6.39
O2 SO4 N . -41.44 -27.86 7.85
O3 SO4 N . -43.47 -27.93 6.60
O4 SO4 N . -41.38 -28.18 5.49
S SO4 O . -53.82 -36.18 32.10
O1 SO4 O . -52.62 -36.44 32.88
O2 SO4 O . -54.94 -35.91 33.00
O3 SO4 O . -54.13 -37.34 31.27
O4 SO4 O . -53.59 -35.02 31.23
PA FAD P . -3.64 -4.10 22.27
O1A FAD P . -3.07 -4.41 20.93
O2A FAD P . -2.67 -4.26 23.45
O5B FAD P . -4.25 -2.63 22.29
C5B FAD P . -3.43 -1.50 22.69
C4B FAD P . -3.75 -0.30 21.82
O4B FAD P . -4.15 0.81 22.65
C3B FAD P . -2.58 0.20 20.95
O3B FAD P . -3.02 0.55 19.65
C2B FAD P . -2.09 1.42 21.73
O2B FAD P . -1.49 2.38 20.87
C1B FAD P . -3.41 1.96 22.29
N9A FAD P . -3.25 2.82 23.46
C8A FAD P . -3.02 2.43 24.75
N7A FAD P . -2.92 3.43 25.60
C5A FAD P . -3.11 4.56 24.81
C6A FAD P . -3.13 5.93 25.10
N6A FAD P . -2.94 6.44 26.31
N1A FAD P . -3.34 6.78 24.07
C2A FAD P . -3.53 6.29 22.84
N3A FAD P . -3.54 5.01 22.45
C4A FAD P . -3.32 4.19 23.49
N1 FAD P . -6.39 -14.18 20.27
C2 FAD P . -6.76 -15.13 19.35
O2 FAD P . -7.81 -15.02 18.68
N3 FAD P . -5.97 -16.24 19.15
C4 FAD P . -4.79 -16.53 19.80
O4 FAD P . -4.17 -17.56 19.53
C4X FAD P . -4.40 -15.52 20.77
N5 FAD P . -3.29 -15.71 21.44
C5X FAD P . -2.91 -14.75 22.37
C6 FAD P . -1.73 -14.93 23.09
C7 FAD P . -1.32 -14.00 24.02
C7M FAD P . -0.04 -14.22 24.79
C8 FAD P . -2.09 -12.85 24.25
C8M FAD P . -1.67 -11.81 25.26
C9 FAD P . -3.28 -12.66 23.54
C9A FAD P . -3.69 -13.60 22.60
N10 FAD P . -4.88 -13.44 21.86
C10 FAD P . -5.26 -14.38 20.94
C1' FAD P . -5.72 -12.25 22.05
C2' FAD P . -5.38 -11.12 21.09
O2' FAD P . -4.04 -10.66 21.33
C3' FAD P . -6.36 -9.97 21.29
O3' FAD P . -7.66 -10.42 20.91
C4' FAD P . -6.02 -8.72 20.48
O4' FAD P . -5.01 -9.04 19.52
C5' FAD P . -5.57 -7.56 21.35
O5' FAD P . -6.14 -6.34 20.84
P FAD P . -6.24 -5.05 21.74
O1P FAD P . -6.25 -3.81 20.83
O2P FAD P . -7.39 -5.17 22.67
O3P FAD P . -4.89 -5.05 22.55
S SO4 Q . -23.93 3.32 36.04
O1 SO4 Q . -22.54 3.07 36.38
O2 SO4 Q . -24.72 3.44 37.26
O3 SO4 Q . -24.04 4.56 35.27
O4 SO4 Q . -24.47 2.22 35.22
PA FAD R . 23.15 3.24 3.08
O1A FAD R . 21.72 3.61 3.21
O2A FAD R . 23.97 3.31 4.37
O5B FAD R . 23.30 1.80 2.45
C5B FAD R . 23.31 0.63 3.28
C4B FAD R . 22.53 -0.48 2.62
O4B FAD R . 23.40 -1.61 2.34
C3B FAD R . 21.35 -1.03 3.42
O3B FAD R . 20.22 -1.25 2.59
C2B FAD R . 21.90 -2.35 3.97
O2B FAD R . 20.87 -3.31 4.20
C1B FAD R . 22.79 -2.78 2.81
N9A FAD R . 23.83 -3.74 3.17
C8A FAD R . 25.07 -3.47 3.67
N7A FAD R . 25.80 -4.53 3.92
C5A FAD R . 24.98 -5.58 3.54
C6A FAD R . 25.16 -6.97 3.55
N6A FAD R . 26.28 -7.58 3.96
N1A FAD R . 24.13 -7.74 3.11
C2A FAD R . 23.02 -7.14 2.70
N3A FAD R . 22.73 -5.84 2.65
C4A FAD R . 23.76 -5.11 3.08
N1 FAD R . 22.21 13.45 0.27
C2 FAD R . 21.46 14.44 -0.29
O2 FAD R . 21.09 14.39 -1.47
N3 FAD R . 21.08 15.54 0.47
C4 FAD R . 21.41 15.76 1.79
O4 FAD R . 21.02 16.77 2.37
C4X FAD R . 22.20 14.71 2.38
N5 FAD R . 22.56 14.82 3.63
C5X FAD R . 23.32 13.82 4.20
C6 FAD R . 23.70 13.93 5.53
C7 FAD R . 24.47 12.95 6.14
C7M FAD R . 24.87 13.11 7.58
C8 FAD R . 24.87 11.82 5.40
C8M FAD R . 25.69 10.72 6.03
C9 FAD R . 24.49 11.70 4.07
C9A FAD R . 23.72 12.68 3.47
N10 FAD R . 23.32 12.60 2.11
C10 FAD R . 22.56 13.59 1.54
C1' FAD R . 23.69 11.43 1.30
C2' FAD R . 22.68 10.30 1.41
O2' FAD R . 22.80 9.65 2.68
C3' FAD R . 22.93 9.28 0.29
O3' FAD R . 23.00 9.99 -0.94
C4' FAD R . 21.86 8.19 0.19
O4' FAD R . 21.26 8.01 1.47
C5' FAD R . 22.40 6.88 -0.34
O5' FAD R . 22.98 6.13 0.74
P FAD R . 23.30 4.60 0.59
O1P FAD R . 22.00 3.84 0.34
O2P FAD R . 24.35 4.40 -0.43
O3P FAD R . 23.85 4.21 2.03
S SO4 S . 41.71 -4.00 -13.44
O1 SO4 S . 42.71 -5.01 -13.83
O2 SO4 S . 41.70 -3.86 -11.99
O3 SO4 S . 40.39 -4.41 -13.89
O4 SO4 S . 42.06 -2.72 -14.05
S SO4 T . 46.07 20.56 -7.78
O1 SO4 T . 47.26 19.80 -8.16
O2 SO4 T . 46.47 21.82 -7.16
O3 SO4 T . 45.28 19.77 -6.82
O4 SO4 T . 45.26 20.83 -8.97
S SO4 U . 37.12 49.83 -8.95
O1 SO4 U . 38.52 49.74 -9.40
O2 SO4 U . 37.01 50.86 -7.93
O3 SO4 U . 36.28 50.19 -10.10
O4 SO4 U . 36.69 48.54 -8.42
#